data_3DVV
# 
_entry.id   3DVV 
# 
_audit_conform.dict_name       mmcif_pdbx.dic 
_audit_conform.dict_version    5.380 
_audit_conform.dict_location   http://mmcif.pdb.org/dictionaries/ascii/mmcif_pdbx.dic 
# 
loop_
_database_2.database_id 
_database_2.database_code 
_database_2.pdbx_database_accession 
_database_2.pdbx_DOI 
PDB   3DVV         pdb_00003dvv 10.2210/pdb3dvv/pdb 
NDB   DR0047       ?            ?                   
RCSB  RCSB048553   ?            ?                   
WWPDB D_1000048553 ?            ?                   
# 
_pdbx_database_related.db_name        PDB 
_pdbx_database_related.db_id          3C3Z 
_pdbx_database_related.details        
'Crystal structure of HIV-1 subtype F DIS extended duplex RNA bound to ribostamycin (U267SeMe)' 
_pdbx_database_related.content_type   unspecified 
# 
_pdbx_database_status.status_code                     REL 
_pdbx_database_status.entry_id                        3DVV 
_pdbx_database_status.recvd_initial_deposition_date   2008-07-21 
_pdbx_database_status.deposit_site                    RCSB 
_pdbx_database_status.process_site                    PDBJ 
_pdbx_database_status.status_code_sf                  REL 
_pdbx_database_status.status_code_mr                  ? 
_pdbx_database_status.SG_entry                        ? 
_pdbx_database_status.pdb_format_compatible           Y 
_pdbx_database_status.status_code_cs                  ? 
_pdbx_database_status.status_code_nmr_data            ? 
_pdbx_database_status.methods_development_category    ? 
# 
loop_
_audit_author.name 
_audit_author.pdbx_ordinal 
'Ennifar, E.' 1 
'Dumas, P.'   2 
'Olieric, V.' 3 
# 
_citation.id                        primary 
_citation.title                     'A fast strategy for Selenium derivatization and phasing of RNA structures' 
_citation.journal_abbrev            'To be Published' 
_citation.journal_volume            ? 
_citation.page_first                ? 
_citation.page_last                 ? 
_citation.year                      ? 
_citation.journal_id_ASTM           ? 
_citation.country                   ? 
_citation.journal_id_ISSN           ? 
_citation.journal_id_CSD            0353 
_citation.book_publisher            ? 
_citation.pdbx_database_id_PubMed   ? 
_citation.pdbx_database_id_DOI      ? 
# 
loop_
_citation_author.citation_id 
_citation_author.name 
_citation_author.ordinal 
_citation_author.identifier_ORCID 
primary 'Olieric, V.'       1 ? 
primary 'Rieder, U.'        2 ? 
primary 'Lang, K.'          3 ? 
primary 'Serganov, A.'      4 ? 
primary 'Schulze-Brise, C.' 5 ? 
primary 'Micura, R.'        6 ? 
primary 'Dumas, P.'         7 ? 
primary 'Ennifar, E.'       8 ? 
# 
_cell.entry_id           3DVV 
_cell.length_a           99.703 
_cell.length_b           30.489 
_cell.length_c           58.004 
_cell.angle_alpha        90.00 
_cell.angle_beta         122.25 
_cell.angle_gamma        90.00 
_cell.Z_PDB              8 
_cell.pdbx_unique_axis   ? 
_cell.length_a_esd       ? 
_cell.length_b_esd       ? 
_cell.length_c_esd       ? 
_cell.angle_alpha_esd    ? 
_cell.angle_beta_esd     ? 
_cell.angle_gamma_esd    ? 
# 
_symmetry.entry_id                         3DVV 
_symmetry.space_group_name_H-M             'C 1 2 1' 
_symmetry.pdbx_full_space_group_name_H-M   ? 
_symmetry.cell_setting                     ? 
_symmetry.Int_Tables_number                5 
_symmetry.space_group_name_Hall            ? 
# 
loop_
_entity.id 
_entity.type 
_entity.src_method 
_entity.pdbx_description 
_entity.formula_weight 
_entity.pdbx_number_of_molecules 
_entity.pdbx_ec 
_entity.pdbx_mutation 
_entity.pdbx_fragment 
_entity.details 
1 polymer     syn 'HIV-1 genomic RNA' 7400.499 2  ? ? ? ? 
2 non-polymer syn 'POTASSIUM ION'     39.098   4  ? ? ? ? 
3 non-polymer syn 'CHLORIDE ION'      35.453   1  ? ? ? ? 
4 non-polymer syn RIBOSTAMYCIN        454.473  2  ? ? ? ? 
5 water       nat water               18.015   44 ? ? ? ? 
# 
_entity_poly.entity_id                      1 
_entity_poly.type                           polyribonucleotide 
_entity_poly.nstd_linkage                   no 
_entity_poly.nstd_monomer                   yes 
_entity_poly.pdbx_seq_one_letter_code       'CU(OMU)GCUGAAGUGCACACAGCAAG' 
_entity_poly.pdbx_seq_one_letter_code_can   CUUGCUGAAGUGCACACAGCAAG 
_entity_poly.pdbx_strand_id                 A,B 
_entity_poly.pdbx_target_identifier         ? 
# 
loop_
_entity_poly_seq.entity_id 
_entity_poly_seq.num 
_entity_poly_seq.mon_id 
_entity_poly_seq.hetero 
1 1  C   n 
1 2  U   n 
1 3  OMU n 
1 4  G   n 
1 5  C   n 
1 6  U   n 
1 7  G   n 
1 8  A   n 
1 9  A   n 
1 10 G   n 
1 11 U   n 
1 12 G   n 
1 13 C   n 
1 14 A   n 
1 15 C   n 
1 16 A   n 
1 17 C   n 
1 18 A   n 
1 19 G   n 
1 20 C   n 
1 21 A   n 
1 22 A   n 
1 23 G   n 
# 
_struct_ref.id                         1 
_struct_ref.db_name                    PDB 
_struct_ref.db_code                    3DVV 
_struct_ref.pdbx_db_accession          3DVV 
_struct_ref.entity_id                  1 
_struct_ref.pdbx_db_isoform            ? 
_struct_ref.pdbx_seq_one_letter_code   ? 
_struct_ref.pdbx_align_begin           ? 
# 
loop_
_struct_ref_seq.align_id 
_struct_ref_seq.ref_id 
_struct_ref_seq.pdbx_PDB_id_code 
_struct_ref_seq.pdbx_strand_id 
_struct_ref_seq.seq_align_beg 
_struct_ref_seq.pdbx_seq_align_beg_ins_code 
_struct_ref_seq.seq_align_end 
_struct_ref_seq.pdbx_seq_align_end_ins_code 
_struct_ref_seq.pdbx_db_accession 
_struct_ref_seq.db_align_beg 
_struct_ref_seq.pdbx_db_align_beg_ins_code 
_struct_ref_seq.db_align_end 
_struct_ref_seq.pdbx_db_align_end_ins_code 
_struct_ref_seq.pdbx_auth_seq_align_beg 
_struct_ref_seq.pdbx_auth_seq_align_end 
1 1 3DVV A 1 ? 23 ? 3DVV 1 ? 23 ? 1 23 
2 1 3DVV B 1 ? 23 ? 3DVV 1 ? 23 ? 1 23 
# 
loop_
_chem_comp.id 
_chem_comp.type 
_chem_comp.mon_nstd_flag 
_chem_comp.name 
_chem_comp.pdbx_synonyms 
_chem_comp.formula 
_chem_comp.formula_weight 
A   'RNA linking' y "ADENOSINE-5'-MONOPHOSPHATE"         ? 'C10 H14 N5 O7 P' 347.221 
C   'RNA linking' y "CYTIDINE-5'-MONOPHOSPHATE"          ? 'C9 H14 N3 O8 P'  323.197 
CL  non-polymer   . 'CHLORIDE ION'                       ? 'Cl -1'           35.453  
G   'RNA linking' y "GUANOSINE-5'-MONOPHOSPHATE"         ? 'C10 H14 N5 O8 P' 363.221 
HOH non-polymer   . WATER                                ? 'H2 O'            18.015  
K   non-polymer   . 'POTASSIUM ION'                      ? 'K 1'             39.098  
OMU 'RNA linking' n 
;O2'-METHYLURIDINE 5'-MONOPHOSPHATE
;
? 'C10 H15 N2 O9 P' 338.208 
RIO non-polymer   . RIBOSTAMYCIN                         
;5-AMINO-2-AMINOMETHYL-6-[4,6-DIAMINO-2-(3,4-DIHYDROXY-5-HYDROXYMETHYL-TETRAHYDRO-FURAN-2-YLOXY)-3-HYDROXY-CYCLOHEXYLOXY ]-TETRAHYDRO-PYRAN-3,4-DIOL; (1R,2R,3S,4R,6S)-4,6-diamino-3-hydroxy-2-(beta-D-ribofuranosyloxy)cyclohexyl 2,6-diamino-2,6-dideoxy-alpha-D-glucopyranoside
;
'C17 H34 N4 O10'  454.473 
U   'RNA linking' y "URIDINE-5'-MONOPHOSPHATE"           ? 'C9 H13 N2 O9 P'  324.181 
# 
_exptl.entry_id          3DVV 
_exptl.method            'X-RAY DIFFRACTION' 
_exptl.crystals_number   1 
# 
_exptl_crystal.id                    1 
_exptl_crystal.density_meas          ? 
_exptl_crystal.density_Matthews      2.52 
_exptl_crystal.density_percent_sol   51.17 
_exptl_crystal.description           ? 
_exptl_crystal.F_000                 ? 
_exptl_crystal.preparation           ? 
# 
_exptl_crystal_grow.crystal_id      1 
_exptl_crystal_grow.method          'VAPOR DIFFUSION, SITTING DROP' 
_exptl_crystal_grow.temp            310 
_exptl_crystal_grow.temp_details    ? 
_exptl_crystal_grow.pH              6.2 
_exptl_crystal_grow.pdbx_details    'MPD, cacodylate, MgCl2, KCl, pH 6.2, VAPOR DIFFUSION, SITTING DROP, temperature 310K' 
_exptl_crystal_grow.pdbx_pH_range   . 
# 
loop_
_exptl_crystal_grow_comp.crystal_id 
_exptl_crystal_grow_comp.id 
_exptl_crystal_grow_comp.sol_id 
_exptl_crystal_grow_comp.name 
_exptl_crystal_grow_comp.conc 
_exptl_crystal_grow_comp.volume 
_exptl_crystal_grow_comp.details 
1 1 1 MPD           ? ? ? 
1 2 1 cacodylate    ? ? ? 
1 3 1 MgCl2         ? ? ? 
1 4 1 KCl           ? ? ? 
1 5 2 MPD           ? ? ? 
1 6 2 "cacodylate'" ? ? ? 
1 7 2 MgCl2         ? ? ? 
1 8 2 KCl           ? ? ? 
# 
_diffrn.id                     1 
_diffrn.ambient_temp           90 
_diffrn.ambient_temp_details   ? 
_diffrn.crystal_id             1 
# 
_diffrn_detector.diffrn_id              1 
_diffrn_detector.detector               CCD 
_diffrn_detector.type                   'ADSC QUANTUM 315' 
_diffrn_detector.pdbx_collection_date   2007-07-13 
_diffrn_detector.details                ? 
# 
_diffrn_radiation.diffrn_id                        1 
_diffrn_radiation.wavelength_id                    1 
_diffrn_radiation.pdbx_monochromatic_or_laue_m_l   M 
_diffrn_radiation.monochromator                    ? 
_diffrn_radiation.pdbx_diffrn_protocol             'SINGLE WAVELENGTH' 
_diffrn_radiation.pdbx_scattering_type             x-ray 
# 
_diffrn_radiation_wavelength.id           1 
_diffrn_radiation_wavelength.wavelength   0.92 
_diffrn_radiation_wavelength.wt           1.0 
# 
_diffrn_source.diffrn_id                   1 
_diffrn_source.source                      SYNCHROTRON 
_diffrn_source.type                        'ESRF BEAMLINE ID29' 
_diffrn_source.pdbx_synchrotron_site       ESRF 
_diffrn_source.pdbx_synchrotron_beamline   ID29 
_diffrn_source.pdbx_wavelength             ? 
_diffrn_source.pdbx_wavelength_list        0.92 
# 
_reflns.entry_id                     3DVV 
_reflns.observed_criterion_sigma_I   0 
_reflns.observed_criterion_sigma_F   0 
_reflns.d_resolution_low             30.0 
_reflns.d_resolution_high            2.0 
_reflns.number_obs                   9829 
_reflns.number_all                   10096 
_reflns.percent_possible_obs         95.6 
_reflns.pdbx_Rmerge_I_obs            ? 
_reflns.pdbx_Rsym_value              0.058 
_reflns.pdbx_netI_over_sigmaI        29.0 
_reflns.B_iso_Wilson_estimate        47.6 
_reflns.pdbx_redundancy              8.2 
_reflns.R_free_details               ? 
_reflns.limit_h_max                  ? 
_reflns.limit_h_min                  ? 
_reflns.limit_k_max                  ? 
_reflns.limit_k_min                  ? 
_reflns.limit_l_max                  ? 
_reflns.limit_l_min                  ? 
_reflns.observed_criterion_F_max     ? 
_reflns.observed_criterion_F_min     ? 
_reflns.pdbx_chi_squared             ? 
_reflns.pdbx_scaling_rejects         ? 
_reflns.pdbx_diffrn_id               1 
_reflns.pdbx_ordinal                 1 
# 
_reflns_shell.d_res_high             2.00 
_reflns_shell.d_res_low              2.07 
_reflns_shell.percent_possible_all   91.3 
_reflns_shell.Rmerge_I_obs           ? 
_reflns_shell.pdbx_Rsym_value        0.309 
_reflns_shell.meanI_over_sigI_obs    9.8 
_reflns_shell.pdbx_redundancy        8.0 
_reflns_shell.percent_possible_obs   ? 
_reflns_shell.number_unique_all      971 
_reflns_shell.number_measured_all    ? 
_reflns_shell.number_measured_obs    ? 
_reflns_shell.number_unique_obs      ? 
_reflns_shell.pdbx_chi_squared       ? 
_reflns_shell.pdbx_diffrn_id         ? 
_reflns_shell.pdbx_ordinal           1 
# 
_refine.entry_id                                 3DVV 
_refine.ls_number_reflns_obs                     9635 
_refine.ls_number_reflns_all                     ? 
_refine.pdbx_ls_sigma_I                          ? 
_refine.pdbx_ls_sigma_F                          0.0 
_refine.pdbx_data_cutoff_high_absF               741857.93 
_refine.pdbx_data_cutoff_low_absF                0.000000 
_refine.pdbx_data_cutoff_high_rms_absF           ? 
_refine.ls_d_res_low                             18.59 
_refine.ls_d_res_high                            2.00 
_refine.ls_percent_reflns_obs                    96.2 
_refine.ls_R_factor_obs                          0.268 
_refine.ls_R_factor_all                          ? 
_refine.ls_R_factor_R_work                       0.268 
_refine.ls_R_factor_R_free                       0.277 
_refine.ls_R_factor_R_free_error                 0.010 
_refine.ls_R_factor_R_free_error_details         ? 
_refine.ls_percent_reflns_R_free                 8.1 
_refine.ls_number_reflns_R_free                  795 
_refine.ls_number_parameters                     ? 
_refine.ls_number_restraints                     ? 
_refine.occupancy_min                            ? 
_refine.occupancy_max                            ? 
_refine.correlation_coeff_Fo_to_Fc               ? 
_refine.correlation_coeff_Fo_to_Fc_free          ? 
_refine.B_iso_mean                               45.1 
_refine.aniso_B[1][1]                            -2.14 
_refine.aniso_B[2][2]                            14.78 
_refine.aniso_B[3][3]                            -12.64 
_refine.aniso_B[1][2]                            0.00 
_refine.aniso_B[1][3]                            1.36 
_refine.aniso_B[2][3]                            0.00 
_refine.solvent_model_details                    'FLAT MODEL' 
_refine.solvent_model_param_ksol                 0.358534 
_refine.solvent_model_param_bsol                 36.979 
_refine.pdbx_solvent_vdw_probe_radii             ? 
_refine.pdbx_solvent_ion_probe_radii             ? 
_refine.pdbx_solvent_shrinkage_radii             ? 
_refine.pdbx_ls_cross_valid_method               THROUGHOUT 
_refine.details                                  ? 
_refine.pdbx_starting_model                      'PDB ID 3C3Z' 
_refine.pdbx_method_to_determine_struct          'MOLECULAR REPLACEMENT' 
_refine.pdbx_isotropic_thermal_model             RESTRAINED 
_refine.pdbx_stereochemistry_target_values       ? 
_refine.pdbx_stereochem_target_val_spec_case     ? 
_refine.pdbx_R_Free_selection_details            RANDOM 
_refine.pdbx_overall_ESU_R                       ? 
_refine.pdbx_overall_ESU_R_Free                  ? 
_refine.overall_SU_ML                            ? 
_refine.overall_SU_B                             ? 
_refine.ls_redundancy_reflns_obs                 ? 
_refine.B_iso_min                                ? 
_refine.B_iso_max                                ? 
_refine.overall_SU_R_Cruickshank_DPI             ? 
_refine.overall_SU_R_free                        ? 
_refine.ls_wR_factor_R_free                      ? 
_refine.ls_wR_factor_R_work                      ? 
_refine.overall_FOM_free_R_set                   ? 
_refine.overall_FOM_work_R_set                   ? 
_refine.pdbx_overall_phase_error                 ? 
_refine.pdbx_refine_id                           'X-RAY DIFFRACTION' 
_refine.pdbx_diffrn_id                           1 
_refine.pdbx_TLS_residual_ADP_flag               ? 
_refine.pdbx_overall_SU_R_free_Cruickshank_DPI   ? 
_refine.pdbx_overall_SU_R_Blow_DPI               ? 
_refine.pdbx_overall_SU_R_free_Blow_DPI          ? 
# 
_refine_analyze.entry_id                        3DVV 
_refine_analyze.Luzzati_coordinate_error_obs    0.42 
_refine_analyze.Luzzati_sigma_a_obs             0.40 
_refine_analyze.Luzzati_d_res_low_obs           5.00 
_refine_analyze.Luzzati_coordinate_error_free   0.41 
_refine_analyze.Luzzati_sigma_a_free            0.43 
_refine_analyze.Luzzati_d_res_low_free          ? 
_refine_analyze.number_disordered_residues      ? 
_refine_analyze.occupancy_sum_hydrogen          ? 
_refine_analyze.occupancy_sum_non_hydrogen      ? 
_refine_analyze.pdbx_Luzzati_d_res_high_obs     ? 
_refine_analyze.pdbx_refine_id                  'X-RAY DIFFRACTION' 
# 
_refine_hist.pdbx_refine_id                   'X-RAY DIFFRACTION' 
_refine_hist.cycle_id                         LAST 
_refine_hist.pdbx_number_atoms_protein        0 
_refine_hist.pdbx_number_atoms_nucleic_acid   980 
_refine_hist.pdbx_number_atoms_ligand         67 
_refine_hist.number_atoms_solvent             44 
_refine_hist.number_atoms_total               1091 
_refine_hist.d_res_high                       2.00 
_refine_hist.d_res_low                        18.59 
# 
loop_
_refine_ls_restr.type 
_refine_ls_restr.dev_ideal 
_refine_ls_restr.dev_ideal_target 
_refine_ls_restr.weight 
_refine_ls_restr.number 
_refine_ls_restr.pdbx_refine_id 
_refine_ls_restr.pdbx_restraint_function 
c_bond_d                0.006 ? ? ? 'X-RAY DIFFRACTION' ? 
c_bond_d_na             ?     ? ? ? 'X-RAY DIFFRACTION' ? 
c_bond_d_prot           ?     ? ? ? 'X-RAY DIFFRACTION' ? 
c_angle_d               ?     ? ? ? 'X-RAY DIFFRACTION' ? 
c_angle_d_na            ?     ? ? ? 'X-RAY DIFFRACTION' ? 
c_angle_d_prot          ?     ? ? ? 'X-RAY DIFFRACTION' ? 
c_angle_deg             1.3   ? ? ? 'X-RAY DIFFRACTION' ? 
c_angle_deg_na          ?     ? ? ? 'X-RAY DIFFRACTION' ? 
c_angle_deg_prot        ?     ? ? ? 'X-RAY DIFFRACTION' ? 
c_dihedral_angle_d      12.1  ? ? ? 'X-RAY DIFFRACTION' ? 
c_dihedral_angle_d_na   ?     ? ? ? 'X-RAY DIFFRACTION' ? 
c_dihedral_angle_d_prot ?     ? ? ? 'X-RAY DIFFRACTION' ? 
c_improper_angle_d      5.59  ? ? ? 'X-RAY DIFFRACTION' ? 
c_improper_angle_d_na   ?     ? ? ? 'X-RAY DIFFRACTION' ? 
c_improper_angle_d_prot ?     ? ? ? 'X-RAY DIFFRACTION' ? 
c_mcbond_it             ?     ? ? ? 'X-RAY DIFFRACTION' ? 
c_mcangle_it            ?     ? ? ? 'X-RAY DIFFRACTION' ? 
c_scbond_it             ?     ? ? ? 'X-RAY DIFFRACTION' ? 
c_scangle_it            ?     ? ? ? 'X-RAY DIFFRACTION' ? 
# 
_refine_ls_shell.pdbx_total_number_of_bins_used   6 
_refine_ls_shell.d_res_high                       2.00 
_refine_ls_shell.d_res_low                        2.13 
_refine_ls_shell.number_reflns_R_work             1488 
_refine_ls_shell.R_factor_R_work                  0.425 
_refine_ls_shell.percent_reflns_obs               96.6 
_refine_ls_shell.R_factor_R_free                  0.417 
_refine_ls_shell.R_factor_R_free_error            0.038 
_refine_ls_shell.percent_reflns_R_free            7.5 
_refine_ls_shell.number_reflns_R_free             121 
_refine_ls_shell.number_reflns_all                ? 
_refine_ls_shell.R_factor_all                     ? 
_refine_ls_shell.number_reflns_obs                ? 
_refine_ls_shell.redundancy_reflns_obs            ? 
_refine_ls_shell.pdbx_refine_id                   'X-RAY DIFFRACTION' 
# 
loop_
_pdbx_xplor_file.serial_no 
_pdbx_xplor_file.param_file 
_pdbx_xplor_file.topol_file 
_pdbx_xplor_file.pdbx_refine_id 
1 water_rep.param     water.top         'X-RAY DIFFRACTION' 
2 luc.param           dna-rna.top       'X-RAY DIFFRACTION' 
3 ion.param           ion.top           'X-RAY DIFFRACTION' 
4 OMU_xplor.param     OMU_xplor.top     'X-RAY DIFFRACTION' 
5 ribostamycine.param ribostamycine.top 'X-RAY DIFFRACTION' 
# 
_struct.entry_id                  3DVV 
_struct.title                     'Crystal structure of HIV-1 subtype F DIS extended duplex RNA bound to ribostamycin (U267OMe)' 
_struct.pdbx_model_details        ? 
_struct.pdbx_CASP_flag            ? 
_struct.pdbx_model_type_details   ? 
# 
_struct_keywords.entry_id        3DVV 
_struct_keywords.pdbx_keywords   RNA 
_struct_keywords.text            'HIV-1, RNA, antibiotic, aminoglycoside' 
# 
loop_
_struct_asym.id 
_struct_asym.pdbx_blank_PDB_chainid_flag 
_struct_asym.pdbx_modified 
_struct_asym.entity_id 
_struct_asym.details 
A N N 1 ? 
B N N 1 ? 
C N N 2 ? 
D N N 2 ? 
E N N 3 ? 
F N N 4 ? 
G N N 2 ? 
H N N 2 ? 
I N N 4 ? 
J N N 5 ? 
K N N 5 ? 
# 
_struct_biol.id        1 
_struct_biol.details   ? 
# 
loop_
_struct_conn.id 
_struct_conn.conn_type_id 
_struct_conn.pdbx_leaving_atom_flag 
_struct_conn.pdbx_PDB_id 
_struct_conn.ptnr1_label_asym_id 
_struct_conn.ptnr1_label_comp_id 
_struct_conn.ptnr1_label_seq_id 
_struct_conn.ptnr1_label_atom_id 
_struct_conn.pdbx_ptnr1_label_alt_id 
_struct_conn.pdbx_ptnr1_PDB_ins_code 
_struct_conn.pdbx_ptnr1_standard_comp_id 
_struct_conn.ptnr1_symmetry 
_struct_conn.ptnr2_label_asym_id 
_struct_conn.ptnr2_label_comp_id 
_struct_conn.ptnr2_label_seq_id 
_struct_conn.ptnr2_label_atom_id 
_struct_conn.pdbx_ptnr2_label_alt_id 
_struct_conn.pdbx_ptnr2_PDB_ins_code 
_struct_conn.ptnr1_auth_asym_id 
_struct_conn.ptnr1_auth_comp_id 
_struct_conn.ptnr1_auth_seq_id 
_struct_conn.ptnr2_auth_asym_id 
_struct_conn.ptnr2_auth_comp_id 
_struct_conn.ptnr2_auth_seq_id 
_struct_conn.ptnr2_symmetry 
_struct_conn.pdbx_ptnr3_label_atom_id 
_struct_conn.pdbx_ptnr3_label_seq_id 
_struct_conn.pdbx_ptnr3_label_comp_id 
_struct_conn.pdbx_ptnr3_label_asym_id 
_struct_conn.pdbx_ptnr3_label_alt_id 
_struct_conn.pdbx_ptnr3_PDB_ins_code 
_struct_conn.details 
_struct_conn.pdbx_dist_value 
_struct_conn.pdbx_value_order 
_struct_conn.pdbx_role 
covale1  covale both ? A U   2  "O3'" ? ? ? 1_555 A OMU 3  P     ? ? A U   2  A OMU 3  1_555 ? ? ? ? ? ? ?            1.610 ? ? 
covale2  covale both ? A OMU 3  "O3'" ? ? ? 1_555 A G   4  P     ? ? A OMU 3  A G   4  1_555 ? ? ? ? ? ? ?            1.612 ? ? 
covale3  covale both ? B U   2  "O3'" ? ? ? 1_555 B OMU 3  P     ? ? B U   2  B OMU 3  1_555 ? ? ? ? ? ? ?            1.610 ? ? 
covale4  covale both ? B OMU 3  "O3'" ? ? ? 1_555 B G   4  P     ? ? B OMU 3  B G   4  1_555 ? ? ? ? ? ? ?            1.601 ? ? 
metalc1  metalc ?    ? A OMU 3  O4    ? ? ? 1_555 D K   .  K     ? ? A OMU 3  A K   25 1_555 ? ? ? ? ? ? ?            2.770 ? ? 
metalc2  metalc ?    ? A G   4  O6    ? ? ? 1_555 D K   .  K     ? ? A G   4  A K   25 1_555 ? ? ? ? ? ? ?            2.576 ? ? 
metalc3  metalc ?    ? A G   10 OP1   ? ? ? 1_555 C K   .  K     ? ? A G   10 A K   24 1_555 ? ? ? ? ? ? ?            2.769 ? ? 
metalc4  metalc ?    ? C K   .  K     ? ? ? 1_555 B A   8  "O2'" ? ? A K   24 B A   8  1_555 ? ? ? ? ? ? ?            2.756 ? ? 
metalc5  metalc ?    ? C K   .  K     ? ? ? 1_555 K HOH .  O     ? ? A K   24 B HOH 42 1_555 ? ? ? ? ? ? ?            2.356 ? ? 
metalc6  metalc ?    ? B U   2  "O2'" ? ? ? 1_555 H K   .  K     ? ? B U   2  B K   25 1_555 ? ? ? ? ? ? ?            2.987 ? ? 
metalc7  metalc ?    ? B OMU 3  O4    ? ? ? 1_555 G K   .  K     ? ? B OMU 3  B K   24 1_555 ? ? ? ? ? ? ?            2.828 ? ? 
metalc8  metalc ?    ? B G   4  O6    ? ? ? 1_555 G K   .  K     ? ? B G   4  B K   24 1_555 ? ? ? ? ? ? ?            2.987 ? ? 
hydrog1  hydrog ?    ? A C   1  N3    ? ? ? 1_555 B G   23 N1    ? ? A C   1  B G   23 1_555 ? ? ? ? ? ? WATSON-CRICK ?     ? ? 
hydrog2  hydrog ?    ? A C   1  N4    ? ? ? 1_555 B G   23 O6    ? ? A C   1  B G   23 1_555 ? ? ? ? ? ? WATSON-CRICK ?     ? ? 
hydrog3  hydrog ?    ? A C   1  O2    ? ? ? 1_555 B G   23 N2    ? ? A C   1  B G   23 1_555 ? ? ? ? ? ? WATSON-CRICK ?     ? ? 
hydrog4  hydrog ?    ? A U   2  N3    ? ? ? 1_555 B A   22 N1    ? ? A U   2  B A   22 1_555 ? ? ? ? ? ? WATSON-CRICK ?     ? ? 
hydrog5  hydrog ?    ? A U   2  O4    ? ? ? 1_555 B A   22 N6    ? ? A U   2  B A   22 1_555 ? ? ? ? ? ? WATSON-CRICK ?     ? ? 
hydrog6  hydrog ?    ? A OMU 3  N3    ? ? ? 1_555 B A   21 N1    ? ? A OMU 3  B A   21 1_555 ? ? ? ? ? ? WATSON-CRICK ?     ? ? 
hydrog7  hydrog ?    ? A OMU 3  O4    ? ? ? 1_555 B A   21 N6    ? ? A OMU 3  B A   21 1_555 ? ? ? ? ? ? WATSON-CRICK ?     ? ? 
hydrog8  hydrog ?    ? A G   4  N1    ? ? ? 1_555 B C   20 N3    ? ? A G   4  B C   20 1_555 ? ? ? ? ? ? WATSON-CRICK ?     ? ? 
hydrog9  hydrog ?    ? A G   4  N2    ? ? ? 1_555 B C   20 O2    ? ? A G   4  B C   20 1_555 ? ? ? ? ? ? WATSON-CRICK ?     ? ? 
hydrog10 hydrog ?    ? A G   4  O6    ? ? ? 1_555 B C   20 N4    ? ? A G   4  B C   20 1_555 ? ? ? ? ? ? WATSON-CRICK ?     ? ? 
hydrog11 hydrog ?    ? A C   5  N3    ? ? ? 1_555 B G   19 N1    ? ? A C   5  B G   19 1_555 ? ? ? ? ? ? WATSON-CRICK ?     ? ? 
hydrog12 hydrog ?    ? A C   5  N4    ? ? ? 1_555 B G   19 O6    ? ? A C   5  B G   19 1_555 ? ? ? ? ? ? WATSON-CRICK ?     ? ? 
hydrog13 hydrog ?    ? A C   5  O2    ? ? ? 1_555 B G   19 N2    ? ? A C   5  B G   19 1_555 ? ? ? ? ? ? WATSON-CRICK ?     ? ? 
hydrog14 hydrog ?    ? A U   6  N3    ? ? ? 1_555 B A   18 N1    ? ? A U   6  B A   18 1_555 ? ? ? ? ? ? WATSON-CRICK ?     ? ? 
hydrog15 hydrog ?    ? A U   6  O4    ? ? ? 1_555 B A   18 N6    ? ? A U   6  B A   18 1_555 ? ? ? ? ? ? WATSON-CRICK ?     ? ? 
hydrog16 hydrog ?    ? A G   7  N1    ? ? ? 1_555 B C   17 N3    ? ? A G   7  B C   17 1_555 ? ? ? ? ? ? WATSON-CRICK ?     ? ? 
hydrog17 hydrog ?    ? A G   7  N2    ? ? ? 1_555 B C   17 O2    ? ? A G   7  B C   17 1_555 ? ? ? ? ? ? WATSON-CRICK ?     ? ? 
hydrog18 hydrog ?    ? A G   7  O6    ? ? ? 1_555 B C   17 N4    ? ? A G   7  B C   17 1_555 ? ? ? ? ? ? WATSON-CRICK ?     ? ? 
hydrog19 hydrog ?    ? A G   10 N1    ? ? ? 1_555 B C   15 N3    ? ? A G   10 B C   15 1_555 ? ? ? ? ? ? WATSON-CRICK ?     ? ? 
hydrog20 hydrog ?    ? A G   10 N2    ? ? ? 1_555 B C   15 O2    ? ? A G   10 B C   15 1_555 ? ? ? ? ? ? WATSON-CRICK ?     ? ? 
hydrog21 hydrog ?    ? A G   10 O6    ? ? ? 1_555 B C   15 N4    ? ? A G   10 B C   15 1_555 ? ? ? ? ? ? WATSON-CRICK ?     ? ? 
hydrog22 hydrog ?    ? A U   11 N3    ? ? ? 1_555 B A   14 N1    ? ? A U   11 B A   14 1_555 ? ? ? ? ? ? WATSON-CRICK ?     ? ? 
hydrog23 hydrog ?    ? A U   11 O4    ? ? ? 1_555 B A   14 N6    ? ? A U   11 B A   14 1_555 ? ? ? ? ? ? WATSON-CRICK ?     ? ? 
hydrog24 hydrog ?    ? A G   12 N1    ? ? ? 1_555 B C   13 N3    ? ? A G   12 B C   13 1_555 ? ? ? ? ? ? WATSON-CRICK ?     ? ? 
hydrog25 hydrog ?    ? A G   12 N2    ? ? ? 1_555 B C   13 O2    ? ? A G   12 B C   13 1_555 ? ? ? ? ? ? WATSON-CRICK ?     ? ? 
hydrog26 hydrog ?    ? A G   12 O6    ? ? ? 1_555 B C   13 N4    ? ? A G   12 B C   13 1_555 ? ? ? ? ? ? WATSON-CRICK ?     ? ? 
hydrog27 hydrog ?    ? A C   13 N3    ? ? ? 1_555 B G   12 N1    ? ? A C   13 B G   12 1_555 ? ? ? ? ? ? WATSON-CRICK ?     ? ? 
hydrog28 hydrog ?    ? A C   13 N4    ? ? ? 1_555 B G   12 O6    ? ? A C   13 B G   12 1_555 ? ? ? ? ? ? WATSON-CRICK ?     ? ? 
hydrog29 hydrog ?    ? A C   13 O2    ? ? ? 1_555 B G   12 N2    ? ? A C   13 B G   12 1_555 ? ? ? ? ? ? WATSON-CRICK ?     ? ? 
hydrog30 hydrog ?    ? A A   14 N1    ? ? ? 1_555 B U   11 N3    ? ? A A   14 B U   11 1_555 ? ? ? ? ? ? WATSON-CRICK ?     ? ? 
hydrog31 hydrog ?    ? A A   14 N6    ? ? ? 1_555 B U   11 O4    ? ? A A   14 B U   11 1_555 ? ? ? ? ? ? WATSON-CRICK ?     ? ? 
hydrog32 hydrog ?    ? A C   15 N3    ? ? ? 1_555 B G   10 N1    ? ? A C   15 B G   10 1_555 ? ? ? ? ? ? WATSON-CRICK ?     ? ? 
hydrog33 hydrog ?    ? A C   15 N4    ? ? ? 1_555 B G   10 O6    ? ? A C   15 B G   10 1_555 ? ? ? ? ? ? WATSON-CRICK ?     ? ? 
hydrog34 hydrog ?    ? A C   15 O2    ? ? ? 1_555 B G   10 N2    ? ? A C   15 B G   10 1_555 ? ? ? ? ? ? WATSON-CRICK ?     ? ? 
hydrog35 hydrog ?    ? A C   17 N3    ? ? ? 1_555 B G   7  N1    ? ? A C   17 B G   7  1_555 ? ? ? ? ? ? WATSON-CRICK ?     ? ? 
hydrog36 hydrog ?    ? A C   17 N4    ? ? ? 1_555 B G   7  O6    ? ? A C   17 B G   7  1_555 ? ? ? ? ? ? WATSON-CRICK ?     ? ? 
hydrog37 hydrog ?    ? A C   17 O2    ? ? ? 1_555 B G   7  N2    ? ? A C   17 B G   7  1_555 ? ? ? ? ? ? WATSON-CRICK ?     ? ? 
hydrog38 hydrog ?    ? A A   18 N1    ? ? ? 1_555 B U   6  N3    ? ? A A   18 B U   6  1_555 ? ? ? ? ? ? WATSON-CRICK ?     ? ? 
hydrog39 hydrog ?    ? A A   18 N6    ? ? ? 1_555 B U   6  O4    ? ? A A   18 B U   6  1_555 ? ? ? ? ? ? WATSON-CRICK ?     ? ? 
hydrog40 hydrog ?    ? A G   19 N1    ? ? ? 1_555 B C   5  N3    ? ? A G   19 B C   5  1_555 ? ? ? ? ? ? WATSON-CRICK ?     ? ? 
hydrog41 hydrog ?    ? A G   19 N2    ? ? ? 1_555 B C   5  O2    ? ? A G   19 B C   5  1_555 ? ? ? ? ? ? WATSON-CRICK ?     ? ? 
hydrog42 hydrog ?    ? A G   19 O6    ? ? ? 1_555 B C   5  N4    ? ? A G   19 B C   5  1_555 ? ? ? ? ? ? WATSON-CRICK ?     ? ? 
hydrog43 hydrog ?    ? A C   20 N3    ? ? ? 1_555 B G   4  N1    ? ? A C   20 B G   4  1_555 ? ? ? ? ? ? WATSON-CRICK ?     ? ? 
hydrog44 hydrog ?    ? A C   20 N4    ? ? ? 1_555 B G   4  O6    ? ? A C   20 B G   4  1_555 ? ? ? ? ? ? WATSON-CRICK ?     ? ? 
hydrog45 hydrog ?    ? A C   20 O2    ? ? ? 1_555 B G   4  N2    ? ? A C   20 B G   4  1_555 ? ? ? ? ? ? WATSON-CRICK ?     ? ? 
hydrog46 hydrog ?    ? A A   21 N1    ? ? ? 1_555 B OMU 3  N3    ? ? A A   21 B OMU 3  1_555 ? ? ? ? ? ? WATSON-CRICK ?     ? ? 
hydrog47 hydrog ?    ? A A   21 N6    ? ? ? 1_555 B OMU 3  O4    ? ? A A   21 B OMU 3  1_555 ? ? ? ? ? ? WATSON-CRICK ?     ? ? 
hydrog48 hydrog ?    ? A A   22 N1    ? ? ? 1_555 B U   2  N3    ? ? A A   22 B U   2  1_555 ? ? ? ? ? ? WATSON-CRICK ?     ? ? 
hydrog49 hydrog ?    ? A A   22 N6    ? ? ? 1_555 B U   2  O4    ? ? A A   22 B U   2  1_555 ? ? ? ? ? ? WATSON-CRICK ?     ? ? 
hydrog50 hydrog ?    ? A G   23 N1    ? ? ? 1_555 B C   1  N3    ? ? A G   23 B C   1  1_555 ? ? ? ? ? ? WATSON-CRICK ?     ? ? 
hydrog51 hydrog ?    ? A G   23 N2    ? ? ? 1_555 B C   1  O2    ? ? A G   23 B C   1  1_555 ? ? ? ? ? ? WATSON-CRICK ?     ? ? 
hydrog52 hydrog ?    ? A G   23 O6    ? ? ? 1_555 B C   1  N4    ? ? A G   23 B C   1  1_555 ? ? ? ? ? ? WATSON-CRICK ?     ? ? 
# 
loop_
_struct_conn_type.id 
_struct_conn_type.criteria 
_struct_conn_type.reference 
covale ? ? 
metalc ? ? 
hydrog ? ? 
# 
loop_
_struct_site.id 
_struct_site.pdbx_evidence_code 
_struct_site.pdbx_auth_asym_id 
_struct_site.pdbx_auth_comp_id 
_struct_site.pdbx_auth_seq_id 
_struct_site.pdbx_auth_ins_code 
_struct_site.pdbx_num_residues 
_struct_site.details 
AC1 Software A K   24 ? 4  'BINDING SITE FOR RESIDUE K A 24'   
AC2 Software A K   25 ? 2  'BINDING SITE FOR RESIDUE K A 25'   
AC3 Software A CL  26 ? 1  'BINDING SITE FOR RESIDUE CL A 26'  
AC4 Software B K   24 ? 2  'BINDING SITE FOR RESIDUE K B 24'   
AC5 Software B K   25 ? 2  'BINDING SITE FOR RESIDUE K B 25'   
AC6 Software A RIO 27 ? 15 'BINDING SITE FOR RESIDUE RIO A 27' 
AC7 Software B RIO 26 ? 14 'BINDING SITE FOR RESIDUE RIO B 26' 
1   ?        ? ?   ?  ? ?  ?                                   
# 
loop_
_struct_site_gen.id 
_struct_site_gen.site_id 
_struct_site_gen.pdbx_num_res 
_struct_site_gen.label_comp_id 
_struct_site_gen.label_asym_id 
_struct_site_gen.label_seq_id 
_struct_site_gen.pdbx_auth_ins_code 
_struct_site_gen.auth_comp_id 
_struct_site_gen.auth_asym_id 
_struct_site_gen.auth_seq_id 
_struct_site_gen.label_atom_id 
_struct_site_gen.label_alt_id 
_struct_site_gen.symmetry 
_struct_site_gen.details 
1  AC1 4  A   A 9  ? A   A 9  . ? 1_555 ? 
2  AC1 4  G   A 10 ? G   A 10 . ? 1_555 ? 
3  AC1 4  A   B 8  ? A   B 8  . ? 1_555 ? 
4  AC1 4  HOH K .  ? HOH B 42 . ? 1_555 ? 
5  AC2 2  OMU A 3  ? OMU A 3  . ? 1_555 ? 
6  AC2 2  G   A 4  ? G   A 4  . ? 1_555 ? 
7  AC3 1  C   A 17 ? C   A 17 . ? 1_555 ? 
8  AC4 2  OMU B 3  ? OMU B 3  . ? 1_555 ? 
9  AC4 2  G   B 4  ? G   B 4  . ? 1_555 ? 
10 AC5 2  U   B 2  ? U   B 2  . ? 1_555 ? 
11 AC5 2  C   B 13 ? C   B 13 . ? 4_556 ? 
12 AC6 15 G   A 7  ? G   A 7  . ? 1_555 ? 
13 AC6 15 A   A 8  ? A   A 8  . ? 1_555 ? 
14 AC6 15 A   A 9  ? A   A 9  . ? 1_555 ? 
15 AC6 15 G   A 10 ? G   A 10 . ? 1_555 ? 
16 AC6 15 U   A 11 ? U   A 11 . ? 1_555 ? 
17 AC6 15 HOH J .  ? HOH A 30 . ? 1_555 ? 
18 AC6 15 HOH J .  ? HOH A 33 . ? 1_555 ? 
19 AC6 15 HOH J .  ? HOH A 36 . ? 1_555 ? 
20 AC6 15 HOH J .  ? HOH A 37 . ? 1_555 ? 
21 AC6 15 HOH J .  ? HOH A 45 . ? 1_555 ? 
22 AC6 15 HOH J .  ? HOH A 50 . ? 1_555 ? 
23 AC6 15 A   B 14 ? A   B 14 . ? 1_555 ? 
24 AC6 15 C   B 15 ? C   B 15 . ? 1_555 ? 
25 AC6 15 A   B 16 ? A   B 16 . ? 1_555 ? 
26 AC6 15 HOH K .  ? HOH B 27 . ? 1_555 ? 
27 AC7 14 C   A 13 ? C   A 13 . ? 1_555 ? 
28 AC7 14 A   A 14 ? A   A 14 . ? 1_555 ? 
29 AC7 14 C   A 15 ? C   A 15 . ? 1_555 ? 
30 AC7 14 A   A 16 ? A   A 16 . ? 1_555 ? 
31 AC7 14 HOH J .  ? HOH A 45 . ? 1_555 ? 
32 AC7 14 G   B 7  ? G   B 7  . ? 1_555 ? 
33 AC7 14 A   B 8  ? A   B 8  . ? 1_555 ? 
34 AC7 14 A   B 9  ? A   B 9  . ? 1_555 ? 
35 AC7 14 G   B 10 ? G   B 10 . ? 1_555 ? 
36 AC7 14 U   B 11 ? U   B 11 . ? 1_555 ? 
37 AC7 14 G   B 12 ? G   B 12 . ? 1_555 ? 
38 AC7 14 HOH K .  ? HOH B 28 . ? 1_555 ? 
39 AC7 14 HOH K .  ? HOH B 31 . ? 1_555 ? 
40 AC7 14 HOH K .  ? HOH B 38 . ? 1_555 ? 
# 
_atom_sites.entry_id                    3DVV 
_atom_sites.fract_transf_matrix[1][1]   0.00986595 
_atom_sites.fract_transf_matrix[1][2]   0.00596380 
_atom_sites.fract_transf_matrix[1][3]   -0.00278672 
_atom_sites.fract_transf_matrix[2][1]   -0.01520218 
_atom_sites.fract_transf_matrix[2][2]   0.02828016 
_atom_sites.fract_transf_matrix[2][3]   0.00670082 
_atom_sites.fract_transf_matrix[3][1]   0.01431413 
_atom_sites.fract_transf_matrix[3][2]   0.00441856 
_atom_sites.fract_transf_matrix[3][3]   0.01382646 
_atom_sites.fract_transf_vector[1]      0.237145 
_atom_sites.fract_transf_vector[2]      -0.002776 
_atom_sites.fract_transf_vector[3]      0.235910 
# 
loop_
_atom_type.symbol 
C  
CL 
K  
N  
O  
P  
# 
loop_
_atom_site.group_PDB 
_atom_site.id 
_atom_site.type_symbol 
_atom_site.label_atom_id 
_atom_site.label_alt_id 
_atom_site.label_comp_id 
_atom_site.label_asym_id 
_atom_site.label_entity_id 
_atom_site.label_seq_id 
_atom_site.pdbx_PDB_ins_code 
_atom_site.Cartn_x 
_atom_site.Cartn_y 
_atom_site.Cartn_z 
_atom_site.occupancy 
_atom_site.B_iso_or_equiv 
_atom_site.pdbx_formal_charge 
_atom_site.auth_seq_id 
_atom_site.auth_comp_id 
_atom_site.auth_asym_id 
_atom_site.auth_atom_id 
_atom_site.pdbx_PDB_model_num 
ATOM   1    O  "O5'" . C   A 1 1  ? -18.064 -13.570 -3.678  1.00 56.34 ? 1  C   A "O5'" 1 
ATOM   2    C  "C5'" . C   A 1 1  ? -18.354 -14.042 -2.359  1.00 55.83 ? 1  C   A "C5'" 1 
ATOM   3    C  "C4'" . C   A 1 1  ? -18.206 -15.540 -2.283  1.00 55.69 ? 1  C   A "C4'" 1 
ATOM   4    O  "O4'" . C   A 1 1  ? -18.944 -16.154 -3.371  1.00 55.56 ? 1  C   A "O4'" 1 
ATOM   5    C  "C3'" . C   A 1 1  ? -16.788 -16.057 -2.461  1.00 55.69 ? 1  C   A "C3'" 1 
ATOM   6    O  "O3'" . C   A 1 1  ? -16.104 -16.010 -1.214  1.00 58.37 ? 1  C   A "O3'" 1 
ATOM   7    C  "C2'" . C   A 1 1  ? -17.018 -17.488 -2.930  1.00 54.07 ? 1  C   A "C2'" 1 
ATOM   8    O  "O2'" . C   A 1 1  ? -17.321 -18.366 -1.871  1.00 53.81 ? 1  C   A "O2'" 1 
ATOM   9    C  "C1'" . C   A 1 1  ? -18.269 -17.327 -3.796  1.00 53.96 ? 1  C   A "C1'" 1 
ATOM   10   N  N1    . C   A 1 1  ? -17.993 -17.223 -5.237  1.00 53.34 ? 1  C   A N1    1 
ATOM   11   C  C2    . C   A 1 1  ? -17.564 -18.370 -5.911  1.00 52.20 ? 1  C   A C2    1 
ATOM   12   O  O2    . C   A 1 1  ? -17.442 -19.421 -5.266  1.00 52.32 ? 1  C   A O2    1 
ATOM   13   N  N3    . C   A 1 1  ? -17.299 -18.303 -7.237  1.00 50.43 ? 1  C   A N3    1 
ATOM   14   C  C4    . C   A 1 1  ? -17.449 -17.144 -7.889  1.00 51.49 ? 1  C   A C4    1 
ATOM   15   N  N4    . C   A 1 1  ? -17.172 -17.117 -9.200  1.00 48.71 ? 1  C   A N4    1 
ATOM   16   C  C5    . C   A 1 1  ? -17.890 -15.955 -7.225  1.00 50.90 ? 1  C   A C5    1 
ATOM   17   C  C6    . C   A 1 1  ? -18.148 -16.040 -5.911  1.00 51.86 ? 1  C   A C6    1 
ATOM   18   P  P     . U   A 1 2  ? -14.528 -15.686 -1.165  1.00 58.04 ? 2  U   A P     1 
ATOM   19   O  OP1   . U   A 1 2  ? -14.215 -15.311 0.243   1.00 59.40 ? 2  U   A OP1   1 
ATOM   20   O  OP2   . U   A 1 2  ? -14.201 -14.738 -2.273  1.00 60.26 ? 2  U   A OP2   1 
ATOM   21   O  "O5'" . U   A 1 2  ? -13.836 -17.081 -1.482  1.00 57.20 ? 2  U   A "O5'" 1 
ATOM   22   C  "C5'" . U   A 1 2  ? -13.950 -18.172 -0.564  1.00 55.10 ? 2  U   A "C5'" 1 
ATOM   23   C  "C4'" . U   A 1 2  ? -13.336 -19.408 -1.161  1.00 55.11 ? 2  U   A "C4'" 1 
ATOM   24   O  "O4'" . U   A 1 2  ? -14.111 -19.833 -2.313  1.00 53.48 ? 2  U   A "O4'" 1 
ATOM   25   C  "C3'" . U   A 1 2  ? -11.943 -19.212 -1.724  1.00 53.72 ? 2  U   A "C3'" 1 
ATOM   26   O  "O3'" . U   A 1 2  ? -10.959 -19.251 -0.704  1.00 56.08 ? 2  U   A "O3'" 1 
ATOM   27   C  "C2'" . U   A 1 2  ? -11.834 -20.366 -2.710  1.00 53.65 ? 2  U   A "C2'" 1 
ATOM   28   O  "O2'" . U   A 1 2  ? -11.597 -21.602 -2.062  1.00 51.58 ? 2  U   A "O2'" 1 
ATOM   29   C  "C1'" . U   A 1 2  ? -13.246 -20.379 -3.293  1.00 52.14 ? 2  U   A "C1'" 1 
ATOM   30   N  N1    . U   A 1 2  ? -13.415 -19.597 -4.522  1.00 50.58 ? 2  U   A N1    1 
ATOM   31   C  C2    . U   A 1 2  ? -13.046 -20.184 -5.711  1.00 48.93 ? 2  U   A C2    1 
ATOM   32   O  O2    . U   A 1 2  ? -12.528 -21.280 -5.768  1.00 49.78 ? 2  U   A O2    1 
ATOM   33   N  N3    . U   A 1 2  ? -13.306 -19.440 -6.831  1.00 46.89 ? 2  U   A N3    1 
ATOM   34   C  C4    . U   A 1 2  ? -13.881 -18.189 -6.879  1.00 45.49 ? 2  U   A C4    1 
ATOM   35   O  O4    . U   A 1 2  ? -14.165 -17.697 -7.971  1.00 43.95 ? 2  U   A O4    1 
ATOM   36   C  C5    . U   A 1 2  ? -14.194 -17.629 -5.602  1.00 46.44 ? 2  U   A C5    1 
ATOM   37   C  C6    . U   A 1 2  ? -13.955 -18.331 -4.496  1.00 48.59 ? 2  U   A C6    1 
HETATM 38   N  N1    . OMU A 1 3  ? -8.945  -20.007 -5.812  1.00 51.66 ? 3  OMU A N1    1 
HETATM 39   C  C2    . OMU A 1 3  ? -8.879  -19.912 -7.189  1.00 50.61 ? 3  OMU A C2    1 
HETATM 40   N  N3    . OMU A 1 3  ? -9.553  -18.851 -7.731  1.00 50.03 ? 3  OMU A N3    1 
HETATM 41   C  C4    . OMU A 1 3  ? -10.276 -17.895 -7.052  1.00 49.65 ? 3  OMU A C4    1 
HETATM 42   C  C5    . OMU A 1 3  ? -10.289 -18.059 -5.627  1.00 49.30 ? 3  OMU A C5    1 
HETATM 43   C  C6    . OMU A 1 3  ? -9.638  -19.086 -5.072  1.00 50.87 ? 3  OMU A C6    1 
HETATM 44   O  O2    . OMU A 1 3  ? -8.266  -20.705 -7.877  1.00 50.54 ? 3  OMU A O2    1 
HETATM 45   O  O4    . OMU A 1 3  ? -10.877 -17.029 -7.688  1.00 47.07 ? 3  OMU A O4    1 
HETATM 46   C  "C1'" . OMU A 1 3  ? -8.234  -21.125 -5.178  1.00 53.67 ? 3  OMU A "C1'" 1 
HETATM 47   C  "C2'" . OMU A 1 3  ? -6.738  -20.836 -5.087  1.00 53.53 ? 3  OMU A "C2'" 1 
HETATM 48   O  "O2'" . OMU A 1 3  ? -6.027  -22.057 -5.116  1.00 55.98 ? 3  OMU A "O2'" 1 
HETATM 49   C  CM2   . OMU A 1 3  ? -6.630  -22.850 -6.116  1.00 56.42 ? 3  OMU A CM2   1 
HETATM 50   C  "C3'" . OMU A 1 3  ? -6.676  -20.159 -3.729  1.00 53.60 ? 3  OMU A "C3'" 1 
HETATM 51   C  "C4'" . OMU A 1 3  ? -7.619  -21.023 -2.912  1.00 53.46 ? 3  OMU A "C4'" 1 
HETATM 52   O  "O3'" . OMU A 1 3  ? -5.373  -20.091 -3.185  1.00 53.12 ? 3  OMU A "O3'" 1 
HETATM 53   O  "O4'" . OMU A 1 3  ? -8.709  -21.259 -3.841  1.00 53.59 ? 3  OMU A "O4'" 1 
HETATM 54   C  "C5'" . OMU A 1 3  ? -8.162  -20.397 -1.653  1.00 54.29 ? 3  OMU A "C5'" 1 
HETATM 55   O  "O5'" . OMU A 1 3  ? -8.769  -19.125 -1.952  1.00 55.53 ? 3  OMU A "O5'" 1 
HETATM 56   P  P     . OMU A 1 3  ? -9.630  -18.356 -0.852  1.00 57.15 ? 3  OMU A P     1 
HETATM 57   O  OP1   . OMU A 1 3  ? -8.921  -18.413 0.450   1.00 57.58 ? 3  OMU A OP1   1 
HETATM 58   O  OP2   . OMU A 1 3  ? -10.031 -17.037 -1.420  1.00 57.08 ? 3  OMU A OP2   1 
ATOM   59   P  P     . G   A 1 4  ? -4.614  -18.669 -3.153  1.00 54.79 ? 4  G   A P     1 
ATOM   60   O  OP1   . G   A 1 4  ? -3.519  -18.737 -2.144  1.00 51.34 ? 4  G   A OP1   1 
ATOM   61   O  OP2   . G   A 1 4  ? -5.666  -17.626 -3.029  1.00 52.20 ? 4  G   A OP2   1 
ATOM   62   O  "O5'" . G   A 1 4  ? -4.000  -18.552 -4.614  1.00 52.32 ? 4  G   A "O5'" 1 
ATOM   63   C  "C5'" . G   A 1 4  ? -3.149  -19.581 -5.122  1.00 52.18 ? 4  G   A "C5'" 1 
ATOM   64   C  "C4'" . G   A 1 4  ? -3.046  -19.475 -6.613  1.00 50.70 ? 4  G   A "C4'" 1 
ATOM   65   O  "O4'" . G   A 1 4  ? -4.361  -19.650 -7.206  1.00 51.84 ? 4  G   A "O4'" 1 
ATOM   66   C  "C3'" . G   A 1 4  ? -2.635  -18.115 -7.134  1.00 50.94 ? 4  G   A "C3'" 1 
ATOM   67   O  "O3'" . G   A 1 4  ? -1.249  -17.886 -7.014  1.00 48.67 ? 4  G   A "O3'" 1 
ATOM   68   C  "C2'" . G   A 1 4  ? -3.081  -18.201 -8.579  1.00 50.18 ? 4  G   A "C2'" 1 
ATOM   69   O  "O2'" . G   A 1 4  ? -2.205  -19.016 -9.336  1.00 50.84 ? 4  G   A "O2'" 1 
ATOM   70   C  "C1'" . G   A 1 4  ? -4.433  -18.899 -8.411  1.00 49.64 ? 4  G   A "C1'" 1 
ATOM   71   N  N9    . G   A 1 4  ? -5.533  -17.946 -8.303  1.00 46.29 ? 4  G   A N9    1 
ATOM   72   C  C8    . G   A 1 4  ? -6.144  -17.492 -7.162  1.00 44.83 ? 4  G   A C8    1 
ATOM   73   N  N7    . G   A 1 4  ? -7.121  -16.653 -7.406  1.00 43.58 ? 4  G   A N7    1 
ATOM   74   C  C5    . G   A 1 4  ? -7.147  -16.550 -8.788  1.00 42.80 ? 4  G   A C5    1 
ATOM   75   C  C6    . G   A 1 4  ? -7.994  -15.793 -9.640  1.00 41.45 ? 4  G   A C6    1 
ATOM   76   O  O6    . G   A 1 4  ? -8.938  -15.055 -9.339  1.00 40.85 ? 4  G   A O6    1 
ATOM   77   N  N1    . G   A 1 4  ? -7.652  -15.959 -10.972 1.00 40.14 ? 4  G   A N1    1 
ATOM   78   C  C2    . G   A 1 4  ? -6.629  -16.754 -11.431 1.00 40.61 ? 4  G   A C2    1 
ATOM   79   N  N2    . G   A 1 4  ? -6.426  -16.760 -12.753 1.00 37.76 ? 4  G   A N2    1 
ATOM   80   N  N3    . G   A 1 4  ? -5.854  -17.482 -10.649 1.00 41.45 ? 4  G   A N3    1 
ATOM   81   C  C4    . G   A 1 4  ? -6.164  -17.329 -9.353  1.00 42.67 ? 4  G   A C4    1 
ATOM   82   P  P     . C   A 1 5  ? -0.727  -16.398 -6.749  1.00 46.06 ? 5  C   A P     1 
ATOM   83   O  OP1   . C   A 1 5  ? 0.727   -16.489 -6.446  1.00 48.10 ? 5  C   A OP1   1 
ATOM   84   O  OP2   . C   A 1 5  ? -1.629  -15.731 -5.793  1.00 45.45 ? 5  C   A OP2   1 
ATOM   85   O  "O5'" . C   A 1 5  ? -0.908  -15.670 -8.154  1.00 42.34 ? 5  C   A "O5'" 1 
ATOM   86   C  "C5'" . C   A 1 5  ? -0.228  -16.166 -9.303  1.00 39.26 ? 5  C   A "C5'" 1 
ATOM   87   C  "C4'" . C   A 1 5  ? -0.802  -15.565 -10.545 1.00 37.88 ? 5  C   A "C4'" 1 
ATOM   88   O  "O4'" . C   A 1 5  ? -2.210  -15.902 -10.610 1.00 40.26 ? 5  C   A "O4'" 1 
ATOM   89   C  "C3'" . C   A 1 5  ? -0.821  -14.051 -10.644 1.00 36.95 ? 5  C   A "C3'" 1 
ATOM   90   O  "O3'" . C   A 1 5  ? 0.430   -13.493 -10.991 1.00 36.89 ? 5  C   A "O3'" 1 
ATOM   91   C  "C2'" . C   A 1 5  ? -1.868  -13.841 -11.728 1.00 35.08 ? 5  C   A "C2'" 1 
ATOM   92   O  "O2'" . C   A 1 5  ? -1.406  -14.162 -13.024 1.00 34.55 ? 5  C   A "O2'" 1 
ATOM   93   C  "C1'" . C   A 1 5  ? -2.907  -14.885 -11.317 1.00 35.67 ? 5  C   A "C1'" 1 
ATOM   94   N  N1    . C   A 1 5  ? -3.930  -14.315 -10.421 1.00 32.58 ? 5  C   A N1    1 
ATOM   95   C  C2    . C   A 1 5  ? -5.000  -13.624 -10.997 1.00 32.78 ? 5  C   A C2    1 
ATOM   96   O  O2    . C   A 1 5  ? -5.035  -13.503 -12.222 1.00 32.84 ? 5  C   A O2    1 
ATOM   97   N  N3    . C   A 1 5  ? -5.965  -13.104 -10.203 1.00 34.13 ? 5  C   A N3    1 
ATOM   98   C  C4    . C   A 1 5  ? -5.884  -13.249 -8.880  1.00 34.28 ? 5  C   A C4    1 
ATOM   99   N  N4    . C   A 1 5  ? -6.870  -12.735 -8.143  1.00 36.77 ? 5  C   A N4    1 
ATOM   100  C  C5    . C   A 1 5  ? -4.794  -13.936 -8.256  1.00 33.99 ? 5  C   A C5    1 
ATOM   101  C  C6    . C   A 1 5  ? -3.847  -14.453 -9.064  1.00 33.52 ? 5  C   A C6    1 
ATOM   102  P  P     . U   A 1 6  ? 0.764   -11.983 -10.547 1.00 39.15 ? 6  U   A P     1 
ATOM   103  O  OP1   . U   A 1 6  ? 2.190   -11.682 -10.897 1.00 39.33 ? 6  U   A OP1   1 
ATOM   104  O  OP2   . U   A 1 6  ? 0.308   -11.800 -9.161  1.00 37.99 ? 6  U   A OP2   1 
ATOM   105  O  "O5'" . U   A 1 6  ? -0.176  -11.102 -11.489 1.00 36.67 ? 6  U   A "O5'" 1 
ATOM   106  C  "C5'" . U   A 1 6  ? -0.025  -11.165 -12.917 1.00 33.14 ? 6  U   A "C5'" 1 
ATOM   107  C  "C4'" . U   A 1 6  ? -1.101  -10.359 -13.612 1.00 32.37 ? 6  U   A "C4'" 1 
ATOM   108  O  "O4'" . U   A 1 6  ? -2.419  -10.891 -13.303 1.00 34.02 ? 6  U   A "O4'" 1 
ATOM   109  C  "C3'" . U   A 1 6  ? -1.224  -8.901  -13.202 1.00 33.17 ? 6  U   A "C3'" 1 
ATOM   110  O  "O3'" . U   A 1 6  ? -0.235  -8.096  -13.840 1.00 32.68 ? 6  U   A "O3'" 1 
ATOM   111  C  "C2'" . U   A 1 6  ? -2.607  -8.567  -13.734 1.00 31.24 ? 6  U   A "C2'" 1 
ATOM   112  O  "O2'" . U   A 1 6  ? -2.583  -8.430  -15.136 1.00 30.90 ? 6  U   A "O2'" 1 
ATOM   113  C  "C1'" . U   A 1 6  ? -3.369  -9.844  -13.373 1.00 29.81 ? 6  U   A "C1'" 1 
ATOM   114  N  N1    . U   A 1 6  ? -4.029  -9.723  -12.066 1.00 28.83 ? 6  U   A N1    1 
ATOM   115  C  C2    . U   A 1 6  ? -5.263  -9.109  -12.053 1.00 28.27 ? 6  U   A C2    1 
ATOM   116  O  O2    . U   A 1 6  ? -5.766  -8.649  -13.062 1.00 30.49 ? 6  U   A O2    1 
ATOM   117  N  N3    . U   A 1 6  ? -5.868  -9.051  -10.819 1.00 27.77 ? 6  U   A N3    1 
ATOM   118  C  C4    . U   A 1 6  ? -5.367  -9.522  -9.626  1.00 26.77 ? 6  U   A C4    1 
ATOM   119  O  O4    . U   A 1 6  ? -6.063  -9.468  -8.601  1.00 31.24 ? 6  U   A O4    1 
ATOM   120  C  C5    . U   A 1 6  ? -4.064  -10.114 -9.723  1.00 30.02 ? 6  U   A C5    1 
ATOM   121  C  C6    . U   A 1 6  ? -3.462  -10.195 -10.912 1.00 27.95 ? 6  U   A C6    1 
ATOM   122  P  P     . G   A 1 7  ? 0.163   -6.686  -13.199 1.00 31.87 ? 7  G   A P     1 
ATOM   123  O  OP1   . G   A 1 7  ? 1.292   -6.136  -14.003 1.00 32.93 ? 7  G   A OP1   1 
ATOM   124  O  OP2   . G   A 1 7  ? 0.315   -6.884  -11.739 1.00 26.97 ? 7  G   A OP2   1 
ATOM   125  O  "O5'" . G   A 1 7  ? -1.122  -5.781  -13.454 1.00 33.58 ? 7  G   A "O5'" 1 
ATOM   126  C  "C5'" . G   A 1 7  ? -1.457  -5.336  -14.775 1.00 34.77 ? 7  G   A "C5'" 1 
ATOM   127  C  "C4'" . G   A 1 7  ? -2.761  -4.565  -14.747 1.00 36.80 ? 7  G   A "C4'" 1 
ATOM   128  O  "O4'" . G   A 1 7  ? -3.824  -5.445  -14.284 1.00 35.81 ? 7  G   A "O4'" 1 
ATOM   129  C  "C3'" . G   A 1 7  ? -2.833  -3.395  -13.769 1.00 34.99 ? 7  G   A "C3'" 1 
ATOM   130  O  "O3'" . G   A 1 7  ? -2.249  -2.220  -14.305 1.00 37.32 ? 7  G   A "O3'" 1 
ATOM   131  C  "C2'" . G   A 1 7  ? -4.335  -3.219  -13.623 1.00 35.00 ? 7  G   A "C2'" 1 
ATOM   132  O  "O2'" . G   A 1 7  ? -4.914  -2.631  -14.755 1.00 32.70 ? 7  G   A "O2'" 1 
ATOM   133  C  "C1'" . G   A 1 7  ? -4.801  -4.672  -13.584 1.00 36.60 ? 7  G   A "C1'" 1 
ATOM   134  N  N9    . G   A 1 7  ? -4.902  -5.146  -12.212 1.00 36.07 ? 7  G   A N9    1 
ATOM   135  C  C8    . G   A 1 7  ? -4.011  -5.936  -11.530 1.00 36.91 ? 7  G   A C8    1 
ATOM   136  N  N7    . G   A 1 7  ? -4.380  -6.180  -10.303 1.00 38.95 ? 7  G   A N7    1 
ATOM   137  C  C5    . G   A 1 7  ? -5.592  -5.516  -10.165 1.00 37.27 ? 7  G   A C5    1 
ATOM   138  C  C6    . G   A 1 7  ? -6.460  -5.406  -9.042  1.00 36.46 ? 7  G   A C6    1 
ATOM   139  O  O6    . G   A 1 7  ? -6.339  -5.916  -7.928  1.00 36.12 ? 7  G   A O6    1 
ATOM   140  N  N1    . G   A 1 7  ? -7.564  -4.604  -9.324  1.00 35.95 ? 7  G   A N1    1 
ATOM   141  C  C2    . G   A 1 7  ? -7.809  -3.994  -10.535 1.00 35.72 ? 7  G   A C2    1 
ATOM   142  N  N2    . G   A 1 7  ? -8.922  -3.244  -10.615 1.00 32.58 ? 7  G   A N2    1 
ATOM   143  N  N3    . G   A 1 7  ? -7.019  -4.106  -11.592 1.00 35.86 ? 7  G   A N3    1 
ATOM   144  C  C4    . G   A 1 7  ? -5.930  -4.872  -11.333 1.00 37.13 ? 7  G   A C4    1 
ATOM   145  P  P     . A   A 1 8  ? -0.942  -1.584  -13.613 1.00 38.11 ? 8  A   A P     1 
ATOM   146  O  OP1   . A   A 1 8  ? 0.255   -2.070  -14.369 1.00 39.42 ? 8  A   A OP1   1 
ATOM   147  O  OP2   . A   A 1 8  ? -1.004  -1.788  -12.141 1.00 37.68 ? 8  A   A OP2   1 
ATOM   148  O  "O5'" . A   A 1 8  ? -1.106  -0.036  -13.932 1.00 41.53 ? 8  A   A "O5'" 1 
ATOM   149  C  "C5'" . A   A 1 8  ? -2.099  0.747   -13.249 1.00 41.33 ? 8  A   A "C5'" 1 
ATOM   150  C  "C4'" . A   A 1 8  ? -1.460  1.487   -12.105 1.00 41.31 ? 8  A   A "C4'" 1 
ATOM   151  O  "O4'" . A   A 1 8  ? -0.311  2.210   -12.627 1.00 40.46 ? 8  A   A "O4'" 1 
ATOM   152  C  "C3'" . A   A 1 8  ? -2.333  2.550   -11.451 1.00 42.79 ? 8  A   A "C3'" 1 
ATOM   153  O  "O3'" . A   A 1 8  ? -3.250  2.246   -10.394 1.00 48.10 ? 8  A   A "O3'" 1 
ATOM   154  C  "C2'" . A   A 1 8  ? -1.681  3.901   -11.741 1.00 40.85 ? 8  A   A "C2'" 1 
ATOM   155  O  "O2'" . A   A 1 8  ? -1.733  4.805   -10.655 1.00 38.34 ? 8  A   A "O2'" 1 
ATOM   156  C  "C1'" . A   A 1 8  ? -0.231  3.480   -12.014 1.00 39.86 ? 8  A   A "C1'" 1 
ATOM   157  N  N9    . A   A 1 8  ? 0.396   4.391   -12.962 1.00 38.90 ? 8  A   A N9    1 
ATOM   158  C  C8    . A   A 1 8  ? -0.083  4.755   -14.195 1.00 39.87 ? 8  A   A C8    1 
ATOM   159  N  N7    . A   A 1 8  ? 0.638   5.662   -14.795 1.00 39.82 ? 8  A   A N7    1 
ATOM   160  C  C5    . A   A 1 8  ? 1.676   5.901   -13.905 1.00 40.46 ? 8  A   A C5    1 
ATOM   161  C  C6    . A   A 1 8  ? 2.767   6.785   -13.943 1.00 40.77 ? 8  A   A C6    1 
ATOM   162  N  N6    . A   A 1 8  ? 2.971   7.660   -14.925 1.00 39.04 ? 8  A   A N6    1 
ATOM   163  N  N1    . A   A 1 8  ? 3.636   6.754   -12.911 1.00 38.70 ? 8  A   A N1    1 
ATOM   164  C  C2    . A   A 1 8  ? 3.400   5.907   -11.900 1.00 41.73 ? 8  A   A C2    1 
ATOM   165  N  N3    . A   A 1 8  ? 2.389   5.049   -11.735 1.00 39.96 ? 8  A   A N3    1 
ATOM   166  C  C4    . A   A 1 8  ? 1.556   5.099   -12.786 1.00 40.07 ? 8  A   A C4    1 
ATOM   167  P  P     . A   A 1 9  ? -2.731  2.153   -8.884  1.00 45.42 ? 9  A   A P     1 
ATOM   168  O  OP1   . A   A 1 9  ? -1.260  2.099   -9.021  1.00 51.29 ? 9  A   A OP1   1 
ATOM   169  O  OP2   . A   A 1 9  ? -3.452  1.020   -8.297  1.00 47.01 ? 9  A   A OP2   1 
ATOM   170  O  "O5'" . A   A 1 9  ? -3.194  3.522   -8.196  1.00 44.18 ? 9  A   A "O5'" 1 
ATOM   171  C  "C5'" . A   A 1 9  ? -2.225  4.446   -7.625  1.00 42.31 ? 9  A   A "C5'" 1 
ATOM   172  C  "C4'" . A   A 1 9  ? -2.883  5.778   -7.309  1.00 41.62 ? 9  A   A "C4'" 1 
ATOM   173  O  "O4'" . A   A 1 9  ? -3.423  6.342   -8.533  1.00 40.47 ? 9  A   A "O4'" 1 
ATOM   174  C  "C3'" . A   A 1 9  ? -4.065  5.696   -6.357  1.00 40.88 ? 9  A   A "C3'" 1 
ATOM   175  O  "O3'" . A   A 1 9  ? -3.613  5.845   -5.021  1.00 41.69 ? 9  A   A "O3'" 1 
ATOM   176  C  "C2'" . A   A 1 9  ? -4.911  6.898   -6.762  1.00 42.00 ? 9  A   A "C2'" 1 
ATOM   177  O  "O2'" . A   A 1 9  ? -4.444  8.114   -6.214  1.00 39.19 ? 9  A   A "O2'" 1 
ATOM   178  C  "C1'" . A   A 1 9  ? -4.681  6.942   -8.272  1.00 42.39 ? 9  A   A "C1'" 1 
ATOM   179  N  N9    . A   A 1 9  ? -5.704  6.245   -9.059  1.00 44.49 ? 9  A   A N9    1 
ATOM   180  C  C8    . A   A 1 9  ? -5.709  4.920   -9.438  1.00 45.00 ? 9  A   A C8    1 
ATOM   181  N  N7    . A   A 1 9  ? -6.749  4.580   -10.170 1.00 45.92 ? 9  A   A N7    1 
ATOM   182  C  C5    . A   A 1 9  ? -7.482  5.756   -10.277 1.00 44.76 ? 9  A   A C5    1 
ATOM   183  C  C6    . A   A 1 9  ? -8.694  6.063   -10.938 1.00 44.86 ? 9  A   A C6    1 
ATOM   184  N  N6    . A   A 1 9  ? -9.416  5.166   -11.631 1.00 43.20 ? 9  A   A N6    1 
ATOM   185  N  N1    . A   A 1 9  ? -9.145  7.335   -10.859 1.00 42.37 ? 9  A   A N1    1 
ATOM   186  C  C2    . A   A 1 9  ? -8.432  8.227   -10.153 1.00 42.84 ? 9  A   A C2    1 
ATOM   187  N  N3    . A   A 1 9  ? -7.283  8.061   -9.484  1.00 42.86 ? 9  A   A N3    1 
ATOM   188  C  C4    . A   A 1 9  ? -6.854  6.790   -9.590  1.00 44.23 ? 9  A   A C4    1 
ATOM   189  P  P     . G   A 1 10 ? -3.729  4.625   -3.993  1.00 42.99 ? 10 G   A P     1 
ATOM   190  O  OP1   . G   A 1 10 ? -3.051  5.009   -2.727  1.00 41.65 ? 10 G   A OP1   1 
ATOM   191  O  OP2   . G   A 1 10 ? -3.288  3.406   -4.723  1.00 41.65 ? 10 G   A OP2   1 
ATOM   192  O  "O5'" . G   A 1 10 ? -5.293  4.493   -3.717  1.00 44.11 ? 10 G   A "O5'" 1 
ATOM   193  C  "C5'" . G   A 1 10 ? -6.116  5.658   -3.528  1.00 44.66 ? 10 G   A "C5'" 1 
ATOM   194  C  "C4'" . G   A 1 10 ? -7.394  5.273   -2.817  1.00 44.12 ? 10 G   A "C4'" 1 
ATOM   195  O  "O4'" . G   A 1 10 ? -8.070  4.250   -3.596  1.00 44.96 ? 10 G   A "O4'" 1 
ATOM   196  C  "C3'" . G   A 1 10 ? -7.202  4.667   -1.437  1.00 45.21 ? 10 G   A "C3'" 1 
ATOM   197  O  "O3'" . G   A 1 10 ? -7.153  5.694   -0.441  1.00 46.50 ? 10 G   A "O3'" 1 
ATOM   198  C  "C2'" . G   A 1 10 ? -8.419  3.758   -1.317  1.00 45.09 ? 10 G   A "C2'" 1 
ATOM   199  O  "O2'" . G   A 1 10 ? -9.594  4.494   -1.058  1.00 47.03 ? 10 G   A "O2'" 1 
ATOM   200  C  "C1'" . G   A 1 10 ? -8.520  3.212   -2.741  1.00 44.75 ? 10 G   A "C1'" 1 
ATOM   201  N  N9    . G   A 1 10 ? -7.670  2.051   -2.989  1.00 44.74 ? 10 G   A N9    1 
ATOM   202  C  C8    . G   A 1 10 ? -6.695  1.949   -3.953  1.00 42.34 ? 10 G   A C8    1 
ATOM   203  N  N7    . G   A 1 10 ? -6.076  0.799   -3.937  1.00 38.33 ? 10 G   A N7    1 
ATOM   204  C  C5    . G   A 1 10 ? -6.676  0.095   -2.906  1.00 39.52 ? 10 G   A C5    1 
ATOM   205  C  C6    . G   A 1 10 ? -6.415  -1.212  -2.415  1.00 40.13 ? 10 G   A C6    1 
ATOM   206  O  O6    . G   A 1 10 ? -5.560  -2.030  -2.806  1.00 36.48 ? 10 G   A O6    1 
ATOM   207  N  N1    . G   A 1 10 ? -7.260  -1.537  -1.360  1.00 40.56 ? 10 G   A N1    1 
ATOM   208  C  C2    . G   A 1 10 ? -8.226  -0.708  -0.839  1.00 41.97 ? 10 G   A C2    1 
ATOM   209  N  N2    . G   A 1 10 ? -8.934  -1.198  0.178   1.00 42.47 ? 10 G   A N2    1 
ATOM   210  N  N3    . G   A 1 10 ? -8.474  0.513   -1.284  1.00 42.55 ? 10 G   A N3    1 
ATOM   211  C  C4    . G   A 1 10 ? -7.670  0.848   -2.311  1.00 41.56 ? 10 G   A C4    1 
ATOM   212  P  P     . U   A 1 11 ? -6.419  5.426   0.964   1.00 46.56 ? 11 U   A P     1 
ATOM   213  O  OP1   . U   A 1 11 ? -6.815  6.518   1.894   1.00 48.64 ? 11 U   A OP1   1 
ATOM   214  O  OP2   . U   A 1 11 ? -4.980  5.188   0.687   1.00 47.01 ? 11 U   A OP2   1 
ATOM   215  O  "O5'" . U   A 1 11 ? -7.071  4.087   1.524   1.00 44.77 ? 11 U   A "O5'" 1 
ATOM   216  C  "C5'" . U   A 1 11 ? -8.310  4.121   2.250   1.00 45.13 ? 11 U   A "C5'" 1 
ATOM   217  C  "C4'" . U   A 1 11 ? -8.440  2.905   3.143   1.00 44.87 ? 11 U   A "C4'" 1 
ATOM   218  O  "O4'" . U   A 1 11 ? -8.493  1.708   2.330   1.00 44.79 ? 11 U   A "O4'" 1 
ATOM   219  C  "C3'" . U   A 1 11 ? -7.305  2.641   4.114   1.00 44.20 ? 11 U   A "C3'" 1 
ATOM   220  O  "O3'" . U   A 1 11 ? -7.434  3.432   5.281   1.00 46.96 ? 11 U   A "O3'" 1 
ATOM   221  C  "C2'" . U   A 1 11 ? -7.470  1.151   4.401   1.00 44.56 ? 11 U   A "C2'" 1 
ATOM   222  O  "O2'" . U   A 1 11 ? -8.491  0.848   5.334   1.00 44.83 ? 11 U   A "O2'" 1 
ATOM   223  C  "C1'" . U   A 1 11 ? -7.895  0.628   3.030   1.00 44.17 ? 11 U   A "C1'" 1 
ATOM   224  N  N1    . U   A 1 11 ? -6.769  0.122   2.231   1.00 41.91 ? 11 U   A N1    1 
ATOM   225  C  C2    . U   A 1 11 ? -6.309  -1.143  2.519   1.00 42.58 ? 11 U   A C2    1 
ATOM   226  O  O2    . U   A 1 11 ? -6.783  -1.835  3.394   1.00 42.59 ? 11 U   A O2    1 
ATOM   227  N  N3    . U   A 1 11 ? -5.259  -1.572  1.745   1.00 43.59 ? 11 U   A N3    1 
ATOM   228  C  C4    . U   A 1 11 ? -4.638  -0.877  0.731   1.00 42.12 ? 11 U   A C4    1 
ATOM   229  O  O4    . U   A 1 11 ? -3.756  -1.434  0.073   1.00 40.19 ? 11 U   A O4    1 
ATOM   230  C  C5    . U   A 1 11 ? -5.165  0.431   0.498   1.00 41.15 ? 11 U   A C5    1 
ATOM   231  C  C6    . U   A 1 11 ? -6.191  0.875   1.239   1.00 42.54 ? 11 U   A C6    1 
ATOM   232  P  P     . G   A 1 12 ? -6.148  3.725   6.193   1.00 46.96 ? 12 G   A P     1 
ATOM   233  O  OP1   . G   A 1 12 ? -6.566  4.580   7.329   1.00 47.81 ? 12 G   A OP1   1 
ATOM   234  O  OP2   . G   A 1 12 ? -5.051  4.176   5.308   1.00 48.64 ? 12 G   A OP2   1 
ATOM   235  O  "O5'" . G   A 1 12 ? -5.793  2.299   6.784   1.00 46.94 ? 12 G   A "O5'" 1 
ATOM   236  C  "C5'" . G   A 1 12 ? -6.646  1.709   7.764   1.00 45.72 ? 12 G   A "C5'" 1 
ATOM   237  C  "C4'" . G   A 1 12 ? -6.056  0.426   8.259   1.00 46.71 ? 12 G   A "C4'" 1 
ATOM   238  O  "O4'" . G   A 1 12 ? -6.082  -0.566  7.201   1.00 44.88 ? 12 G   A "O4'" 1 
ATOM   239  C  "C3'" . G   A 1 12 ? -4.590  0.505   8.630   1.00 47.10 ? 12 G   A "C3'" 1 
ATOM   240  O  "O3'" . G   A 1 12 ? -4.386  1.077   9.918   1.00 47.74 ? 12 G   A "O3'" 1 
ATOM   241  C  "C2'" . G   A 1 12 ? -4.179  -0.956  8.572   1.00 46.77 ? 12 G   A "C2'" 1 
ATOM   242  O  "O2'" . G   A 1 12 ? -4.558  -1.666  9.734   1.00 49.82 ? 12 G   A "O2'" 1 
ATOM   243  C  "C1'" . G   A 1 12 ? -4.983  -1.449  7.363   1.00 45.06 ? 12 G   A "C1'" 1 
ATOM   244  N  N9    . G   A 1 12 ? -4.180  -1.421  6.145   1.00 44.00 ? 12 G   A N9    1 
ATOM   245  C  C8    . G   A 1 12 ? -4.073  -0.396  5.237   1.00 41.64 ? 12 G   A C8    1 
ATOM   246  N  N7    . G   A 1 12 ? -3.233  -0.654  4.273   1.00 40.50 ? 12 G   A N7    1 
ATOM   247  C  C5    . G   A 1 12 ? -2.762  -1.929  4.558   1.00 40.90 ? 12 G   A C5    1 
ATOM   248  C  C6    . G   A 1 12 ? -1.813  -2.751  3.869   1.00 38.83 ? 12 G   A C6    1 
ATOM   249  O  O6    . G   A 1 12 ? -1.180  -2.513  2.827   1.00 36.59 ? 12 G   A O6    1 
ATOM   250  N  N1    . G   A 1 12 ? -1.635  -3.963  4.518   1.00 41.50 ? 12 G   A N1    1 
ATOM   251  C  C2    . G   A 1 12 ? -2.273  -4.347  5.669   1.00 41.69 ? 12 G   A C2    1 
ATOM   252  N  N2    . G   A 1 12 ? -1.951  -5.558  6.140   1.00 41.36 ? 12 G   A N2    1 
ATOM   253  N  N3    . G   A 1 12 ? -3.154  -3.604  6.314   1.00 41.60 ? 12 G   A N3    1 
ATOM   254  C  C4    . G   A 1 12 ? -3.348  -2.417  5.707   1.00 42.63 ? 12 G   A C4    1 
ATOM   255  P  P     . C   A 1 13 ? -2.961  1.710   10.280  1.00 46.91 ? 13 C   A P     1 
ATOM   256  O  OP1   . C   A 1 13 ? -3.016  2.246   11.657  1.00 48.09 ? 13 C   A OP1   1 
ATOM   257  O  OP2   . C   A 1 13 ? -2.615  2.607   9.157   1.00 45.65 ? 13 C   A OP2   1 
ATOM   258  O  "O5'" . C   A 1 13 ? -1.958  0.472   10.271  1.00 45.61 ? 13 C   A "O5'" 1 
ATOM   259  C  "C5'" . C   A 1 13 ? -2.054  -0.549  11.265  1.00 44.30 ? 13 C   A "C5'" 1 
ATOM   260  C  "C4'" . C   A 1 13 ? -1.092  -1.676  10.963  1.00 44.78 ? 13 C   A "C4'" 1 
ATOM   261  O  "O4'" . C   A 1 13 ? -1.440  -2.301  9.697   1.00 40.92 ? 13 C   A "O4'" 1 
ATOM   262  C  "C3'" . C   A 1 13 ? 0.369   -1.304  10.770  1.00 45.27 ? 13 C   A "C3'" 1 
ATOM   263  O  "O3'" . C   A 1 13 ? 1.060   -1.067  11.992  1.00 46.66 ? 13 C   A "O3'" 1 
ATOM   264  C  "C2'" . C   A 1 13 ? 0.891   -2.535  10.046  1.00 44.73 ? 13 C   A "C2'" 1 
ATOM   265  O  "O2'" . C   A 1 13 ? 1.004   -3.635  10.921  1.00 45.62 ? 13 C   A "O2'" 1 
ATOM   266  C  "C1'" . C   A 1 13 ? -0.266  -2.807  9.083   1.00 43.40 ? 13 C   A "C1'" 1 
ATOM   267  N  N1    . C   A 1 13 ? -0.057  -2.102  7.815   1.00 42.73 ? 13 C   A N1    1 
ATOM   268  C  C2    . C   A 1 13 ? 0.683   -2.734  6.826   1.00 41.08 ? 13 C   A C2    1 
ATOM   269  O  O2    . C   A 1 13 ? 1.115   -3.874  7.043   1.00 41.83 ? 13 C   A O2    1 
ATOM   270  N  N3    . C   A 1 13 ? 0.916   -2.099  5.666   1.00 38.61 ? 13 C   A N3    1 
ATOM   271  C  C4    . C   A 1 13 ? 0.438   -0.873  5.470   1.00 41.09 ? 13 C   A C4    1 
ATOM   272  N  N4    . C   A 1 13 ? 0.721   -0.275  4.310   1.00 40.10 ? 13 C   A N4    1 
ATOM   273  C  C5    . C   A 1 13 ? -0.340  -0.204  6.456   1.00 40.57 ? 13 C   A C5    1 
ATOM   274  C  C6    . C   A 1 13 ? -0.562  -0.850  7.605   1.00 42.31 ? 13 C   A C6    1 
ATOM   275  P  P     . A   A 1 14 ? 2.231   0.048   12.032  1.00 46.76 ? 14 A   A P     1 
ATOM   276  O  OP1   . A   A 1 14 ? 2.568   0.306   13.457  1.00 46.03 ? 14 A   A OP1   1 
ATOM   277  O  OP2   . A   A 1 14 ? 1.835   1.174   11.155  1.00 44.65 ? 14 A   A OP2   1 
ATOM   278  O  "O5'" . A   A 1 14 ? 3.469   -0.670  11.344  1.00 44.69 ? 14 A   A "O5'" 1 
ATOM   279  C  "C5'" . A   A 1 14 ? 4.100   -1.784  11.973  1.00 45.99 ? 14 A   A "C5'" 1 
ATOM   280  C  "C4'" . A   A 1 14 ? 5.014   -2.481  10.998  1.00 46.53 ? 14 A   A "C4'" 1 
ATOM   281  O  "O4'" . A   A 1 14 ? 4.243   -2.932  9.848   1.00 46.74 ? 14 A   A "O4'" 1 
ATOM   282  C  "C3'" . A   A 1 14 ? 6.080   -1.621  10.351  1.00 47.00 ? 14 A   A "C3'" 1 
ATOM   283  O  "O3'" . A   A 1 14 ? 7.191   -1.373  11.190  1.00 49.28 ? 14 A   A "O3'" 1 
ATOM   284  C  "C2'" . A   A 1 14 ? 6.454   -2.476  9.153   1.00 47.04 ? 14 A   A "C2'" 1 
ATOM   285  O  "O2'" . A   A 1 14 ? 7.210   -3.607  9.522   1.00 47.85 ? 14 A   A "O2'" 1 
ATOM   286  C  "C1'" . A   A 1 14 ? 5.074   -2.930  8.698   1.00 44.26 ? 14 A   A "C1'" 1 
ATOM   287  N  N9    . A   A 1 14 ? 4.553   -1.970  7.730   1.00 43.03 ? 14 A   A N9    1 
ATOM   288  C  C8    . A   A 1 14 ? 3.609   -0.991  7.884   1.00 41.70 ? 14 A   A C8    1 
ATOM   289  N  N7    . A   A 1 14 ? 3.393   -0.290  6.795   1.00 38.88 ? 14 A   A N7    1 
ATOM   290  C  C5    . A   A 1 14 ? 4.251   -0.850  5.862   1.00 40.00 ? 14 A   A C5    1 
ATOM   291  C  C6    . A   A 1 14 ? 4.511   -0.557  4.510   1.00 38.91 ? 14 A   A C6    1 
ATOM   292  N  N6    . A   A 1 14 ? 3.878   0.402   3.820   1.00 37.57 ? 14 A   A N6    1 
ATOM   293  N  N1    . A   A 1 14 ? 5.455   -1.292  3.877   1.00 37.95 ? 14 A   A N1    1 
ATOM   294  C  C2    . A   A 1 14 ? 6.068   -2.265  4.556   1.00 39.37 ? 14 A   A C2    1 
ATOM   295  N  N3    . A   A 1 14 ? 5.898   -2.646  5.825   1.00 39.35 ? 14 A   A N3    1 
ATOM   296  C  C4    . A   A 1 14 ? 4.973   -1.884  6.427   1.00 40.47 ? 14 A   A C4    1 
ATOM   297  P  P     . C   A 1 15 ? 8.058   -0.031  10.983  1.00 49.74 ? 15 C   A P     1 
ATOM   298  O  OP1   . C   A 1 15 ? 9.155   -0.140  11.971  1.00 51.26 ? 15 C   A OP1   1 
ATOM   299  O  OP2   . C   A 1 15 ? 7.139   1.143   11.008  1.00 47.94 ? 15 C   A OP2   1 
ATOM   300  O  "O5'" . C   A 1 15 ? 8.673   -0.140  9.518   1.00 48.53 ? 15 C   A "O5'" 1 
ATOM   301  C  "C5'" . C   A 1 15 ? 9.652   -1.142  9.223   1.00 47.56 ? 15 C   A "C5'" 1 
ATOM   302  C  "C4'" . C   A 1 15 ? 10.054  -1.092  7.773   1.00 47.04 ? 15 C   A "C4'" 1 
ATOM   303  O  "O4'" . C   A 1 15 ? 8.882   -1.207  6.930   1.00 44.05 ? 15 C   A "O4'" 1 
ATOM   304  C  "C3'" . C   A 1 15 ? 10.666  0.189   7.245   1.00 47.51 ? 15 C   A "C3'" 1 
ATOM   305  O  "O3'" . C   A 1 15 ? 12.018  0.356   7.623   1.00 49.31 ? 15 C   A "O3'" 1 
ATOM   306  C  "C2'" . C   A 1 15 ? 10.576  -0.050  5.747   1.00 47.57 ? 15 C   A "C2'" 1 
ATOM   307  O  "O2'" . C   A 1 15 ? 11.564  -0.954  5.284   1.00 48.64 ? 15 C   A "O2'" 1 
ATOM   308  C  "C1'" . C   A 1 15 ? 9.202   -0.714  5.643   1.00 44.60 ? 15 C   A "C1'" 1 
ATOM   309  N  N1    . C   A 1 15 ? 8.199   0.273   5.233   1.00 40.10 ? 15 C   A N1    1 
ATOM   310  C  C2    . C   A 1 15 ? 8.210   0.674   3.918   1.00 39.85 ? 15 C   A C2    1 
ATOM   311  O  O2    . C   A 1 15 ? 9.069   0.191   3.163   1.00 41.77 ? 15 C   A O2    1 
ATOM   312  N  N3    . C   A 1 15 ? 7.312   1.588   3.489   1.00 36.61 ? 15 C   A N3    1 
ATOM   313  C  C4    . C   A 1 15 ? 6.445   2.122   4.351   1.00 39.95 ? 15 C   A C4    1 
ATOM   314  N  N4    . C   A 1 15 ? 5.603   3.066   3.891   1.00 38.29 ? 15 C   A N4    1 
ATOM   315  C  C5    . C   A 1 15 ? 6.409   1.726   5.718   1.00 37.18 ? 15 C   A C5    1 
ATOM   316  C  C6    . C   A 1 15 ? 7.295   0.797   6.115   1.00 38.49 ? 15 C   A C6    1 
ATOM   317  P  P     . A   A 1 16 ? 12.652  1.828   7.640   1.00 52.67 ? 16 A   A P     1 
ATOM   318  O  OP1   . A   A 1 16 ? 14.060  1.703   8.095   1.00 52.64 ? 16 A   A OP1   1 
ATOM   319  O  OP2   . A   A 1 16 ? 11.713  2.723   8.373   1.00 50.48 ? 16 A   A OP2   1 
ATOM   320  O  "O5'" . A   A 1 16 ? 12.679  2.276   6.113   1.00 51.32 ? 16 A   A "O5'" 1 
ATOM   321  C  "C5'" . A   A 1 16 ? 13.650  1.719   5.226   1.00 50.89 ? 16 A   A "C5'" 1 
ATOM   322  C  "C4'" . A   A 1 16 ? 13.451  2.226   3.822   1.00 50.36 ? 16 A   A "C4'" 1 
ATOM   323  O  "O4'" . A   A 1 16 ? 12.106  1.928   3.379   1.00 48.22 ? 16 A   A "O4'" 1 
ATOM   324  C  "C3'" . A   A 1 16 ? 13.569  3.721   3.571   1.00 49.65 ? 16 A   A "C3'" 1 
ATOM   325  O  "O3'" . A   A 1 16 ? 14.934  4.124   3.498   1.00 51.22 ? 16 A   A "O3'" 1 
ATOM   326  C  "C2'" . A   A 1 16 ? 12.908  3.827   2.207   1.00 48.40 ? 16 A   A "C2'" 1 
ATOM   327  O  "O2'" . A   A 1 16 ? 13.753  3.347   1.187   1.00 51.87 ? 16 A   A "O2'" 1 
ATOM   328  C  "C1'" . A   A 1 16 ? 11.740  2.850   2.363   1.00 47.13 ? 16 A   A "C1'" 1 
ATOM   329  N  N9    . A   A 1 16 ? 10.510  3.527   2.771   1.00 43.74 ? 16 A   A N9    1 
ATOM   330  C  C8    . A   A 1 16 ? 9.915   3.549   4.001   1.00 42.84 ? 16 A   A C8    1 
ATOM   331  N  N7    . A   A 1 16 ? 8.826   4.278   4.046   1.00 43.59 ? 16 A   A N7    1 
ATOM   332  C  C5    . A   A 1 16 ? 8.699   4.766   2.755   1.00 42.18 ? 16 A   A C5    1 
ATOM   333  C  C6    . A   A 1 16 ? 7.758   5.619   2.152   1.00 42.20 ? 16 A   A C6    1 
ATOM   334  N  N6    . A   A 1 16 ? 6.717   6.154   2.795   1.00 41.82 ? 16 A   A N6    1 
ATOM   335  N  N1    . A   A 1 16 ? 7.924   5.912   0.843   1.00 42.74 ? 16 A   A N1    1 
ATOM   336  C  C2    . A   A 1 16 ? 8.963   5.375   0.194   1.00 42.70 ? 16 A   A C2    1 
ATOM   337  N  N3    . A   A 1 16 ? 9.912   4.562   0.655   1.00 44.11 ? 16 A   A N3    1 
ATOM   338  C  C4    . A   A 1 16 ? 9.721   4.300   1.957   1.00 43.02 ? 16 A   A C4    1 
ATOM   339  P  P     . C   A 1 17 ? 15.367  5.604   3.956   1.00 50.36 ? 17 C   A P     1 
ATOM   340  O  OP1   . C   A 1 17 ? 16.842  5.677   3.803   1.00 51.80 ? 17 C   A OP1   1 
ATOM   341  O  OP2   . C   A 1 17 ? 14.744  5.915   5.267   1.00 48.50 ? 17 C   A OP2   1 
ATOM   342  O  "O5'" . C   A 1 17 ? 14.733  6.555   2.855   1.00 47.88 ? 17 C   A "O5'" 1 
ATOM   343  C  "C5'" . C   A 1 17 ? 15.166  6.489   1.501   1.00 47.66 ? 17 C   A "C5'" 1 
ATOM   344  C  "C4'" . C   A 1 17 ? 14.354  7.434   0.662   1.00 48.04 ? 17 C   A "C4'" 1 
ATOM   345  O  "O4'" . C   A 1 17 ? 12.984  6.957   0.591   1.00 47.73 ? 17 C   A "O4'" 1 
ATOM   346  C  "C3'" . C   A 1 17 ? 14.203  8.829   1.241   1.00 48.76 ? 17 C   A "C3'" 1 
ATOM   347  O  "O3'" . C   A 1 17 ? 15.340  9.661   1.042   1.00 49.82 ? 17 C   A "O3'" 1 
ATOM   348  C  "C2'" . C   A 1 17 ? 12.959  9.335   0.529   1.00 47.38 ? 17 C   A "C2'" 1 
ATOM   349  O  "O2'" . C   A 1 17 ? 13.200  9.786   -0.789  1.00 47.76 ? 17 C   A "O2'" 1 
ATOM   350  C  "C1'" . C   A 1 17 ? 12.101  8.067   0.504   1.00 47.08 ? 17 C   A "C1'" 1 
ATOM   351  N  N1    . C   A 1 17 ? 11.162  8.029   1.635   1.00 43.95 ? 17 C   A N1    1 
ATOM   352  C  C2    . C   A 1 17 ? 9.945   8.704   1.505   1.00 44.13 ? 17 C   A C2    1 
ATOM   353  O  O2    . C   A 1 17 ? 9.684   9.254   0.430   1.00 42.49 ? 17 C   A O2    1 
ATOM   354  N  N3    . C   A 1 17 ? 9.086   8.739   2.545   1.00 41.94 ? 17 C   A N3    1 
ATOM   355  C  C4    . C   A 1 17 ? 9.396   8.125   3.684   1.00 43.26 ? 17 C   A C4    1 
ATOM   356  N  N4    . C   A 1 17 ? 8.517   8.207   4.690   1.00 40.51 ? 17 C   A N4    1 
ATOM   357  C  C5    . C   A 1 17 ? 10.622  7.404   3.845   1.00 43.65 ? 17 C   A C5    1 
ATOM   358  C  C6    . C   A 1 17 ? 11.467  7.378   2.799   1.00 45.23 ? 17 C   A C6    1 
ATOM   359  P  P     . A   A 1 18 ? 15.673  10.815  2.120   1.00 49.83 ? 18 A   A P     1 
ATOM   360  O  OP1   . A   A 1 18 ? 16.950  11.439  1.711   1.00 50.66 ? 18 A   A OP1   1 
ATOM   361  O  OP2   . A   A 1 18 ? 15.546  10.240  3.476   1.00 48.17 ? 18 A   A OP2   1 
ATOM   362  O  "O5'" . A   A 1 18 ? 14.509  11.886  1.894   1.00 48.92 ? 18 A   A "O5'" 1 
ATOM   363  C  "C5'" . A   A 1 18 ? 14.430  12.615  0.652   1.00 49.28 ? 18 A   A "C5'" 1 
ATOM   364  C  "C4'" . A   A 1 18 ? 13.285  13.600  0.676   1.00 49.29 ? 18 A   A "C4'" 1 
ATOM   365  O  "O4'" . A   A 1 18 ? 12.020  12.892  0.704   1.00 48.43 ? 18 A   A "O4'" 1 
ATOM   366  C  "C3'" . A   A 1 18 ? 13.212  14.530  1.875   1.00 50.46 ? 18 A   A "C3'" 1 
ATOM   367  O  "O3'" . A   A 1 18 ? 14.108  15.635  1.737   1.00 52.29 ? 18 A   A "O3'" 1 
ATOM   368  C  "C2'" . A   A 1 18 ? 11.754  14.965  1.827   1.00 48.76 ? 18 A   A "C2'" 1 
ATOM   369  O  "O2'" . A   A 1 18 ? 11.558  15.915  0.796   1.00 47.14 ? 18 A   A "O2'" 1 
ATOM   370  C  "C1'" . A   A 1 18 ? 11.069  13.650  1.437   1.00 46.63 ? 18 A   A "C1'" 1 
ATOM   371  N  N9    . A   A 1 18 ? 10.637  12.842  2.580   1.00 43.92 ? 18 A   A N9    1 
ATOM   372  C  C8    . A   A 1 18 ? 11.316  11.810  3.184   1.00 42.05 ? 18 A   A C8    1 
ATOM   373  N  N7    . A   A 1 18 ? 10.667  11.266  4.187   1.00 43.02 ? 18 A   A N7    1 
ATOM   374  C  C5    . A   A 1 18 ? 9.482   11.989  4.247   1.00 40.14 ? 18 A   A C5    1 
ATOM   375  C  C6    . A   A 1 18 ? 8.358   11.901  5.095   1.00 37.33 ? 18 A   A C6    1 
ATOM   376  N  N6    . A   A 1 18 ? 8.232   10.997  6.065   1.00 34.65 ? 18 A   A N6    1 
ATOM   377  N  N1    . A   A 1 18 ? 7.357   12.782  4.902   1.00 35.67 ? 18 A   A N1    1 
ATOM   378  C  C2    . A   A 1 18 ? 7.471   13.674  3.913   1.00 35.84 ? 18 A   A C2    1 
ATOM   379  N  N3    . A   A 1 18 ? 8.465   13.846  3.039   1.00 39.86 ? 18 A   A N3    1 
ATOM   380  C  C4    . A   A 1 18 ? 9.454   12.964  3.266   1.00 41.09 ? 18 A   A C4    1 
ATOM   381  P  P     . G   A 1 19 ? 14.562  16.464  3.041   1.00 53.05 ? 19 G   A P     1 
ATOM   382  O  OP1   . G   A 1 19 ? 15.548  17.488  2.597   1.00 54.21 ? 19 G   A OP1   1 
ATOM   383  O  OP2   . G   A 1 19 ? 14.944  15.493  4.098   1.00 49.64 ? 19 G   A OP2   1 
ATOM   384  O  "O5'" . G   A 1 19 ? 13.242  17.233  3.482   1.00 49.69 ? 19 G   A "O5'" 1 
ATOM   385  C  "C5'" . G   A 1 19 ? 12.659  18.214  2.616   1.00 50.76 ? 19 G   A "C5'" 1 
ATOM   386  C  "C4'" . G   A 1 19 ? 11.437  18.814  3.258   1.00 50.70 ? 19 G   A "C4'" 1 
ATOM   387  O  "O4'" . G   A 1 19 ? 10.366  17.836  3.289   1.00 49.84 ? 19 G   A "O4'" 1 
ATOM   388  C  "C3'" . G   A 1 19 ? 11.606  19.220  4.707   1.00 50.41 ? 19 G   A "C3'" 1 
ATOM   389  O  "O3'" . G   A 1 19 ? 12.192  20.504  4.821   1.00 52.33 ? 19 G   A "O3'" 1 
ATOM   390  C  "C2'" . G   A 1 19 ? 10.174  19.234  5.204   1.00 50.16 ? 19 G   A "C2'" 1 
ATOM   391  O  "O2'" . G   A 1 19 ? 9.501   20.410  4.818   1.00 50.80 ? 19 G   A "O2'" 1 
ATOM   392  C  "C1'" . G   A 1 19 ? 9.585   18.038  4.451   1.00 48.73 ? 19 G   A "C1'" 1 
ATOM   393  N  N9    . G   A 1 19 ? 9.625   16.820  5.247   1.00 46.00 ? 19 G   A N9    1 
ATOM   394  C  C8    . G   A 1 19 ? 10.601  15.856  5.251   1.00 45.28 ? 19 G   A C8    1 
ATOM   395  N  N7    . G   A 1 19 ? 10.359  14.886  6.093   1.00 45.13 ? 19 G   A N7    1 
ATOM   396  C  C5    . G   A 1 19 ? 9.150   15.237  6.674   1.00 44.30 ? 19 G   A C5    1 
ATOM   397  C  C6    . G   A 1 19 ? 8.385   14.574  7.660   1.00 43.98 ? 19 G   A C6    1 
ATOM   398  O  O6    . G   A 1 19 ? 8.630   13.518  8.239   1.00 42.57 ? 19 G   A O6    1 
ATOM   399  N  N1    . G   A 1 19 ? 7.224   15.271  7.959   1.00 43.21 ? 19 G   A N1    1 
ATOM   400  C  C2    . G   A 1 19 ? 6.846   16.463  7.385   1.00 45.08 ? 19 G   A C2    1 
ATOM   401  N  N2    . G   A 1 19 ? 5.688   16.988  7.826   1.00 43.64 ? 19 G   A N2    1 
ATOM   402  N  N3    . G   A 1 19 ? 7.549   17.091  6.459   1.00 43.53 ? 19 G   A N3    1 
ATOM   403  C  C4    . G   A 1 19 ? 8.683   16.424  6.157   1.00 45.05 ? 19 G   A C4    1 
ATOM   404  P  P     . C   A 1 20 ? 12.870  20.941  6.204   1.00 52.91 ? 20 C   A P     1 
ATOM   405  O  OP1   . C   A 1 20 ? 13.460  22.283  5.987   1.00 55.03 ? 20 C   A OP1   1 
ATOM   406  O  OP2   . C   A 1 20 ? 13.733  19.827  6.659   1.00 52.68 ? 20 C   A OP2   1 
ATOM   407  O  "O5'" . C   A 1 20 ? 11.660  21.077  7.228   1.00 51.12 ? 20 C   A "O5'" 1 
ATOM   408  C  "C5'" . C   A 1 20 ? 10.679  22.095  7.060   1.00 53.51 ? 20 C   A "C5'" 1 
ATOM   409  C  "C4'" . C   A 1 20 ? 9.554   21.905  8.049   1.00 55.16 ? 20 C   A "C4'" 1 
ATOM   410  O  "O4'" . C   A 1 20 ? 8.872   20.647  7.786   1.00 54.98 ? 20 C   A "O4'" 1 
ATOM   411  C  "C3'" . C   A 1 20 ? 9.963   21.780  9.504   1.00 55.90 ? 20 C   A "C3'" 1 
ATOM   412  O  "O3'" . C   A 1 20 ? 10.250  23.031  10.111  1.00 58.53 ? 20 C   A "O3'" 1 
ATOM   413  C  "C2'" . C   A 1 20 ? 8.745   21.100  10.110  1.00 55.34 ? 20 C   A "C2'" 1 
ATOM   414  O  "O2'" . C   A 1 20 ? 7.660   21.982  10.301  1.00 56.46 ? 20 C   A "O2'" 1 
ATOM   415  C  "C1'" . C   A 1 20 ? 8.388   20.103  9.009   1.00 53.44 ? 20 C   A "C1'" 1 
ATOM   416  N  N1    . C   A 1 20 ? 9.041   18.804  9.242   1.00 49.95 ? 20 C   A N1    1 
ATOM   417  C  C2    . C   A 1 20 ? 8.387   17.870  10.040  1.00 47.92 ? 20 C   A C2    1 
ATOM   418  O  O2    . C   A 1 20 ? 7.282   18.158  10.502  1.00 46.85 ? 20 C   A O2    1 
ATOM   419  N  N3    . C   A 1 20 ? 8.976   16.681  10.291  1.00 46.73 ? 20 C   A N3    1 
ATOM   420  C  C4    . C   A 1 20 ? 10.175  16.405  9.777   1.00 46.97 ? 20 C   A C4    1 
ATOM   421  N  N4    . C   A 1 20 ? 10.722  15.222  10.075  1.00 43.77 ? 20 C   A N4    1 
ATOM   422  C  C5    . C   A 1 20 ? 10.868  17.336  8.939   1.00 47.89 ? 20 C   A C5    1 
ATOM   423  C  C6    . C   A 1 20 ? 10.267  18.515  8.701   1.00 49.58 ? 20 C   A C6    1 
ATOM   424  P  P     . A   A 1 21 ? 11.271  23.090  11.355  1.00 60.91 ? 21 A   A P     1 
ATOM   425  O  OP1   . A   A 1 21 ? 11.508  24.517  11.699  1.00 61.57 ? 21 A   A OP1   1 
ATOM   426  O  OP2   . A   A 1 21 ? 12.435  22.216  11.013  1.00 59.94 ? 21 A   A OP2   1 
ATOM   427  O  "O5'" . A   A 1 21 ? 10.464  22.423  12.557  1.00 58.73 ? 21 A   A "O5'" 1 
ATOM   428  C  "C5'" . A   A 1 21 ? 9.316   23.084  13.109  1.00 57.53 ? 21 A   A "C5'" 1 
ATOM   429  C  "C4'" . A   A 1 21 ? 8.676   22.236  14.180  1.00 57.72 ? 21 A   A "C4'" 1 
ATOM   430  O  "O4'" . A   A 1 21 ? 8.184   21.003  13.597  1.00 57.11 ? 21 A   A "O4'" 1 
ATOM   431  C  "C3'" . A   A 1 21 ? 9.565   21.769  15.321  1.00 57.86 ? 21 A   A "C3'" 1 
ATOM   432  O  "O3'" . A   A 1 21 ? 9.730   22.761  16.326  1.00 59.74 ? 21 A   A "O3'" 1 
ATOM   433  C  "C2'" . A   A 1 21 ? 8.775   20.588  15.858  1.00 57.62 ? 21 A   A "C2'" 1 
ATOM   434  O  "O2'" . A   A 1 21 ? 7.677   21.004  16.642  1.00 58.12 ? 21 A   A "O2'" 1 
ATOM   435  C  "C1'" . A   A 1 21 ? 8.262   19.960  14.559  1.00 56.34 ? 21 A   A "C1'" 1 
ATOM   436  N  N9    . A   A 1 21 ? 9.167   18.935  14.034  1.00 55.10 ? 21 A   A N9    1 
ATOM   437  C  C8    . A   A 1 21 ? 10.061  19.076  13.001  1.00 55.19 ? 21 A   A C8    1 
ATOM   438  N  N7    . A   A 1 21 ? 10.726  17.981  12.727  1.00 54.81 ? 21 A   A N7    1 
ATOM   439  C  C5    . A   A 1 21 ? 10.243  17.058  13.644  1.00 53.18 ? 21 A   A C5    1 
ATOM   440  C  C6    . A   A 1 21 ? 10.540  15.700  13.863  1.00 52.26 ? 21 A   A C6    1 
ATOM   441  N  N6    . A   A 1 21 ? 11.421  15.009  13.138  1.00 51.85 ? 21 A   A N6    1 
ATOM   442  N  N1    . A   A 1 21 ? 9.887   15.067  14.859  1.00 51.13 ? 21 A   A N1    1 
ATOM   443  C  C2    . A   A 1 21 ? 8.990   15.760  15.575  1.00 51.22 ? 21 A   A C2    1 
ATOM   444  N  N3    . A   A 1 21 ? 8.618   17.032  15.457  1.00 51.59 ? 21 A   A N3    1 
ATOM   445  C  C4    . A   A 1 21 ? 9.289   17.633  14.462  1.00 52.97 ? 21 A   A C4    1 
ATOM   446  P  P     . A   A 1 22 ? 11.050  22.754  17.246  1.00 61.03 ? 22 A   A P     1 
ATOM   447  O  OP1   . A   A 1 22 ? 10.951  23.886  18.198  1.00 62.62 ? 22 A   A OP1   1 
ATOM   448  O  OP2   . A   A 1 22 ? 12.227  22.661  16.326  1.00 60.95 ? 22 A   A OP2   1 
ATOM   449  O  "O5'" . A   A 1 22 ? 10.917  21.429  18.121  1.00 60.37 ? 22 A   A "O5'" 1 
ATOM   450  C  "C5'" . A   A 1 22 ? 9.984   21.378  19.213  1.00 60.23 ? 22 A   A "C5'" 1 
ATOM   451  C  "C4'" . A   A 1 22 ? 10.065  20.046  19.918  1.00 60.47 ? 22 A   A "C4'" 1 
ATOM   452  O  "O4'" . A   A 1 22 ? 9.649   18.988  19.012  1.00 59.38 ? 22 A   A "O4'" 1 
ATOM   453  C  "C3'" . A   A 1 22 ? 11.454  19.613  20.349  1.00 60.25 ? 22 A   A "C3'" 1 
ATOM   454  O  "O3'" . A   A 1 22 ? 11.889  20.244  21.545  1.00 62.10 ? 22 A   A "O3'" 1 
ATOM   455  C  "C2'" . A   A 1 22 ? 11.274  18.109  20.494  1.00 59.42 ? 22 A   A "C2'" 1 
ATOM   456  O  "O2'" . A   A 1 22 ? 10.564  17.735  21.660  1.00 59.13 ? 22 A   A "O2'" 1 
ATOM   457  C  "C1'" . A   A 1 22 ? 10.411  17.812  19.270  1.00 57.83 ? 22 A   A "C1'" 1 
ATOM   458  N  N9    . A   A 1 22 ? 11.248  17.537  18.100  1.00 54.38 ? 22 A   A N9    1 
ATOM   459  C  C8    . A   A 1 22 ? 11.670  18.410  17.131  1.00 53.06 ? 22 A   A C8    1 
ATOM   460  N  N7    . A   A 1 22 ? 12.435  17.856  16.219  1.00 52.51 ? 22 A   A N7    1 
ATOM   461  C  C5    . A   A 1 22 ? 12.516  16.528  16.612  1.00 50.09 ? 22 A   A C5    1 
ATOM   462  C  C6    . A   A 1 22 ? 13.180  15.413  16.063  1.00 49.58 ? 22 A   A C6    1 
ATOM   463  N  N6    . A   A 1 22 ? 13.917  15.455  14.956  1.00 45.58 ? 22 A   A N6    1 
ATOM   464  N  N1    . A   A 1 22 ? 13.059  14.233  16.706  1.00 48.06 ? 22 A   A N1    1 
ATOM   465  C  C2    . A   A 1 22 ? 12.314  14.182  17.816  1.00 50.09 ? 22 A   A C2    1 
ATOM   466  N  N3    . A   A 1 22 ? 11.641  15.154  18.427  1.00 51.78 ? 22 A   A N3    1 
ATOM   467  C  C4    . A   A 1 22 ? 11.787  16.318  17.766  1.00 52.09 ? 22 A   A C4    1 
ATOM   468  P  P     . G   A 1 23 ? 13.454  20.543  21.750  1.00 61.50 ? 23 G   A P     1 
ATOM   469  O  OP1   . G   A 1 23 ? 13.614  21.268  23.045  1.00 61.57 ? 23 G   A OP1   1 
ATOM   470  O  OP2   . G   A 1 23 ? 13.964  21.151  20.488  1.00 60.78 ? 23 G   A OP2   1 
ATOM   471  O  "O5'" . G   A 1 23 ? 14.101  19.094  21.898  1.00 59.69 ? 23 G   A "O5'" 1 
ATOM   472  C  "C5'" . G   A 1 23 ? 13.766  18.253  23.010  1.00 56.27 ? 23 G   A "C5'" 1 
ATOM   473  C  "C4'" . G   A 1 23 ? 14.395  16.887  22.842  1.00 55.23 ? 23 G   A "C4'" 1 
ATOM   474  O  "O4'" . G   A 1 23 ? 13.902  16.268  21.623  1.00 54.60 ? 23 G   A "O4'" 1 
ATOM   475  C  "C3'" . G   A 1 23 ? 15.900  16.852  22.635  1.00 53.70 ? 23 G   A "C3'" 1 
ATOM   476  O  "O3'" . G   A 1 23 ? 16.685  17.083  23.807  1.00 56.25 ? 23 G   A "O3'" 1 
ATOM   477  C  "C2'" . G   A 1 23 ? 16.095  15.463  22.053  1.00 52.25 ? 23 G   A "C2'" 1 
ATOM   478  O  "O2'" . G   A 1 23 ? 16.043  14.452  23.030  1.00 51.82 ? 23 G   A "O2'" 1 
ATOM   479  C  "C1'" . G   A 1 23 ? 14.871  15.347  21.146  1.00 51.88 ? 23 G   A "C1'" 1 
ATOM   480  N  N9    . G   A 1 23 ? 15.210  15.671  19.765  1.00 50.68 ? 23 G   A N9    1 
ATOM   481  C  C8    . G   A 1 23 ? 15.161  16.887  19.138  1.00 49.27 ? 23 G   A C8    1 
ATOM   482  N  N7    . G   A 1 23 ? 15.597  16.843  17.907  1.00 50.32 ? 23 G   A N7    1 
ATOM   483  C  C5    . G   A 1 23 ? 15.942  15.513  17.714  1.00 48.93 ? 23 G   A C5    1 
ATOM   484  C  C6    . G   A 1 23 ? 16.483  14.853  16.583  1.00 48.52 ? 23 G   A C6    1 
ATOM   485  O  O6    . G   A 1 23 ? 16.797  15.332  15.484  1.00 48.99 ? 23 G   A O6    1 
ATOM   486  N  N1    . G   A 1 23 ? 16.659  13.492  16.824  1.00 47.81 ? 23 G   A N1    1 
ATOM   487  C  C2    . G   A 1 23 ? 16.359  12.856  18.005  1.00 47.43 ? 23 G   A C2    1 
ATOM   488  N  N2    . G   A 1 23 ? 16.574  11.536  18.066  1.00 45.07 ? 23 G   A N2    1 
ATOM   489  N  N3    . G   A 1 23 ? 15.875  13.467  19.060  1.00 48.84 ? 23 G   A N3    1 
ATOM   490  C  C4    . G   A 1 23 ? 15.689  14.778  18.846  1.00 49.06 ? 23 G   A C4    1 
ATOM   491  O  "O5'" . C   B 1 1  ? 18.526  7.879   10.691  1.00 54.52 ? 1  C   B "O5'" 1 
ATOM   492  C  "C5'" . C   B 1 1  ? 19.117  6.697   11.231  1.00 51.42 ? 1  C   B "C5'" 1 
ATOM   493  C  "C4'" . C   B 1 1  ? 19.103  6.760   12.737  1.00 50.70 ? 1  C   B "C4'" 1 
ATOM   494  O  "O4'" . C   B 1 1  ? 19.775  7.975   13.169  1.00 49.79 ? 1  C   B "O4'" 1 
ATOM   495  C  "C3'" . C   B 1 1  ? 17.719  6.854   13.357  1.00 48.83 ? 1  C   B "C3'" 1 
ATOM   496  O  "O3'" . C   B 1 1  ? 17.127  5.558   13.478  1.00 49.06 ? 1  C   B "O3'" 1 
ATOM   497  C  "C2'" . C   B 1 1  ? 18.018  7.512   14.699  1.00 47.18 ? 1  C   B "C2'" 1 
ATOM   498  O  "O2'" . C   B 1 1  ? 18.561  6.600   15.624  1.00 45.82 ? 1  C   B "O2'" 1 
ATOM   499  C  "C1'" . C   B 1 1  ? 19.115  8.510   14.309  1.00 48.32 ? 1  C   B "C1'" 1 
ATOM   500  N  N1    . C   B 1 1  ? 18.610  9.847   13.947  1.00 47.56 ? 1  C   B N1    1 
ATOM   501  C  C2    . C   B 1 1  ? 18.264  10.740  14.963  1.00 46.93 ? 1  C   B C2    1 
ATOM   502  O  O2    . C   B 1 1  ? 18.407  10.393  16.138  1.00 47.52 ? 1  C   B O2    1 
ATOM   503  N  N3    . C   B 1 1  ? 17.785  11.959  14.637  1.00 46.52 ? 1  C   B N3    1 
ATOM   504  C  C4    . C   B 1 1  ? 17.650  12.301  13.358  1.00 46.02 ? 1  C   B C4    1 
ATOM   505  N  N4    . C   B 1 1  ? 17.155  13.508  13.082  1.00 45.33 ? 1  C   B N4    1 
ATOM   506  C  C5    . C   B 1 1  ? 18.009  11.417  12.300  1.00 47.17 ? 1  C   B C5    1 
ATOM   507  C  C6    . C   B 1 1  ? 18.478  10.209  12.637  1.00 48.20 ? 1  C   B C6    1 
ATOM   508  P  P     . U   B 1 2  ? 15.528  5.390   13.362  1.00 50.87 ? 2  U   B P     1 
ATOM   509  O  OP1   . U   B 1 2  ? 15.234  3.925   13.320  1.00 50.53 ? 2  U   B OP1   1 
ATOM   510  O  OP2   . U   B 1 2  ? 15.011  6.262   12.275  1.00 46.01 ? 2  U   B OP2   1 
ATOM   511  O  "O5'" . U   B 1 2  ? 15.001  5.989   14.734  1.00 44.80 ? 2  U   B "O5'" 1 
ATOM   512  C  "C5'" . U   B 1 2  ? 15.296  5.353   15.974  1.00 44.25 ? 2  U   B "C5'" 1 
ATOM   513  C  "C4'" . U   B 1 2  ? 14.643  6.109   17.103  1.00 43.53 ? 2  U   B "C4'" 1 
ATOM   514  O  "O4'" . U   B 1 2  ? 15.304  7.389   17.292  1.00 42.60 ? 2  U   B "O4'" 1 
ATOM   515  C  "C3'" . U   B 1 2  ? 13.192  6.499   16.875  1.00 42.67 ? 2  U   B "C3'" 1 
ATOM   516  O  "O3'" . U   B 1 2  ? 12.290  5.428   17.112  1.00 42.93 ? 2  U   B "O3'" 1 
ATOM   517  C  "C2'" . U   B 1 2  ? 13.013  7.633   17.876  1.00 41.47 ? 2  U   B "C2'" 1 
ATOM   518  O  "O2'" . U   B 1 2  ? 12.865  7.176   19.202  1.00 41.75 ? 2  U   B "O2'" 1 
ATOM   519  C  "C1'" . U   B 1 2  ? 14.357  8.350   17.747  1.00 42.09 ? 2  U   B "C1'" 1 
ATOM   520  N  N1    . U   B 1 2  ? 14.305  9.454   16.777  1.00 41.19 ? 2  U   B N1    1 
ATOM   521  C  C2    . U   B 1 2  ? 13.868  10.672  17.236  1.00 39.86 ? 2  U   B C2    1 
ATOM   522  O  O2    . U   B 1 2  ? 13.494  10.841  18.367  1.00 42.54 ? 2  U   B O2    1 
ATOM   523  N  N3    . U   B 1 2  ? 13.884  11.683  16.317  1.00 39.80 ? 2  U   B N3    1 
ATOM   524  C  C4    . U   B 1 2  ? 14.286  11.603  15.005  1.00 42.03 ? 2  U   B C4    1 
ATOM   525  O  O4    . U   B 1 2  ? 14.283  12.618  14.307  1.00 40.95 ? 2  U   B O4    1 
ATOM   526  C  C5    . U   B 1 2  ? 14.700  10.295  14.593  1.00 43.08 ? 2  U   B C5    1 
ATOM   527  C  C6    . U   B 1 2  ? 14.689  9.289   15.475  1.00 40.06 ? 2  U   B C6    1 
HETATM 528  N  N1    . OMU B 1 3  ? 9.774   10.579  17.101  1.00 45.62 ? 3  OMU B N1    1 
HETATM 529  C  C2    . OMU B 1 3  ? 9.599   11.935  16.835  1.00 44.78 ? 3  OMU B C2    1 
HETATM 530  N  N3    . OMU B 1 3  ? 10.200  12.386  15.685  1.00 43.38 ? 3  OMU B N3    1 
HETATM 531  C  C4    . OMU B 1 3  ? 10.931  11.637  14.775  1.00 42.22 ? 3  OMU B C4    1 
HETATM 532  C  C5    . OMU B 1 3  ? 11.061  10.251  15.114  1.00 42.45 ? 3  OMU B C5    1 
HETATM 533  C  C6    . OMU B 1 3  ? 10.496  9.780   16.241  1.00 43.50 ? 3  OMU B C6    1 
HETATM 534  O  O2    . OMU B 1 3  ? 8.948   12.676  17.562  1.00 44.26 ? 3  OMU B O2    1 
HETATM 535  O  O4    . OMU B 1 3  ? 11.398  12.186  13.768  1.00 41.46 ? 3  OMU B O4    1 
HETATM 536  C  "C1'" . OMU B 1 3  ? 9.156   10.047  18.325  1.00 45.29 ? 3  OMU B "C1'" 1 
HETATM 537  C  "C2'" . OMU B 1 3  ? 7.680   9.697   18.123  1.00 46.33 ? 3  OMU B "C2'" 1 
HETATM 538  O  "O2'" . OMU B 1 3  ? 6.971   9.879   19.333  1.00 48.32 ? 3  OMU B "O2'" 1 
HETATM 539  C  CM2   . OMU B 1 3  ? 5.614   9.553   19.149  1.00 52.03 ? 3  OMU B CM2   1 
HETATM 540  C  "C3'" . OMU B 1 3  ? 7.790   8.234   17.743  1.00 45.10 ? 3  OMU B "C3'" 1 
HETATM 541  C  "C4'" . OMU B 1 3  ? 8.867   7.741   18.692  1.00 43.71 ? 3  OMU B "C4'" 1 
HETATM 542  O  "O3'" . OMU B 1 3  ? 6.559   7.550   17.873  1.00 45.45 ? 3  OMU B "O3'" 1 
HETATM 543  O  "O4'" . OMU B 1 3  ? 9.818   8.840   18.688  1.00 44.83 ? 3  OMU B "O4'" 1 
HETATM 544  C  "C5'" . OMU B 1 3  ? 9.568   6.456   18.296  1.00 43.91 ? 3  OMU B "C5'" 1 
HETATM 545  O  "O5'" . OMU B 1 3  ? 10.032  6.536   16.940  1.00 43.33 ? 3  OMU B "O5'" 1 
HETATM 546  P  P     . OMU B 1 3  ? 10.903  5.368   16.296  1.00 44.68 ? 3  OMU B P     1 
HETATM 547  O  OP1   . OMU B 1 3  ? 10.268  4.058   16.597  1.00 47.47 ? 3  OMU B OP1   1 
HETATM 548  O  OP2   . OMU B 1 3  ? 11.162  5.734   14.901  1.00 42.27 ? 3  OMU B OP2   1 
ATOM   549  P  P     . G   B 1 4  ? 5.598   7.438   16.598  1.00 49.01 ? 4  G   B P     1 
ATOM   550  O  OP1   . G   B 1 4  ? 4.411   6.626   16.977  1.00 45.30 ? 4  G   B OP1   1 
ATOM   551  O  OP2   . G   B 1 4  ? 6.436   7.016   15.447  1.00 47.79 ? 4  G   B OP2   1 
ATOM   552  O  "O5'" . G   B 1 4  ? 5.138   8.945   16.361  1.00 46.55 ? 4  G   B "O5'" 1 
ATOM   553  C  "C5'" . G   B 1 4  ? 4.333   9.602   17.351  1.00 46.57 ? 4  G   B "C5'" 1 
ATOM   554  C  "C4'" . G   B 1 4  ? 4.095   11.029  16.969  1.00 46.44 ? 4  G   B "C4'" 1 
ATOM   555  O  "O4'" . G   B 1 4  ? 5.364   11.710  16.903  1.00 46.35 ? 4  G   B "O4'" 1 
ATOM   556  C  "C3'" . G   B 1 4  ? 3.492   11.286  15.597  1.00 46.77 ? 4  G   B "C3'" 1 
ATOM   557  O  "O3'" . G   B 1 4  ? 2.080   11.087  15.578  1.00 48.32 ? 4  G   B "O3'" 1 
ATOM   558  C  "C2'" . G   B 1 4  ? 3.863   12.742  15.383  1.00 47.74 ? 4  G   B "C2'" 1 
ATOM   559  O  "O2'" . G   B 1 4  ? 3.060   13.630  16.136  1.00 47.32 ? 4  G   B "O2'" 1 
ATOM   560  C  "C1'" . G   B 1 4  ? 5.278   12.761  15.959  1.00 46.50 ? 4  G   B "C1'" 1 
ATOM   561  N  N9    . G   B 1 4  ? 6.280   12.544  14.922  1.00 45.04 ? 4  G   B N9    1 
ATOM   562  C  C8    . G   B 1 4  ? 6.968   11.391  14.631  1.00 43.55 ? 4  G   B C8    1 
ATOM   563  N  N7    . G   B 1 4  ? 7.795   11.531  13.627  1.00 43.87 ? 4  G   B N7    1 
ATOM   564  C  C5    . G   B 1 4  ? 7.641   12.859  13.241  1.00 43.07 ? 4  G   B C5    1 
ATOM   565  C  C6    . G   B 1 4  ? 8.273   13.603  12.210  1.00 41.59 ? 4  G   B C6    1 
ATOM   566  O  O6    . G   B 1 4  ? 9.111   13.226  11.397  1.00 40.79 ? 4  G   B O6    1 
ATOM   567  N  N1    . G   B 1 4  ? 7.821   14.919  12.175  1.00 40.90 ? 4  G   B N1    1 
ATOM   568  C  C2    . G   B 1 4  ? 6.872   15.445  13.014  1.00 42.81 ? 4  G   B C2    1 
ATOM   569  N  N2    . G   B 1 4  ? 6.547   16.726  12.818  1.00 45.16 ? 4  G   B N2    1 
ATOM   570  N  N3    . G   B 1 4  ? 6.278   14.764  13.972  1.00 41.91 ? 4  G   B N3    1 
ATOM   571  C  C4    . G   B 1 4  ? 6.709   13.490  14.030  1.00 43.64 ? 4  G   B C4    1 
ATOM   572  P  P     . C   B 1 5  ? 1.343   10.731  14.192  1.00 47.56 ? 5  C   B P     1 
ATOM   573  O  OP1   . C   B 1 5  ? -0.071  10.359  14.512  1.00 48.05 ? 5  C   B OP1   1 
ATOM   574  O  OP2   . C   B 1 5  ? 2.185   9.787   13.419  1.00 48.42 ? 5  C   B OP2   1 
ATOM   575  O  "O5'" . C   B 1 5  ? 1.326   12.107  13.399  1.00 45.42 ? 5  C   B "O5'" 1 
ATOM   576  C  "C5'" . C   B 1 5  ? 0.577   13.218  13.894  1.00 46.82 ? 5  C   B "C5'" 1 
ATOM   577  C  "C4'" . C   B 1 5  ? 0.803   14.426  13.020  1.00 46.28 ? 5  C   B "C4'" 1 
ATOM   578  O  "O4'" . C   B 1 5  ? 2.194   14.820  13.101  1.00 44.05 ? 5  C   B "O4'" 1 
ATOM   579  C  "C3'" . C   B 1 5  ? 0.564   14.218  11.535  1.00 47.02 ? 5  C   B "C3'" 1 
ATOM   580  O  "O3'" . C   B 1 5  ? -0.807  14.320  11.192  1.00 50.15 ? 5  C   B "O3'" 1 
ATOM   581  C  "C2'" . C   B 1 5  ? 1.401   15.330  10.917  1.00 47.10 ? 5  C   B "C2'" 1 
ATOM   582  O  "O2'" . C   B 1 5  ? 0.762   16.590  10.970  1.00 47.63 ? 5  C   B "O2'" 1 
ATOM   583  C  "C1'" . C   B 1 5  ? 2.617   15.328  11.847  1.00 44.93 ? 5  C   B "C1'" 1 
ATOM   584  N  N1    . C   B 1 5  ? 3.697   14.468  11.353  1.00 42.32 ? 5  C   B N1    1 
ATOM   585  C  C2    . C   B 1 5  ? 4.618   14.991  10.450  1.00 42.92 ? 5  C   B C2    1 
ATOM   586  O  O2    . C   B 1 5  ? 4.494   16.163  10.081  1.00 43.06 ? 5  C   B O2    1 
ATOM   587  N  N3    . C   B 1 5  ? 5.616   14.203  9.988   1.00 41.60 ? 5  C   B N3    1 
ATOM   588  C  C4    . C   B 1 5  ? 5.702   12.937  10.394  1.00 40.10 ? 5  C   B C4    1 
ATOM   589  N  N4    . C   B 1 5  ? 6.681   12.188  9.896   1.00 40.87 ? 5  C   B N4    1 
ATOM   590  C  C5    . C   B 1 5  ? 4.782   12.379  11.322  1.00 40.72 ? 5  C   B C5    1 
ATOM   591  C  C6    . C   B 1 5  ? 3.800   13.172  11.771  1.00 43.21 ? 5  C   B C6    1 
ATOM   592  P  P     . U   B 1 6  ? -1.392  13.400  10.019  1.00 51.78 ? 6  U   B P     1 
ATOM   593  O  OP1   . U   B 1 6  ? -2.842  13.656  9.904   1.00 51.95 ? 6  U   B OP1   1 
ATOM   594  O  OP2   . U   B 1 6  ? -0.912  12.022  10.296  1.00 52.33 ? 6  U   B OP2   1 
ATOM   595  O  "O5'" . U   B 1 6  ? -0.652  13.944  8.720   1.00 50.42 ? 6  U   B "O5'" 1 
ATOM   596  C  "C5'" . U   B 1 6  ? -0.907  15.272  8.246   1.00 49.49 ? 6  U   B "C5'" 1 
ATOM   597  C  "C4'" . U   B 1 6  ? 0.077   15.664  7.168   1.00 48.90 ? 6  U   B "C4'" 1 
ATOM   598  O  "O4'" . U   B 1 6  ? 1.432   15.638  7.689   1.00 46.97 ? 6  U   B "O4'" 1 
ATOM   599  C  "C3'" . U   B 1 6  ? 0.176   14.805  5.918   1.00 47.95 ? 6  U   B "C3'" 1 
ATOM   600  O  "O3'" . U   B 1 6  ? -0.893  15.032  5.000   1.00 48.56 ? 6  U   B "O3'" 1 
ATOM   601  C  "C2'" . U   B 1 6  ? 1.494   15.300  5.343   1.00 47.19 ? 6  U   B "C2'" 1 
ATOM   602  O  "O2'" . U   B 1 6  ? 1.361   16.567  4.738   1.00 47.65 ? 6  U   B "O2'" 1 
ATOM   603  C  "C1'" . U   B 1 6  ? 2.339   15.448  6.611   1.00 47.39 ? 6  U   B "C1'" 1 
ATOM   604  N  N1    . U   B 1 6  ? 3.160   14.247  6.852   1.00 45.70 ? 6  U   B N1    1 
ATOM   605  C  C2    . U   B 1 6  ? 4.327   14.137  6.113   1.00 45.35 ? 6  U   B C2    1 
ATOM   606  O  O2    . U   B 1 6  ? 4.697   15.008  5.349   1.00 46.23 ? 6  U   B O2    1 
ATOM   607  N  N3    . U   B 1 6  ? 5.041   12.978  6.306   1.00 43.61 ? 6  U   B N3    1 
ATOM   608  C  C4    . U   B 1 6  ? 4.716   11.936  7.152   1.00 43.08 ? 6  U   B C4    1 
ATOM   609  O  O4    . U   B 1 6  ? 5.422   10.929  7.166   1.00 39.77 ? 6  U   B O4    1 
ATOM   610  C  C5    . U   B 1 6  ? 3.511   12.136  7.908   1.00 42.95 ? 6  U   B C5    1 
ATOM   611  C  C6    . U   B 1 6  ? 2.792   13.262  7.738   1.00 43.40 ? 6  U   B C6    1 
ATOM   612  P  P     . G   B 1 7  ? -1.179  13.961  3.821   1.00 48.36 ? 7  G   B P     1 
ATOM   613  O  OP1   . G   B 1 7  ? -2.396  14.355  3.067   1.00 48.37 ? 7  G   B OP1   1 
ATOM   614  O  OP2   . G   B 1 7  ? -1.104  12.610  4.420   1.00 46.60 ? 7  G   B OP2   1 
ATOM   615  O  "O5'" . G   B 1 7  ? 0.069   14.134  2.853   1.00 47.01 ? 7  G   B "O5'" 1 
ATOM   616  C  "C5'" . G   B 1 7  ? 0.253   15.330  2.109   1.00 45.46 ? 7  G   B "C5'" 1 
ATOM   617  C  "C4'" . G   B 1 7  ? 1.462   15.195  1.229   1.00 46.51 ? 7  G   B "C4'" 1 
ATOM   618  O  "O4'" . G   B 1 7  ? 2.641   15.006  2.049   1.00 44.58 ? 7  G   B "O4'" 1 
ATOM   619  C  "C3'" . G   B 1 7  ? 1.472   13.980  0.319   1.00 45.94 ? 7  G   B "C3'" 1 
ATOM   620  O  "O3'" . G   B 1 7  ? 0.699   14.209  -0.852  1.00 46.76 ? 7  G   B "O3'" 1 
ATOM   621  C  "C2'" . G   B 1 7  ? 2.958   13.841  0.007   1.00 44.79 ? 7  G   B "C2'" 1 
ATOM   622  O  "O2'" . G   B 1 7  ? 3.398   14.786  -0.941  1.00 46.58 ? 7  G   B "O2'" 1 
ATOM   623  C  "C1'" . G   B 1 7  ? 3.583   14.212  1.352   1.00 44.14 ? 7  G   B "C1'" 1 
ATOM   624  N  N9    . G   B 1 7  ? 3.901   13.049  2.176   1.00 43.95 ? 7  G   B N9    1 
ATOM   625  C  C8    . G   B 1 7  ? 3.137   12.514  3.183   1.00 42.24 ? 7  G   B C8    1 
ATOM   626  N  N7    . G   B 1 7  ? 3.687   11.475  3.746   1.00 41.36 ? 7  G   B N7    1 
ATOM   627  C  C5    . G   B 1 7  ? 4.884   11.308  3.064   1.00 41.64 ? 7  G   B C5    1 
ATOM   628  C  C6    . G   B 1 7  ? 5.907   10.339  3.234   1.00 41.02 ? 7  G   B C6    1 
ATOM   629  O  O6    . G   B 1 7  ? 5.956   9.411   4.043   1.00 45.53 ? 7  G   B O6    1 
ATOM   630  N  N1    . G   B 1 7  ? 6.950   10.533  2.339   1.00 39.66 ? 7  G   B N1    1 
ATOM   631  C  C2    . G   B 1 7  ? 7.001   11.531  1.397   1.00 40.24 ? 7  G   B C2    1 
ATOM   632  N  N2    . G   B 1 7  ? 8.086   11.551  0.623   1.00 38.39 ? 7  G   B N2    1 
ATOM   633  N  N3    . G   B 1 7  ? 6.049   12.444  1.228   1.00 40.91 ? 7  G   B N3    1 
ATOM   634  C  C4    . G   B 1 7  ? 5.031   12.272  2.092   1.00 40.46 ? 7  G   B C4    1 
ATOM   635  P  P     . A   B 1 8  ? -0.533  13.238  -1.187  1.00 47.84 ? 8  A   B P     1 
ATOM   636  O  OP1   . A   B 1 8  ? -1.769  13.888  -0.691  1.00 48.20 ? 8  A   B OP1   1 
ATOM   637  O  OP2   . A   B 1 8  ? -0.174  11.892  -0.701  1.00 45.16 ? 8  A   B OP2   1 
ATOM   638  O  "O5'" . A   B 1 8  ? -0.554  13.171  -2.776  1.00 45.59 ? 8  A   B "O5'" 1 
ATOM   639  C  "C5'" . A   B 1 8  ? 0.227   12.176  -3.468  1.00 43.02 ? 8  A   B "C5'" 1 
ATOM   640  C  "C4'" . A   B 1 8  ? -0.677  11.086  -4.000  1.00 39.91 ? 8  A   B "C4'" 1 
ATOM   641  O  "O4'" . A   B 1 8  ? -1.559  11.644  -5.003  1.00 39.80 ? 8  A   B "O4'" 1 
ATOM   642  C  "C3'" . A   B 1 8  ? 0.026   9.922   -4.691  1.00 38.27 ? 8  A   B "C3'" 1 
ATOM   643  O  "O3'" . A   B 1 8  ? 0.333   8.935   -3.700  1.00 36.93 ? 8  A   B "O3'" 1 
ATOM   644  C  "C2'" . A   B 1 8  ? -1.054  9.387   -5.624  1.00 36.66 ? 8  A   B "C2'" 1 
ATOM   645  O  "O2'" . A   B 1 8  ? -1.958  8.578   -4.929  1.00 35.40 ? 8  A   B "O2'" 1 
ATOM   646  C  "C1'" . A   B 1 8  ? -1.828  10.663  -5.984  1.00 38.03 ? 8  A   B "C1'" 1 
ATOM   647  N  N9    . A   B 1 8  ? -1.583  11.231  -7.306  1.00 34.82 ? 8  A   B N9    1 
ATOM   648  C  C8    . A   B 1 8  ? -1.120  12.485  -7.603  1.00 31.44 ? 8  A   B C8    1 
ATOM   649  N  N7    . A   B 1 8  ? -1.076  12.737  -8.883  1.00 33.64 ? 8  A   B N7    1 
ATOM   650  C  C5    . A   B 1 8  ? -1.517  11.562  -9.474  1.00 31.73 ? 8  A   B C5    1 
ATOM   651  C  C6    . A   B 1 8  ? -1.731  11.201  -10.819 1.00 31.10 ? 8  A   B C6    1 
ATOM   652  N  N6    . A   B 1 8  ? -1.528  12.023  -11.846 1.00 33.63 ? 8  A   B N6    1 
ATOM   653  N  N1    . A   B 1 8  ? -2.181  9.952   -11.071 1.00 32.41 ? 8  A   B N1    1 
ATOM   654  C  C2    . A   B 1 8  ? -2.412  9.133   -10.031 1.00 29.64 ? 8  A   B C2    1 
ATOM   655  N  N3    . A   B 1 8  ? -2.270  9.367   -8.726  1.00 32.00 ? 8  A   B N3    1 
ATOM   656  C  C4    . A   B 1 8  ? -1.815  10.618  -8.514  1.00 32.47 ? 8  A   B C4    1 
ATOM   657  P  P     . A   B 1 9  ? 1.753   8.181   -3.716  1.00 36.38 ? 9  A   B P     1 
ATOM   658  O  OP1   . A   B 1 9  ? 1.756   7.274   -2.530  1.00 34.75 ? 9  A   B OP1   1 
ATOM   659  O  OP2   . A   B 1 9  ? 2.804   9.201   -3.843  1.00 35.70 ? 9  A   B OP2   1 
ATOM   660  O  "O5'" . A   B 1 9  ? 1.723   7.305   -5.061  1.00 38.05 ? 9  A   B "O5'" 1 
ATOM   661  C  "C5'" . A   B 1 9  ? 0.989   6.041   -5.135  1.00 36.97 ? 9  A   B "C5'" 1 
ATOM   662  C  "C4'" . A   B 1 9  ? 1.049   5.469   -6.544  1.00 37.94 ? 9  A   B "C4'" 1 
ATOM   663  O  "O4'" . A   B 1 9  ? 0.298   6.320   -7.449  1.00 39.16 ? 9  A   B "O4'" 1 
ATOM   664  C  "C3'" . A   B 1 9  ? 2.443   5.408   -7.162  1.00 39.48 ? 9  A   B "C3'" 1 
ATOM   665  O  "O3'" . A   B 1 9  ? 3.108   4.202   -6.814  1.00 39.15 ? 9  A   B "O3'" 1 
ATOM   666  C  "C2'" . A   B 1 9  ? 2.154   5.421   -8.656  1.00 39.55 ? 9  A   B "C2'" 1 
ATOM   667  O  "O2'" . A   B 1 9  ? 1.849   4.145   -9.175  1.00 40.75 ? 9  A   B "O2'" 1 
ATOM   668  C  "C1'" . A   B 1 9  ? 0.909   6.308   -8.727  1.00 38.00 ? 9  A   B "C1'" 1 
ATOM   669  N  N9    . A   B 1 9  ? 1.195   7.683   -9.126  1.00 37.14 ? 9  A   B N9    1 
ATOM   670  C  C8    . A   B 1 9  ? 1.714   8.688   -8.348  1.00 37.06 ? 9  A   B C8    1 
ATOM   671  N  N7    . A   B 1 9  ? 1.859   9.819   -8.982  1.00 36.51 ? 9  A   B N7    1 
ATOM   672  C  C5    . A   B 1 9  ? 1.409   9.549   -10.264 1.00 34.52 ? 9  A   B C5    1 
ATOM   673  C  C6    . A   B 1 9  ? 1.318   10.343  -11.420 1.00 35.41 ? 9  A   B C6    1 
ATOM   674  N  N6    . A   B 1 9  ? 1.724   11.617  -11.482 1.00 37.05 ? 9  A   B N6    1 
ATOM   675  N  N1    . A   B 1 9  ? 0.802   9.777   -12.531 1.00 35.94 ? 9  A   B N1    1 
ATOM   676  C  C2    . A   B 1 9  ? 0.437   8.490   -12.481 1.00 36.29 ? 9  A   B C2    1 
ATOM   677  N  N3    . A   B 1 9  ? 0.497   7.636   -11.466 1.00 35.22 ? 9  A   B N3    1 
ATOM   678  C  C4    . A   B 1 9  ? 0.992   8.237   -10.368 1.00 36.85 ? 9  A   B C4    1 
ATOM   679  P  P     . G   B 1 10 ? 4.010   4.147   -5.494  1.00 38.23 ? 10 G   B P     1 
ATOM   680  O  OP1   . G   B 1 10 ? 3.150   3.736   -4.354  1.00 37.43 ? 10 G   B OP1   1 
ATOM   681  O  OP2   . G   B 1 10 ? 4.753   5.409   -5.424  1.00 40.43 ? 10 G   B OP2   1 
ATOM   682  O  "O5'" . G   B 1 10 ? 5.041   2.965   -5.789  1.00 41.11 ? 10 G   B "O5'" 1 
ATOM   683  C  "C5'" . G   B 1 10 ? 6.055   3.085   -6.809  1.00 41.26 ? 10 G   B "C5'" 1 
ATOM   684  C  "C4'" . G   B 1 10 ? 7.363   2.554   -6.277  1.00 42.47 ? 10 G   B "C4'" 1 
ATOM   685  O  "O4'" . G   B 1 10 ? 7.945   3.514   -5.354  1.00 41.82 ? 10 G   B "O4'" 1 
ATOM   686  C  "C3'" . G   B 1 10 ? 7.214   1.280   -5.459  1.00 43.03 ? 10 G   B "C3'" 1 
ATOM   687  O  "O3'" . G   B 1 10 ? 7.158   0.123   -6.299  1.00 45.79 ? 10 G   B "O3'" 1 
ATOM   688  C  "C2'" . G   B 1 10 ? 8.441   1.339   -4.561  1.00 43.04 ? 10 G   B "C2'" 1 
ATOM   689  O  "O2'" . G   B 1 10 ? 9.636   0.989   -5.240  1.00 44.85 ? 10 G   B "O2'" 1 
ATOM   690  C  "C1'" . G   B 1 10 ? 8.495   2.834   -4.240  1.00 40.21 ? 10 G   B "C1'" 1 
ATOM   691  N  N9    . G   B 1 10 ? 7.688   3.189   -3.078  1.00 37.83 ? 10 G   B N9    1 
ATOM   692  C  C8    . G   B 1 10 ? 6.634   4.077   -3.061  1.00 35.16 ? 10 G   B C8    1 
ATOM   693  N  N7    . G   B 1 10 ? 6.075   4.182   -1.887  1.00 32.10 ? 10 G   B N7    1 
ATOM   694  C  C5    . G   B 1 10 ? 6.796   3.315   -1.084  1.00 34.53 ? 10 G   B C5    1 
ATOM   695  C  C6    . G   B 1 10 ? 6.634   2.994   0.262   1.00 34.46 ? 10 G   B C6    1 
ATOM   696  O  O6    . G   B 1 10 ? 5.797   3.426   1.055   1.00 36.93 ? 10 G   B O6    1 
ATOM   697  N  N1    . G   B 1 10 ? 7.577   2.064   0.686   1.00 35.87 ? 10 G   B N1    1 
ATOM   698  C  C2    . G   B 1 10 ? 8.564   1.522   -0.104  1.00 35.97 ? 10 G   B C2    1 
ATOM   699  N  N2    . G   B 1 10 ? 9.421   0.658   0.499   1.00 35.69 ? 10 G   B N2    1 
ATOM   700  N  N3    . G   B 1 10 ? 8.714   1.806   -1.378  1.00 37.10 ? 10 G   B N3    1 
ATOM   701  C  C4    . G   B 1 10 ? 7.806   2.704   -1.803  1.00 35.69 ? 10 G   B C4    1 
ATOM   702  P  P     . U   B 1 11 ? 6.146   -1.079  -5.940  1.00 49.77 ? 11 U   B P     1 
ATOM   703  O  OP1   . U   B 1 11 ? 6.102   -2.001  -7.108  1.00 48.99 ? 11 U   B OP1   1 
ATOM   704  O  OP2   . U   B 1 11 ? 4.883   -0.510  -5.421  1.00 47.44 ? 11 U   B OP2   1 
ATOM   705  O  "O5'" . U   B 1 11 ? 6.840   -1.834  -4.718  1.00 48.29 ? 11 U   B "O5'" 1 
ATOM   706  C  "C5'" . U   B 1 11 ? 8.172   -2.362  -4.839  1.00 47.88 ? 11 U   B "C5'" 1 
ATOM   707  C  "C4'" . U   B 1 11 ? 8.601   -2.994  -3.541  1.00 46.72 ? 11 U   B "C4'" 1 
ATOM   708  O  "O4'" . U   B 1 11 ? 8.783   -1.968  -2.534  1.00 45.95 ? 11 U   B "O4'" 1 
ATOM   709  C  "C3'" . U   B 1 11 ? 7.590   -3.943  -2.921  1.00 48.03 ? 11 U   B "C3'" 1 
ATOM   710  O  "O3'" . U   B 1 11 ? 7.661   -5.243  -3.494  1.00 49.62 ? 11 U   B "O3'" 1 
ATOM   711  C  "C2'" . U   B 1 11 ? 8.012   -3.945  -1.462  1.00 46.86 ? 11 U   B "C2'" 1 
ATOM   712  O  "O2'" . U   B 1 11 ? 9.130   -4.766  -1.228  1.00 49.82 ? 11 U   B "O2'" 1 
ATOM   713  C  "C1'" . U   B 1 11 ? 8.428   -2.488  -1.264  1.00 45.73 ? 11 U   B "C1'" 1 
ATOM   714  N  N1    . U   B 1 11 ? 7.362   -1.662  -0.675  1.00 43.63 ? 11 U   B N1    1 
ATOM   715  C  C2    . U   B 1 11 ? 7.091   -1.851  0.669   1.00 42.58 ? 11 U   B C2    1 
ATOM   716  O  O2    . U   B 1 11 ? 7.690   -2.654  1.354   1.00 44.79 ? 11 U   B O2    1 
ATOM   717  N  N3    . U   B 1 11 ? 6.086   -1.071  1.185   1.00 39.52 ? 11 U   B N3    1 
ATOM   718  C  C4    . U   B 1 11 ? 5.337   -0.139  0.508   1.00 38.40 ? 11 U   B C4    1 
ATOM   719  O  O4    . U   B 1 11 ? 4.466   0.479   1.114   1.00 36.73 ? 11 U   B O4    1 
ATOM   720  C  C5    . U   B 1 11 ? 5.671   0.006   -0.884  1.00 40.32 ? 11 U   B C5    1 
ATOM   721  C  C6    . U   B 1 11 ? 6.649   -0.744  -1.415  1.00 42.30 ? 11 U   B C6    1 
ATOM   722  P  P     . G   B 1 12 ? 6.355   -6.178  -3.516  1.00 53.08 ? 12 G   B P     1 
ATOM   723  O  OP1   . G   B 1 12 ? 6.615   -7.303  -4.452  1.00 51.75 ? 12 G   B OP1   1 
ATOM   724  O  OP2   . G   B 1 12 ? 5.171   -5.302  -3.727  1.00 50.72 ? 12 G   B OP2   1 
ATOM   725  O  "O5'" . G   B 1 12 ? 6.235   -6.745  -2.038  1.00 50.94 ? 12 G   B "O5'" 1 
ATOM   726  C  "C5'" . G   B 1 12 ? 7.310   -7.483  -1.443  1.00 53.43 ? 12 G   B "C5'" 1 
ATOM   727  C  "C4'" . G   B 1 12 ? 7.020   -7.709  0.015   1.00 52.07 ? 12 G   B "C4'" 1 
ATOM   728  O  "O4'" . G   B 1 12 ? 7.081   -6.438  0.720   1.00 50.57 ? 12 G   B "O4'" 1 
ATOM   729  C  "C3'" . G   B 1 12 ? 5.615   -8.200  0.292   1.00 54.09 ? 12 G   B "C3'" 1 
ATOM   730  O  "O3'" . G   B 1 12 ? 5.478   -9.598  0.099   1.00 56.65 ? 12 G   B "O3'" 1 
ATOM   731  C  "C2'" . G   B 1 12 ? 5.393   -7.769  1.733   1.00 50.99 ? 12 G   B "C2'" 1 
ATOM   732  O  "O2'" . G   B 1 12 ? 5.988   -8.636  2.668   1.00 52.61 ? 12 G   B "O2'" 1 
ATOM   733  C  "C1'" . G   B 1 12 ? 6.115   -6.421  1.755   1.00 48.51 ? 12 G   B "C1'" 1 
ATOM   734  N  N9    . G   B 1 12 ? 5.212   -5.300  1.532   1.00 45.08 ? 12 G   B N9    1 
ATOM   735  C  C8    . G   B 1 12 ? 5.044   -4.571  0.381   1.00 43.32 ? 12 G   B C8    1 
ATOM   736  N  N7    . G   B 1 12 ? 4.160   -3.621  0.503   1.00 43.22 ? 12 G   B N7    1 
ATOM   737  C  C5    . G   B 1 12 ? 3.725   -3.729  1.817   1.00 42.97 ? 12 G   B C5    1 
ATOM   738  C  C6    . G   B 1 12 ? 2.780   -2.955  2.546   1.00 42.34 ? 12 G   B C6    1 
ATOM   739  O  O6    . G   B 1 12 ? 2.122   -1.975  2.167   1.00 43.15 ? 12 G   B O6    1 
ATOM   740  N  N1    . G   B 1 12 ? 2.636   -3.422  3.845   1.00 42.64 ? 12 G   B N1    1 
ATOM   741  C  C2    . G   B 1 12 ? 3.323   -4.485  4.385   1.00 42.36 ? 12 G   B C2    1 
ATOM   742  N  N2    . G   B 1 12 ? 3.049   -4.787  5.665   1.00 42.52 ? 12 G   B N2    1 
ATOM   743  N  N3    . G   B 1 12 ? 4.215   -5.197  3.721   1.00 42.01 ? 12 G   B N3    1 
ATOM   744  C  C4    . G   B 1 12 ? 4.362   -4.768  2.456   1.00 42.67 ? 12 G   B C4    1 
ATOM   745  P  P     . C   B 1 13 ? 4.035   -10.201 -0.242  1.00 58.31 ? 13 C   B P     1 
ATOM   746  O  OP1   . C   B 1 13 ? 4.208   -11.631 -0.590  1.00 60.71 ? 13 C   B OP1   1 
ATOM   747  O  OP2   . C   B 1 13 ? 3.401   -9.277  -1.222  1.00 58.03 ? 13 C   B OP2   1 
ATOM   748  O  "O5'" . C   B 1 13 ? 3.234   -10.121 1.132   1.00 57.87 ? 13 C   B "O5'" 1 
ATOM   749  C  "C5'" . C   B 1 13 ? 3.348   -11.172 2.110   1.00 55.91 ? 13 C   B "C5'" 1 
ATOM   750  C  "C4'" . C   B 1 13 ? 2.380   -10.949 3.248   1.00 55.49 ? 13 C   B "C4'" 1 
ATOM   751  O  "O4'" . C   B 1 13 ? 2.688   -9.677  3.880   1.00 53.64 ? 13 C   B "O4'" 1 
ATOM   752  C  "C3'" . C   B 1 13 ? 0.905   -10.817 2.899   1.00 56.29 ? 13 C   B "C3'" 1 
ATOM   753  O  "O3'" . C   B 1 13 ? 0.235   -12.051 2.683   1.00 58.68 ? 13 C   B "O3'" 1 
ATOM   754  C  "C2'" . C   B 1 13 ? 0.362   -10.083 4.115   1.00 54.33 ? 13 C   B "C2'" 1 
ATOM   755  O  "O2'" . C   B 1 13 ? 0.179   -10.911 5.249   1.00 56.62 ? 13 C   B "O2'" 1 
ATOM   756  C  "C1'" . C   B 1 13 ? 1.488   -9.079  4.359   1.00 51.93 ? 13 C   B "C1'" 1 
ATOM   757  N  N1    . C   B 1 13 ? 1.231   -7.881  3.552   1.00 47.66 ? 13 C   B N1    1 
ATOM   758  C  C2    . C   B 1 13 ? 0.371   -6.920  4.050   1.00 45.73 ? 13 C   B C2    1 
ATOM   759  O  O2    . C   B 1 13 ? -0.111  -7.088  5.167   1.00 47.70 ? 13 C   B O2    1 
ATOM   760  N  N3    . C   B 1 13 ? 0.090   -5.830  3.303   1.00 43.98 ? 13 C   B N3    1 
ATOM   761  C  C4    . C   B 1 13 ? 0.651   -5.685  2.097   1.00 43.40 ? 13 C   B C4    1 
ATOM   762  N  N4    . C   B 1 13 ? 0.347   -4.595  1.383   1.00 41.42 ? 13 C   B N4    1 
ATOM   763  C  C5    . C   B 1 13 ? 1.546   -6.651  1.568   1.00 45.20 ? 13 C   B C5    1 
ATOM   764  C  C6    . C   B 1 13 ? 1.810   -7.725  2.325   1.00 46.92 ? 13 C   B C6    1 
ATOM   765  P  P     . A   B 1 14 ? -0.772  -12.193 1.438   1.00 60.49 ? 14 A   B P     1 
ATOM   766  O  OP1   . A   B 1 14 ? -0.985  -13.647 1.226   1.00 62.22 ? 14 A   B OP1   1 
ATOM   767  O  OP2   . A   B 1 14 ? -0.271  -11.353 0.317   1.00 59.53 ? 14 A   B OP2   1 
ATOM   768  O  "O5'" . A   B 1 14 ? -2.132  -11.537 1.942   1.00 57.38 ? 14 A   B "O5'" 1 
ATOM   769  C  "C5'" . A   B 1 14 ? -2.793  -12.039 3.097   1.00 54.65 ? 14 A   B "C5'" 1 
ATOM   770  C  "C4'" . A   B 1 14 ? -3.601  -10.949 3.742   1.00 54.21 ? 14 A   B "C4'" 1 
ATOM   771  O  "O4'" . A   B 1 14 ? -2.744  -9.787  3.922   1.00 51.37 ? 14 A   B "O4'" 1 
ATOM   772  C  "C3'" . A   B 1 14 ? -4.753  -10.356 2.947   1.00 54.64 ? 14 A   B "C3'" 1 
ATOM   773  O  "O3'" . A   B 1 14 ? -5.918  -11.185 2.929   1.00 56.13 ? 14 A   B "O3'" 1 
ATOM   774  C  "C2'" . A   B 1 14 ? -4.991  -9.074  3.732   1.00 52.81 ? 14 A   B "C2'" 1 
ATOM   775  O  "O2'" . A   B 1 14 ? -5.603  -9.320  4.978   1.00 53.32 ? 14 A   B "O2'" 1 
ATOM   776  C  "C1'" . A   B 1 14 ? -3.554  -8.621  3.994   1.00 50.16 ? 14 A   B "C1'" 1 
ATOM   777  N  N9    . A   B 1 14 ? -3.129  -7.671  2.967   1.00 47.55 ? 14 A   B N9    1 
ATOM   778  C  C8    . A   B 1 14 ? -2.208  -7.820  1.959   1.00 44.80 ? 14 A   B C8    1 
ATOM   779  N  N7    . A   B 1 14 ? -2.113  -6.774  1.172   1.00 43.90 ? 14 A   B N7    1 
ATOM   780  C  C5    . A   B 1 14 ? -3.013  -5.867  1.713   1.00 43.05 ? 14 A   B C5    1 
ATOM   781  C  C6    . A   B 1 14 ? -3.381  -4.561  1.344   1.00 42.77 ? 14 A   B C6    1 
ATOM   782  N  N6    . A   B 1 14 ? -2.838  -3.897  0.319   1.00 41.04 ? 14 A   B N6    1 
ATOM   783  N  N1    . A   B 1 14 ? -4.330  -3.946  2.080   1.00 42.99 ? 14 A   B N1    1 
ATOM   784  C  C2    . A   B 1 14 ? -4.849  -4.598  3.132   1.00 44.86 ? 14 A   B C2    1 
ATOM   785  N  N3    . A   B 1 14 ? -4.572  -5.815  3.587   1.00 43.27 ? 14 A   B N3    1 
ATOM   786  C  C4    . A   B 1 14 ? -3.641  -6.405  2.821   1.00 44.95 ? 14 A   B C4    1 
ATOM   787  P  P     . C   B 1 15 ? -6.926  -11.122 1.667   1.00 57.02 ? 15 C   B P     1 
ATOM   788  O  OP1   . C   B 1 15 ? -7.955  -12.180 1.870   1.00 56.99 ? 15 C   B OP1   1 
ATOM   789  O  OP2   . C   B 1 15 ? -6.120  -11.110 0.414   1.00 56.72 ? 15 C   B OP2   1 
ATOM   790  O  "O5'" . C   B 1 15 ? -7.680  -9.728  1.823   1.00 53.95 ? 15 C   B "O5'" 1 
ATOM   791  C  "C5'" . C   B 1 15 ? -8.599  -9.547  2.892   1.00 54.30 ? 15 C   B "C5'" 1 
ATOM   792  C  "C4'" . C   B 1 15 ? -9.182  -8.170  2.863   1.00 53.29 ? 15 C   B "C4'" 1 
ATOM   793  O  "O4'" . C   B 1 15 ? -8.113  -7.202  2.959   1.00 53.32 ? 15 C   B "O4'" 1 
ATOM   794  C  "C3'" . C   B 1 15 ? -9.890  -7.752  1.595   1.00 54.09 ? 15 C   B "C3'" 1 
ATOM   795  O  "O3'" . C   B 1 15 ? -11.190 -8.327  1.497   1.00 56.90 ? 15 C   B "O3'" 1 
ATOM   796  C  "C2'" . C   B 1 15 ? -9.915  -6.238  1.763   1.00 53.24 ? 15 C   B "C2'" 1 
ATOM   797  O  "O2'" . C   B 1 15 ? -10.877 -5.790  2.700   1.00 54.50 ? 15 C   B "O2'" 1 
ATOM   798  C  "C1'" . C   B 1 15 ? -8.518  -5.994  2.338   1.00 51.71 ? 15 C   B "C1'" 1 
ATOM   799  N  N1    . C   B 1 15 ? -7.561  -5.676  1.274   1.00 46.28 ? 15 C   B N1    1 
ATOM   800  C  C2    . C   B 1 15 ? -7.609  -4.415  0.710   1.00 44.90 ? 15 C   B C2    1 
ATOM   801  O  O2    . C   B 1 15 ? -8.410  -3.597  1.173   1.00 45.91 ? 15 C   B O2    1 
ATOM   802  N  N3    . C   B 1 15 ? -6.785  -4.109  -0.315  1.00 41.52 ? 15 C   B N3    1 
ATOM   803  C  C4    . C   B 1 15 ? -5.913  -5.019  -0.759  1.00 42.24 ? 15 C   B C4    1 
ATOM   804  N  N4    . C   B 1 15 ? -5.126  -4.684  -1.785  1.00 40.83 ? 15 C   B N4    1 
ATOM   805  C  C5    . C   B 1 15 ? -5.815  -6.316  -0.172  1.00 42.89 ? 15 C   B C5    1 
ATOM   806  C  C6    . C   B 1 15 ? -6.655  -6.600  0.832   1.00 44.83 ? 15 C   B C6    1 
ATOM   807  P  P     . A   B 1 16 ? -11.831 -8.608  0.046   1.00 56.99 ? 16 A   B P     1 
ATOM   808  O  OP1   . A   B 1 16 ? -13.115 -9.329  0.252   1.00 60.28 ? 16 A   B OP1   1 
ATOM   809  O  OP2   . A   B 1 16 ? -10.791 -9.198  -0.835  1.00 55.74 ? 16 A   B OP2   1 
ATOM   810  O  "O5'" . A   B 1 16 ? -12.209 -7.155  -0.475  1.00 54.85 ? 16 A   B "O5'" 1 
ATOM   811  C  "C5'" . A   B 1 16 ? -12.991 -6.286  0.348   1.00 51.13 ? 16 A   B "C5'" 1 
ATOM   812  C  "C4'" . A   B 1 16 ? -13.004 -4.906  -0.236  1.00 49.79 ? 16 A   B "C4'" 1 
ATOM   813  O  "O4'" . A   B 1 16 ? -11.672 -4.334  -0.194  1.00 49.54 ? 16 A   B "O4'" 1 
ATOM   814  C  "C3'" . A   B 1 16 ? -13.362 -4.871  -1.705  1.00 48.63 ? 16 A   B "C3'" 1 
ATOM   815  O  "O3'" . A   B 1 16 ? -14.772 -4.920  -1.866  1.00 49.31 ? 16 A   B "O3'" 1 
ATOM   816  C  "C2'" . A   B 1 16 ? -12.773 -3.542  -2.149  1.00 47.78 ? 16 A   B "C2'" 1 
ATOM   817  O  "O2'" . A   B 1 16 ? -13.618 -2.472  -1.794  1.00 46.08 ? 16 A   B "O2'" 1 
ATOM   818  C  "C1'" . A   B 1 16 ? -11.484 -3.488  -1.319  1.00 46.93 ? 16 A   B "C1'" 1 
ATOM   819  N  N9    . A   B 1 16 ? -10.305 -3.958  -2.044  1.00 44.18 ? 16 A   B N9    1 
ATOM   820  C  C8    . A   B 1 16 ? -9.623  -5.139  -1.870  1.00 43.71 ? 16 A   B C8    1 
ATOM   821  N  N7    . A   B 1 16 ? -8.605  -5.289  -2.683  1.00 42.51 ? 16 A   B N7    1 
ATOM   822  C  C5    . A   B 1 16 ? -8.612  -4.124  -3.437  1.00 41.14 ? 16 A   B C5    1 
ATOM   823  C  C6    . A   B 1 16 ? -7.789  -3.668  -4.471  1.00 39.13 ? 16 A   B C6    1 
ATOM   824  N  N6    . A   B 1 16 ? -6.745  -4.349  -4.938  1.00 38.31 ? 16 A   B N6    1 
ATOM   825  N  N1    . A   B 1 16 ? -8.076  -2.472  -5.019  1.00 37.96 ? 16 A   B N1    1 
ATOM   826  C  C2    . A   B 1 16 ? -9.128  -1.783  -4.546  1.00 40.46 ? 16 A   B C2    1 
ATOM   827  N  N3    . A   B 1 16 ? -9.971  -2.102  -3.575  1.00 38.24 ? 16 A   B N3    1 
ATOM   828  C  C4    . A   B 1 16 ? -9.657  -3.298  -3.055  1.00 41.34 ? 16 A   B C4    1 
ATOM   829  P  P     . C   B 1 17 ? -15.385 -5.582  -3.182  1.00 50.37 ? 17 C   B P     1 
ATOM   830  O  OP1   . C   B 1 17 ? -16.866 -5.465  -3.102  1.00 50.62 ? 17 C   B OP1   1 
ATOM   831  O  OP2   . C   B 1 17 ? -14.744 -6.910  -3.328  1.00 47.97 ? 17 C   B OP2   1 
ATOM   832  O  "O5'" . C   B 1 17 ? -14.871 -4.655  -4.364  1.00 47.19 ? 17 C   B "O5'" 1 
ATOM   833  C  "C5'" . C   B 1 17 ? -15.375 -3.327  -4.517  1.00 45.98 ? 17 C   B "C5'" 1 
ATOM   834  C  "C4'" . C   B 1 17 ? -14.776 -2.689  -5.736  1.00 44.46 ? 17 C   B "C4'" 1 
ATOM   835  O  "O4'" . C   B 1 17 ? -13.371 -2.424  -5.513  1.00 44.15 ? 17 C   B "O4'" 1 
ATOM   836  C  "C3'" . C   B 1 17 ? -14.783 -3.553  -6.980  1.00 45.00 ? 17 C   B "C3'" 1 
ATOM   837  O  "O3'" . C   B 1 17 ? -16.040 -3.529  -7.630  1.00 45.47 ? 17 C   B "O3'" 1 
ATOM   838  C  "C2'" . C   B 1 17 ? -13.694 -2.907  -7.816  1.00 43.09 ? 17 C   B "C2'" 1 
ATOM   839  O  "O2'" . C   B 1 17 ? -14.141 -1.721  -8.442  1.00 45.52 ? 17 C   B "O2'" 1 
ATOM   840  C  "C1'" . C   B 1 17 ? -12.665 -2.571  -6.737  1.00 43.38 ? 17 C   B "C1'" 1 
ATOM   841  N  N1    . C   B 1 17 ? -11.676 -3.649  -6.570  1.00 40.89 ? 17 C   B N1    1 
ATOM   842  C  C2    . C   B 1 17 ? -10.550 -3.646  -7.394  1.00 38.65 ? 17 C   B C2    1 
ATOM   843  O  O2    . C   B 1 17 ? -10.434 -2.746  -8.240  1.00 38.20 ? 17 C   B O2    1 
ATOM   844  N  N3    . C   B 1 17 ? -9.626  -4.618  -7.255  1.00 36.70 ? 17 C   B N3    1 
ATOM   845  C  C4    . C   B 1 17 ? -9.796  -5.572  -6.336  1.00 38.41 ? 17 C   B C4    1 
ATOM   846  N  N4    . C   B 1 17 ? -8.836  -6.496  -6.212  1.00 37.71 ? 17 C   B N4    1 
ATOM   847  C  C5    . C   B 1 17 ? -10.948 -5.613  -5.494  1.00 38.80 ? 17 C   B C5    1 
ATOM   848  C  C6    . C   B 1 17 ? -11.854 -4.635  -5.643  1.00 39.23 ? 17 C   B C6    1 
ATOM   849  P  P     . A   B 1 18 ? -16.517 -4.806  -8.477  1.00 47.84 ? 18 A   B P     1 
ATOM   850  O  OP1   . A   B 1 18 ? -17.889 -4.495  -8.977  1.00 50.07 ? 18 A   B OP1   1 
ATOM   851  O  OP2   . A   B 1 18 ? -16.289 -6.020  -7.668  1.00 46.01 ? 18 A   B OP2   1 
ATOM   852  O  "O5'" . A   B 1 18 ? -15.534 -4.837  -9.728  1.00 44.62 ? 18 A   B "O5'" 1 
ATOM   853  C  "C5'" . A   B 1 18 ? -15.581 -3.799  -10.720 1.00 45.07 ? 18 A   B "C5'" 1 
ATOM   854  C  "C4'" . A   B 1 18 ? -14.501 -4.016  -11.752 1.00 44.52 ? 18 A   B "C4'" 1 
ATOM   855  O  "O4'" . A   B 1 18 ? -13.200 -3.843  -11.135 1.00 44.27 ? 18 A   B "O4'" 1 
ATOM   856  C  "C3'" . A   B 1 18 ? -14.415 -5.407  -12.358 1.00 44.49 ? 18 A   B "C3'" 1 
ATOM   857  O  "O3'" . A   B 1 18 ? -15.357 -5.606  -13.406 1.00 46.79 ? 18 A   B "O3'" 1 
ATOM   858  C  "C2'" . A   B 1 18 ? -13.003 -5.399  -12.914 1.00 42.50 ? 18 A   B "C2'" 1 
ATOM   859  O  "O2'" . A   B 1 18 ? -12.960 -4.640  -14.105 1.00 39.98 ? 18 A   B "O2'" 1 
ATOM   860  C  "C1'" . A   B 1 18 ? -12.250 -4.668  -11.799 1.00 40.73 ? 18 A   B "C1'" 1 
ATOM   861  N  N9    . A   B 1 18 ? -11.649 -5.571  -10.812 1.00 36.16 ? 18 A   B N9    1 
ATOM   862  C  C8    . A   B 1 18 ? -12.114 -5.870  -9.564  1.00 36.16 ? 18 A   B C8    1 
ATOM   863  N  N7    . A   B 1 18 ? -11.369 -6.726  -8.908  1.00 36.32 ? 18 A   B N7    1 
ATOM   864  C  C5    . A   B 1 18 ? -10.341 -7.011  -9.788  1.00 35.85 ? 18 A   B C5    1 
ATOM   865  C  C6    . A   B 1 18 ? -9.230  -7.854  -9.696  1.00 33.80 ? 18 A   B C6    1 
ATOM   866  N  N6    . A   B 1 18 ? -8.954  -8.601  -8.637  1.00 29.81 ? 18 A   B N6    1 
ATOM   867  N  N1    . A   B 1 18 ? -8.394  -7.905  -10.750 1.00 35.05 ? 18 A   B N1    1 
ATOM   868  C  C2    . A   B 1 18 ? -8.661  -7.147  -11.814 1.00 36.26 ? 18 A   B C2    1 
ATOM   869  N  N3    . A   B 1 18 ? -9.673  -6.311  -12.021 1.00 36.03 ? 18 A   B N3    1 
ATOM   870  C  C4    . A   B 1 18 ? -10.493 -6.295  -10.961 1.00 36.25 ? 18 A   B C4    1 
ATOM   871  P  P     . G   B 1 19 ? -15.858 -7.097  -13.751 1.00 50.26 ? 19 G   B P     1 
ATOM   872  O  OP1   . G   B 1 19 ? -16.909 -6.964  -14.791 1.00 50.85 ? 19 G   B OP1   1 
ATOM   873  O  OP2   . G   B 1 19 ? -16.156 -7.805  -12.480 1.00 49.36 ? 19 G   B OP2   1 
ATOM   874  O  "O5'" . G   B 1 19 ? -14.589 -7.833  -14.390 1.00 46.71 ? 19 G   B "O5'" 1 
ATOM   875  C  "C5'" . G   B 1 19 ? -14.149 -7.516  -15.712 1.00 42.13 ? 19 G   B "C5'" 1 
ATOM   876  C  "C4'" . G   B 1 19 ? -12.801 -8.162  -16.008 1.00 40.85 ? 19 G   B "C4'" 1 
ATOM   877  O  "O4'" . G   B 1 19 ? -11.833 -7.821  -14.966 1.00 37.40 ? 19 G   B "O4'" 1 
ATOM   878  C  "C3'" . G   B 1 19 ? -12.708 -9.682  -16.071 1.00 36.12 ? 19 G   B "C3'" 1 
ATOM   879  O  "O3'" . G   B 1 19 ? -13.188 -10.153 -17.327 1.00 38.62 ? 19 G   B "O3'" 1 
ATOM   880  C  "C2'" . G   B 1 19 ? -11.196 -9.862  -15.980 1.00 36.84 ? 19 G   B "C2'" 1 
ATOM   881  O  "O2'" . G   B 1 19 ? -10.579 -9.421  -17.168 1.00 31.90 ? 19 G   B "O2'" 1 
ATOM   882  C  "C1'" . G   B 1 19 ? -10.829 -8.823  -14.924 1.00 35.62 ? 19 G   B "C1'" 1 
ATOM   883  N  N9    . G   B 1 19 ? -10.748 -9.398  -13.584 1.00 33.57 ? 19 G   B N9    1 
ATOM   884  C  C8    . G   B 1 19 ? -11.670 -9.325  -12.566 1.00 33.48 ? 19 G   B C8    1 
ATOM   885  N  N7    . G   B 1 19 ? -11.285 -9.949  -11.484 1.00 33.41 ? 19 G   B N7    1 
ATOM   886  C  C5    . G   B 1 19 ? -10.036 -10.470 -11.810 1.00 31.74 ? 19 G   B C5    1 
ATOM   887  C  C6    . G   B 1 19 ? -9.121  -11.242 -11.036 1.00 30.90 ? 19 G   B C6    1 
ATOM   888  O  O6    . G   B 1 19 ? -9.221  -11.618 -9.867  1.00 30.99 ? 19 G   B O6    1 
ATOM   889  N  N1    . G   B 1 19 ? -7.982  -11.565 -11.761 1.00 34.70 ? 19 G   B N1    1 
ATOM   890  C  C2    . G   B 1 19 ? -7.737  -11.189 -13.054 1.00 32.85 ? 19 G   B C2    1 
ATOM   891  N  N2    . G   B 1 19 ? -6.577  -11.618 -13.571 1.00 29.73 ? 19 G   B N2    1 
ATOM   892  N  N3    . G   B 1 19 ? -8.568  -10.456 -13.785 1.00 32.12 ? 19 G   B N3    1 
ATOM   893  C  C4    . G   B 1 19 ? -9.694  -10.140 -13.101 1.00 32.80 ? 19 G   B C4    1 
ATOM   894  P  P     . C   B 1 20 ? -13.668 -11.690 -17.498 1.00 39.31 ? 20 C   B P     1 
ATOM   895  O  OP1   . C   B 1 20 ? -14.364 -11.741 -18.798 1.00 39.82 ? 20 C   B OP1   1 
ATOM   896  O  OP2   . C   B 1 20 ? -14.327 -12.178 -16.280 1.00 37.63 ? 20 C   B OP2   1 
ATOM   897  O  "O5'" . C   B 1 20 ? -12.316 -12.523 -17.606 1.00 41.37 ? 20 C   B "O5'" 1 
ATOM   898  C  "C5'" . C   B 1 20 ? -11.343 -12.221 -18.606 1.00 41.83 ? 20 C   B "C5'" 1 
ATOM   899  C  "C4'" . C   B 1 20 ? -10.094 -13.019 -18.347 1.00 42.08 ? 20 C   B "C4'" 1 
ATOM   900  O  "O4'" . C   B 1 20 ? -9.478  -12.588 -17.109 1.00 42.55 ? 20 C   B "O4'" 1 
ATOM   901  C  "C3'" . C   B 1 20 ? -10.367 -14.484 -18.096 1.00 44.57 ? 20 C   B "C3'" 1 
ATOM   902  O  "O3'" . C   B 1 20 ? -10.619 -15.171 -19.307 1.00 48.61 ? 20 C   B "O3'" 1 
ATOM   903  C  "C2'" . C   B 1 20 ? -9.115  -14.922 -17.352 1.00 43.70 ? 20 C   B "C2'" 1 
ATOM   904  O  "O2'" . C   B 1 20 ? -7.985  -15.106 -18.183 1.00 45.30 ? 20 C   B "O2'" 1 
ATOM   905  C  "C1'" . C   B 1 20 ? -8.860  -13.697 -16.480 1.00 40.65 ? 20 C   B "C1'" 1 
ATOM   906  N  N1    . C   B 1 20 ? -9.419  -13.842 -15.141 1.00 40.40 ? 20 C   B N1    1 
ATOM   907  C  C2    . C   B 1 20 ? -8.664  -14.512 -14.182 1.00 39.79 ? 20 C   B C2    1 
ATOM   908  O  O2    . C   B 1 20 ? -7.567  -14.986 -14.514 1.00 41.81 ? 20 C   B O2    1 
ATOM   909  N  N3    . C   B 1 20 ? -9.140  -14.629 -12.924 1.00 38.98 ? 20 C   B N3    1 
ATOM   910  C  C4    . C   B 1 20 ? -10.324 -14.097 -12.613 1.00 38.19 ? 20 C   B C4    1 
ATOM   911  N  N4    . C   B 1 20 ? -10.738 -14.198 -11.354 1.00 37.33 ? 20 C   B N4    1 
ATOM   912  C  C5    . C   B 1 20 ? -11.129 -13.428 -13.581 1.00 38.85 ? 20 C   B C5    1 
ATOM   913  C  C6    . C   B 1 20 ? -10.646 -13.327 -14.823 1.00 37.82 ? 20 C   B C6    1 
ATOM   914  P  P     . A   B 1 21 ? -11.357 -16.593 -19.264 1.00 53.06 ? 21 A   B P     1 
ATOM   915  O  OP1   . A   B 1 21 ? -11.810 -16.926 -20.641 1.00 53.76 ? 21 A   B OP1   1 
ATOM   916  O  OP2   . A   B 1 21 ? -12.341 -16.606 -18.148 1.00 50.71 ? 21 A   B OP2   1 
ATOM   917  O  "O5'" . A   B 1 21 ? -10.176 -17.575 -18.865 1.00 52.59 ? 21 A   B "O5'" 1 
ATOM   918  C  "C5'" . A   B 1 21 ? -10.471 -18.861 -18.381 1.00 55.00 ? 21 A   B "C5'" 1 
ATOM   919  C  "C4'" . A   B 1 21 ? -9.261  -19.476 -17.752 1.00 55.23 ? 21 A   B "C4'" 1 
ATOM   920  O  "O4'" . A   B 1 21 ? -8.599  -18.536 -16.872 1.00 54.67 ? 21 A   B "O4'" 1 
ATOM   921  C  "C3'" . A   B 1 21 ? -9.686  -20.614 -16.859 1.00 56.95 ? 21 A   B "C3'" 1 
ATOM   922  O  "O3'" . A   B 1 21 ? -9.860  -21.773 -17.639 1.00 61.88 ? 21 A   B "O3'" 1 
ATOM   923  C  "C2'" . A   B 1 21 ? -8.570  -20.671 -15.835 1.00 56.27 ? 21 A   B "C2'" 1 
ATOM   924  O  "O2'" . A   B 1 21 ? -7.427  -21.322 -16.356 1.00 54.76 ? 21 A   B "O2'" 1 
ATOM   925  C  "C1'" . A   B 1 21 ? -8.296  -19.175 -15.641 1.00 54.21 ? 21 A   B "C1'" 1 
ATOM   926  N  N9    . A   B 1 21 ? -9.139  -18.555 -14.618 1.00 51.55 ? 21 A   B N9    1 
ATOM   927  C  C8    . A   B 1 21 ? -10.122 -17.617 -14.823 1.00 51.73 ? 21 A   B C8    1 
ATOM   928  N  N7    . A   B 1 21 ? -10.690 -17.194 -13.718 1.00 51.12 ? 21 A   B N7    1 
ATOM   929  C  C5    . A   B 1 21 ? -10.044 -17.909 -12.720 1.00 50.02 ? 21 A   B C5    1 
ATOM   930  C  C6    . A   B 1 21 ? -10.174 -17.902 -11.323 1.00 49.07 ? 21 A   B C6    1 
ATOM   931  N  N6    . A   B 1 21 ? -11.033 -17.127 -10.663 1.00 45.57 ? 21 A   B N6    1 
ATOM   932  N  N1    . A   B 1 21 ? -9.377  -18.731 -10.614 1.00 50.01 ? 21 A   B N1    1 
ATOM   933  C  C2    . A   B 1 21 ? -8.515  -19.512 -11.277 1.00 50.93 ? 21 A   B C2    1 
ATOM   934  N  N3    . A   B 1 21 ? -8.298  -19.605 -12.591 1.00 52.00 ? 21 A   B N3    1 
ATOM   935  C  C4    . A   B 1 21 ? -9.100  -18.764 -13.261 1.00 50.82 ? 21 A   B C4    1 
ATOM   936  P  P     . A   B 1 22 ? -11.294 -22.470 -17.678 1.00 65.33 ? 22 A   B P     1 
ATOM   937  O  OP1   . A   B 1 22 ? -11.389 -23.256 -18.939 1.00 66.34 ? 22 A   B OP1   1 
ATOM   938  O  OP2   . A   B 1 22 ? -12.301 -21.412 -17.395 1.00 64.73 ? 22 A   B OP2   1 
ATOM   939  O  "O5'" . A   B 1 22 ? -11.223 -23.460 -16.434 1.00 64.33 ? 22 A   B "O5'" 1 
ATOM   940  C  "C5'" . A   B 1 22 ? -10.064 -24.283 -16.239 1.00 62.72 ? 22 A   B "C5'" 1 
ATOM   941  C  "C4'" . A   B 1 22 ? -9.890  -24.607 -14.779 1.00 62.07 ? 22 A   B "C4'" 1 
ATOM   942  O  "O4'" . A   B 1 22 ? -9.472  -23.430 -14.038 1.00 59.79 ? 22 A   B "O4'" 1 
ATOM   943  C  "C3'" . A   B 1 22 ? -11.152 -25.037 -14.057 1.00 62.16 ? 22 A   B "C3'" 1 
ATOM   944  O  "O3'" . A   B 1 22 ? -11.531 -26.367 -14.353 1.00 63.26 ? 22 A   B "O3'" 1 
ATOM   945  C  "C2'" . A   B 1 22 ? -10.767 -24.819 -12.603 1.00 60.51 ? 22 A   B "C2'" 1 
ATOM   946  O  "O2'" . A   B 1 22 ? -9.929  -25.833 -12.091 1.00 61.69 ? 22 A   B "O2'" 1 
ATOM   947  C  "C1'" . A   B 1 22 ? -9.986  -23.506 -12.712 1.00 59.19 ? 22 A   B "C1'" 1 
ATOM   948  N  N9    . A   B 1 22 ? -10.870 -22.367 -12.489 1.00 55.51 ? 22 A   B N9    1 
ATOM   949  C  C8    . A   B 1 22 ? -11.504 -21.579 -13.415 1.00 55.21 ? 22 A   B C8    1 
ATOM   950  N  N7    . A   B 1 22 ? -12.249 -20.638 -12.883 1.00 54.48 ? 22 A   B N7    1 
ATOM   951  C  C5    . A   B 1 22 ? -12.092 -20.821 -11.516 1.00 54.49 ? 22 A   B C5    1 
ATOM   952  C  C6    . A   B 1 22 ? -12.618 -20.141 -10.399 1.00 53.89 ? 22 A   B C6    1 
ATOM   953  N  N6    . A   B 1 22 ? -13.442 -19.096 -10.490 1.00 53.97 ? 22 A   B N6    1 
ATOM   954  N  N1    . A   B 1 22 ? -12.261 -20.575 -9.172  1.00 53.51 ? 22 A   B N1    1 
ATOM   955  C  C2    . A   B 1 22 ? -11.427 -21.621 -9.082  1.00 54.42 ? 22 A   B C2    1 
ATOM   956  N  N3    . A   B 1 22 ? -10.866 -22.339 -10.054 1.00 54.66 ? 22 A   B N3    1 
ATOM   957  C  C4    . A   B 1 22 ? -11.245 -21.882 -11.261 1.00 55.07 ? 22 A   B C4    1 
ATOM   958  P  P     . G   B 1 23 ? -13.091 -26.713 -14.519 1.00 64.11 ? 23 G   B P     1 
ATOM   959  O  OP1   . G   B 1 23 ? -13.221 -28.074 -15.108 1.00 65.79 ? 23 G   B OP1   1 
ATOM   960  O  OP2   . G   B 1 23 ? -13.718 -25.559 -15.210 1.00 64.35 ? 23 G   B OP2   1 
ATOM   961  O  "O5'" . G   B 1 23 ? -13.626 -26.738 -13.018 1.00 62.29 ? 23 G   B "O5'" 1 
ATOM   962  C  "C5'" . G   B 1 23 ? -12.896 -27.433 -11.997 1.00 61.59 ? 23 G   B "C5'" 1 
ATOM   963  C  "C4'" . G   B 1 23 ? -13.294 -26.929 -10.630 1.00 61.62 ? 23 G   B "C4'" 1 
ATOM   964  O  "O4'" . G   B 1 23 ? -13.059 -25.502 -10.543 1.00 60.74 ? 23 G   B "O4'" 1 
ATOM   965  C  "C3'" . G   B 1 23 ? -14.766 -27.017 -10.274 1.00 61.30 ? 23 G   B "C3'" 1 
ATOM   966  O  "O3'" . G   B 1 23 ? -15.234 -28.349 -10.012 1.00 62.04 ? 23 G   B "O3'" 1 
ATOM   967  C  "C2'" . G   B 1 23 ? -14.839 -26.076 -9.077  1.00 61.03 ? 23 G   B "C2'" 1 
ATOM   968  O  "O2'" . G   B 1 23 ? -14.348 -26.673 -7.895  1.00 60.40 ? 23 G   B "O2'" 1 
ATOM   969  C  "C1'" . G   B 1 23 ? -13.870 -24.966 -9.505  1.00 60.11 ? 23 G   B "C1'" 1 
ATOM   970  N  N9    . G   B 1 23 ? -14.551 -23.775 -10.006 1.00 58.64 ? 23 G   B N9    1 
ATOM   971  C  C8    . G   B 1 23 ? -14.783 -23.441 -11.323 1.00 57.66 ? 23 G   B C8    1 
ATOM   972  N  N7    . G   B 1 23 ? -15.436 -22.317 -11.460 1.00 56.96 ? 23 G   B N7    1 
ATOM   973  C  C5    . G   B 1 23 ? -15.645 -21.879 -10.158 1.00 56.66 ? 23 G   B C5    1 
ATOM   974  C  C6    . G   B 1 23 ? -16.304 -20.714 -9.676  1.00 56.68 ? 23 G   B C6    1 
ATOM   975  O  O6    . G   B 1 23 ? -16.857 -19.819 -10.328 1.00 56.81 ? 23 G   B O6    1 
ATOM   976  N  N1    . G   B 1 23 ? -16.283 -20.651 -8.284  1.00 55.02 ? 23 G   B N1    1 
ATOM   977  C  C2    . G   B 1 23 ? -15.709 -21.589 -7.459  1.00 55.53 ? 23 G   B C2    1 
ATOM   978  N  N2    . G   B 1 23 ? -15.800 -21.345 -6.136  1.00 54.07 ? 23 G   B N2    1 
ATOM   979  N  N3    . G   B 1 23 ? -15.093 -22.684 -7.894  1.00 55.12 ? 23 G   B N3    1 
ATOM   980  C  C4    . G   B 1 23 ? -15.101 -22.763 -9.247  1.00 57.06 ? 23 G   B C4    1 
HETATM 981  K  K     . K   C 2 .  ? -2.219  7.624   -2.356  0.60 28.30 ? 24 K   A K     1 
HETATM 982  K  K     . K   D 2 .  ? -10.576 -14.281 -7.509  0.60 43.61 ? 25 K   A K     1 
HETATM 983  CL CL    . CL  E 3 .  ? 9.606   7.146   7.028   0.50 42.25 ? 26 CL  A CL    1 
HETATM 984  O  O1    . RIO F 4 .  ? -2.455  -6.441  -8.506  1.00 36.25 ? 27 RIO A O1    1 
HETATM 985  C  C1    . RIO F 4 .  ? -2.929  -7.110  -7.336  1.00 34.74 ? 27 RIO A C1    1 
HETATM 986  C  C2    . RIO F 4 .  ? -2.000  -6.744  -6.179  1.00 36.42 ? 27 RIO A C2    1 
HETATM 987  O  O2    . RIO F 4 .  ? -2.073  -5.326  -5.935  1.00 34.75 ? 27 RIO A O2    1 
HETATM 988  C  C3    . RIO F 4 .  ? -2.394  -5.111  -4.552  1.00 33.81 ? 27 RIO A C3    1 
HETATM 989  O  O3    . RIO F 4 .  ? -3.189  -3.922  -4.393  1.00 33.83 ? 27 RIO A O3    1 
HETATM 990  C  C4    . RIO F 4 .  ? -2.402  -2.722  -4.302  1.00 31.06 ? 27 RIO A C4    1 
HETATM 991  C  C5    . RIO F 4 .  ? -2.181  -2.397  -2.819  1.00 30.53 ? 27 RIO A C5    1 
HETATM 992  O  O4    . RIO F 4 .  ? -1.306  -3.375  -2.248  1.00 32.25 ? 27 RIO A O4    1 
HETATM 993  C  C6    . RIO F 4 .  ? -1.572  -1.005  -2.626  1.00 29.62 ? 27 RIO A C6    1 
HETATM 994  N  N1    . RIO F 4 .  ? -1.369  -0.733  -1.197  1.00 27.51 ? 27 RIO A N1    1 
HETATM 995  C  C7    . RIO F 4 .  ? -2.494  0.060   -3.225  1.00 30.46 ? 27 RIO A C7    1 
HETATM 996  C  C8    . RIO F 4 .  ? -2.573  -0.197  -4.731  1.00 29.74 ? 27 RIO A C8    1 
HETATM 997  N  N2    . RIO F 4 .  ? -3.435  0.808   -5.374  1.00 30.73 ? 27 RIO A N2    1 
HETATM 998  C  C9    . RIO F 4 .  ? -3.121  -1.593  -5.035  1.00 30.29 ? 27 RIO A C9    1 
HETATM 999  O  O5    . RIO F 4 .  ? -3.052  -1.735  -6.462  1.00 30.35 ? 27 RIO A O5    1 
HETATM 1000 C  C10   . RIO F 4 .  ? -3.845  -2.829  -6.948  1.00 30.18 ? 27 RIO A C10   1 
HETATM 1001 O  O6    . RIO F 4 .  ? -5.217  -2.414  -7.107  1.00 28.48 ? 27 RIO A O6    1 
HETATM 1002 C  C11   . RIO F 4 .  ? -5.431  -1.380  -8.086  1.00 29.63 ? 27 RIO A C11   1 
HETATM 1003 C  C12   . RIO F 4 .  ? -6.925  -1.070  -8.215  1.00 28.83 ? 27 RIO A C12   1 
HETATM 1004 N  N3    . RIO F 4 .  ? -7.446  -0.638  -6.911  1.00 30.59 ? 27 RIO A N3    1 
HETATM 1005 C  C13   . RIO F 4 .  ? -4.932  -1.855  -9.451  1.00 29.99 ? 27 RIO A C13   1 
HETATM 1006 O  O7    . RIO F 4 .  ? -5.142  -0.823  -10.418 1.00 32.40 ? 27 RIO A O7    1 
HETATM 1007 C  C14   . RIO F 4 .  ? -3.442  -2.190  -9.352  1.00 30.11 ? 27 RIO A C14   1 
HETATM 1008 O  O8    . RIO F 4 .  ? -2.965  -2.669  -10.611 1.00 32.07 ? 27 RIO A O8    1 
HETATM 1009 C  C15   . RIO F 4 .  ? -3.234  -3.265  -8.283  1.00 30.05 ? 27 RIO A C15   1 
HETATM 1010 N  N4    . RIO F 4 .  ? -1.795  -3.516  -8.109  1.00 31.17 ? 27 RIO A N4    1 
HETATM 1011 C  C16   . RIO F 4 .  ? -3.187  -6.358  -4.160  1.00 34.36 ? 27 RIO A C16   1 
HETATM 1012 O  O9    . RIO F 4 .  ? -3.182  -6.591  -2.748  1.00 35.82 ? 27 RIO A O9    1 
HETATM 1013 C  C17   . RIO F 4 .  ? -2.414  -7.453  -4.889  1.00 35.43 ? 27 RIO A C17   1 
HETATM 1014 O  O10   . RIO F 4 .  ? -1.263  -7.831  -4.129  1.00 35.64 ? 27 RIO A O10   1 
HETATM 1015 K  K     . K   G 2 .  ? 11.191  11.095  11.167  0.60 45.34 ? 24 K   B K     1 
HETATM 1016 K  K     . K   H 2 .  ? 12.052  4.645   20.563  0.50 55.70 ? 25 K   B K     1 
HETATM 1017 O  O1    . RIO I 4 .  ? 2.077   9.553   4.522   1.00 40.57 ? 26 RIO B O1    1 
HETATM 1018 C  C1    . RIO I 4 .  ? 2.712   8.602   5.383   1.00 39.00 ? 26 RIO B C1    1 
HETATM 1019 C  C2    . RIO I 4 .  ? 1.964   7.267   5.339   1.00 36.30 ? 26 RIO B C2    1 
HETATM 1020 O  O2    . RIO I 4 .  ? 2.010   6.716   4.008   1.00 36.00 ? 26 RIO B O2    1 
HETATM 1021 C  C3    . RIO I 4 .  ? 2.543   5.382   4.084   1.00 35.18 ? 26 RIO B C3    1 
HETATM 1022 O  O3    . RIO I 4 .  ? 3.314   5.050   2.918   1.00 34.33 ? 26 RIO B O3    1 
HETATM 1023 C  C4    . RIO I 4 .  ? 2.521   4.614   1.805   1.00 33.41 ? 26 RIO B C4    1 
HETATM 1024 C  C5    . RIO I 4 .  ? 2.625   3.086   1.742   1.00 33.43 ? 26 RIO B C5    1 
HETATM 1025 O  O4    . RIO I 4 .  ? 1.994   2.522   2.895   1.00 32.79 ? 26 RIO B O4    1 
HETATM 1026 C  C6    . RIO I 4 .  ? 1.945   2.547   0.482   1.00 34.22 ? 26 RIO B C6    1 
HETATM 1027 N  N1    . RIO I 4 .  ? 1.967   1.076   0.469   1.00 32.54 ? 26 RIO B N1    1 
HETATM 1028 C  C7    . RIO I 4 .  ? 2.667   3.093   -0.750  1.00 33.72 ? 26 RIO B C7    1 
HETATM 1029 C  C8    . RIO I 4 .  ? 2.557   4.621   -0.760  1.00 32.59 ? 26 RIO B C8    1 
HETATM 1030 N  N2    . RIO I 4 .  ? 3.378   5.132   -1.868  1.00 31.75 ? 26 RIO B N2    1 
HETATM 1031 C  C9    . RIO I 4 .  ? 3.057   5.270   0.536   1.00 33.27 ? 26 RIO B C9    1 
HETATM 1032 O  O5    . RIO I 4 .  ? 2.715   6.665   0.449   1.00 31.62 ? 26 RIO B O5    1 
HETATM 1033 C  C10   . RIO I 4 .  ? 3.449   7.521   1.338   1.00 34.44 ? 26 RIO B C10   1 
HETATM 1034 O  O6    . RIO I 4 .  ? 4.748   7.803   0.784   1.00 35.38 ? 26 RIO B O6    1 
HETATM 1035 C  C11   . RIO I 4 .  ? 4.713   8.463   -0.493  1.00 36.21 ? 26 RIO B C11   1 
HETATM 1036 C  C12   . RIO I 4 .  ? 6.147   8.693   -0.977  1.00 36.93 ? 26 RIO B C12   1 
HETATM 1037 N  N3    . RIO I 4 .  ? 6.816   7.398   -1.179  1.00 40.01 ? 26 RIO B N3    1 
HETATM 1038 C  C13   . RIO I 4 .  ? 4.017   9.817   -0.349  1.00 35.48 ? 26 RIO B C13   1 
HETATM 1039 O  O7    . RIO I 4 .  ? 3.928   10.442  -1.632  1.00 36.05 ? 26 RIO B O7    1 
HETATM 1040 C  C14   . RIO I 4 .  ? 2.609   9.622   0.217   1.00 35.38 ? 26 RIO B C14   1 
HETATM 1041 O  O8    . RIO I 4 .  ? 2.026   10.904  0.473   1.00 36.19 ? 26 RIO B O8    1 
HETATM 1042 C  C15   . RIO I 4 .  ? 2.664   8.824   1.523   1.00 34.96 ? 26 RIO B C15   1 
HETATM 1043 N  N4    . RIO I 4 .  ? 1.297   8.520   1.971   1.00 32.01 ? 26 RIO B N4    1 
HETATM 1044 C  C16   . RIO I 4 .  ? 3.488   5.451   5.282   1.00 37.56 ? 26 RIO B C16   1 
HETATM 1045 O  O9    . RIO I 4 .  ? 3.789   4.162   5.821   1.00 35.96 ? 26 RIO B O9    1 
HETATM 1046 C  C17   . RIO I 4 .  ? 2.641   6.253   6.265   1.00 37.93 ? 26 RIO B C17   1 
HETATM 1047 O  O10   . RIO I 4 .  ? 1.701   5.379   6.895   1.00 38.97 ? 26 RIO B O10   1 
HETATM 1048 O  O     . HOH J 5 .  ? -4.109  3.363   2.846   1.00 39.47 ? 28 HOH A O     1 
HETATM 1049 O  O     . HOH J 5 .  ? 2.353   -3.836  -13.157 1.00 44.84 ? 29 HOH A O     1 
HETATM 1050 O  O     . HOH J 5 .  ? -6.355  -0.184  -12.739 1.00 38.44 ? 30 HOH A O     1 
HETATM 1051 O  O     . HOH J 5 .  ? -5.701  1.955   -7.247  1.00 32.01 ? 31 HOH A O     1 
HETATM 1052 O  O     . HOH J 5 .  ? -7.447  4.093   -6.808  1.00 38.41 ? 32 HOH A O     1 
HETATM 1053 O  O     . HOH J 5 .  ? -0.032  -1.228  -7.788  1.00 26.43 ? 33 HOH A O     1 
HETATM 1054 O  O     . HOH J 5 .  ? -5.179  -10.409 -6.122  1.00 41.19 ? 34 HOH A O     1 
HETATM 1055 O  O     . HOH J 5 .  ? 16.180  9.787   20.843  1.00 56.46 ? 35 HOH A O     1 
HETATM 1056 O  O     . HOH J 5 .  ? 1.067   -2.750  -3.836  1.00 38.29 ? 36 HOH A O     1 
HETATM 1057 O  O     . HOH J 5 .  ? -0.862  1.926   -0.778  1.00 34.28 ? 37 HOH A O     1 
HETATM 1058 O  O     . HOH J 5 .  ? -0.133  -4.313  -10.666 1.00 38.21 ? 38 HOH A O     1 
HETATM 1059 O  O     . HOH J 5 .  ? 0.416   2.815   8.925   1.00 51.14 ? 39 HOH A O     1 
HETATM 1060 O  O     . HOH J 5 .  ? 1.111   -0.863  -5.353  1.00 38.51 ? 40 HOH A O     1 
HETATM 1061 O  O     . HOH J 5 .  ? -0.437  -8.374  -17.116 1.00 31.66 ? 41 HOH A O     1 
HETATM 1062 O  O     . HOH J 5 .  ? 2.521   -3.667  -10.161 1.00 32.94 ? 42 HOH A O     1 
HETATM 1063 O  O     . HOH J 5 .  ? -7.765  -2.938  -14.596 1.00 48.59 ? 43 HOH A O     1 
HETATM 1064 O  O     . HOH J 5 .  ? -2.699  1.520   2.439   1.00 35.04 ? 44 HOH A O     1 
HETATM 1065 O  O     . HOH J 5 .  ? -0.785  -0.042  1.298   1.00 43.16 ? 45 HOH A O     1 
HETATM 1066 O  O     . HOH J 5 .  ? 8.156   5.593   11.212  1.00 48.84 ? 46 HOH A O     1 
HETATM 1067 O  O     . HOH J 5 .  ? 3.961   2.440   9.536   1.00 49.76 ? 47 HOH A O     1 
HETATM 1068 O  O     . HOH J 5 .  ? 15.671  19.572  16.681  1.00 45.45 ? 48 HOH A O     1 
HETATM 1069 O  O     . HOH J 5 .  ? -0.726  -9.261  -7.773  1.00 46.74 ? 49 HOH A O     1 
HETATM 1070 O  O     . HOH J 5 .  ? 1.012   -6.429  -4.841  1.00 47.13 ? 50 HOH A O     1 
HETATM 1071 O  O     . HOH J 5 .  ? -9.177  -1.114  -12.515 1.00 61.67 ? 51 HOH A O     1 
HETATM 1072 O  O     . HOH J 5 .  ? 16.985  18.067  13.130  1.00 53.33 ? 52 HOH A O     1 
HETATM 1073 O  O     . HOH J 5 .  ? 17.216  12.492  22.084  1.00 48.10 ? 53 HOH A O     1 
HETATM 1074 O  O     . HOH J 5 .  ? -7.985  7.037   -5.544  1.00 55.40 ? 54 HOH A O     1 
HETATM 1075 O  O     . HOH J 5 .  ? -9.675  -1.211  5.591   1.00 61.60 ? 55 HOH A O     1 
HETATM 1076 O  O     . HOH J 5 .  ? 1.456   -4.809  -1.250  1.00 37.75 ? 56 HOH A O     1 
HETATM 1077 O  O     . HOH K 5 .  ? -10.226 -0.131  -8.170  1.00 36.41 ? 27 HOH B O     1 
HETATM 1078 O  O     . HOH K 5 .  ? 5.111   7.105   -3.550  1.00 31.45 ? 28 HOH B O     1 
HETATM 1079 O  O     . HOH K 5 .  ? 3.854   18.298  13.523  1.00 43.76 ? 29 HOH B O     1 
HETATM 1080 O  O     . HOH K 5 .  ? -10.267 -6.639  -17.257 1.00 41.16 ? 30 HOH B O     1 
HETATM 1081 O  O     . HOH K 5 .  ? 1.835   2.198   6.639   1.00 43.91 ? 31 HOH B O     1 
HETATM 1082 O  O     . HOH K 5 .  ? 3.186   0.325   -7.364  1.00 37.58 ? 32 HOH B O     1 
HETATM 1083 O  O     . HOH K 5 .  ? -5.652  -21.143 -19.095 1.00 47.53 ? 33 HOH B O     1 
HETATM 1084 O  O     . HOH K 5 .  ? 2.463   11.957  -6.829  1.00 42.00 ? 34 HOH B O     1 
HETATM 1085 O  O     . HOH K 5 .  ? -14.796 -18.457 -14.644 1.00 44.38 ? 35 HOH B O     1 
HETATM 1086 O  O     . HOH K 5 .  ? -0.426  10.148  6.338   1.00 47.65 ? 36 HOH B O     1 
HETATM 1087 O  O     . HOH K 5 .  ? -3.391  10.061  1.903   1.00 44.28 ? 37 HOH B O     1 
HETATM 1088 O  O     . HOH K 5 .  ? 1.074   5.636   9.910   1.00 55.69 ? 38 HOH B O     1 
HETATM 1089 O  O     . HOH K 5 .  ? 11.811  4.113   11.825  1.00 64.92 ? 40 HOH B O     1 
HETATM 1090 O  O     . HOH K 5 .  ? 6.483   12.603  -2.516  1.00 50.52 ? 41 HOH B O     1 
HETATM 1091 O  O     . HOH K 5 .  ? -4.256  8.413   -3.237  1.00 47.81 ? 42 HOH B O     1 
# 
loop_
_pdbx_poly_seq_scheme.asym_id 
_pdbx_poly_seq_scheme.entity_id 
_pdbx_poly_seq_scheme.seq_id 
_pdbx_poly_seq_scheme.mon_id 
_pdbx_poly_seq_scheme.ndb_seq_num 
_pdbx_poly_seq_scheme.pdb_seq_num 
_pdbx_poly_seq_scheme.auth_seq_num 
_pdbx_poly_seq_scheme.pdb_mon_id 
_pdbx_poly_seq_scheme.auth_mon_id 
_pdbx_poly_seq_scheme.pdb_strand_id 
_pdbx_poly_seq_scheme.pdb_ins_code 
_pdbx_poly_seq_scheme.hetero 
A 1 1  C   1  1  1  C   CYT A . n 
A 1 2  U   2  2  2  U   URI A . n 
A 1 3  OMU 3  3  3  OMU OMU A . n 
A 1 4  G   4  4  4  G   GUA A . n 
A 1 5  C   5  5  5  C   CYT A . n 
A 1 6  U   6  6  6  U   URI A . n 
A 1 7  G   7  7  7  G   GUA A . n 
A 1 8  A   8  8  8  A   ADE A . n 
A 1 9  A   9  9  9  A   ADE A . n 
A 1 10 G   10 10 10 G   GUA A . n 
A 1 11 U   11 11 11 U   URI A . n 
A 1 12 G   12 12 12 G   GUA A . n 
A 1 13 C   13 13 13 C   CYT A . n 
A 1 14 A   14 14 14 A   ADE A . n 
A 1 15 C   15 15 15 C   CYT A . n 
A 1 16 A   16 16 16 A   ADE A . n 
A 1 17 C   17 17 17 C   CYT A . n 
A 1 18 A   18 18 18 A   ADE A . n 
A 1 19 G   19 19 19 G   GUA A . n 
A 1 20 C   20 20 20 C   CYT A . n 
A 1 21 A   21 21 21 A   ADE A . n 
A 1 22 A   22 22 22 A   ADE A . n 
A 1 23 G   23 23 23 G   GUA A . n 
B 1 1  C   1  1  1  C   CYT B . n 
B 1 2  U   2  2  2  U   URI B . n 
B 1 3  OMU 3  3  3  OMU OMU B . n 
B 1 4  G   4  4  4  G   GUA B . n 
B 1 5  C   5  5  5  C   CYT B . n 
B 1 6  U   6  6  6  U   URI B . n 
B 1 7  G   7  7  7  G   GUA B . n 
B 1 8  A   8  8  8  A   ADE B . n 
B 1 9  A   9  9  9  A   ADE B . n 
B 1 10 G   10 10 10 G   GUA B . n 
B 1 11 U   11 11 11 U   URI B . n 
B 1 12 G   12 12 12 G   GUA B . n 
B 1 13 C   13 13 13 C   CYT B . n 
B 1 14 A   14 14 14 A   ADE B . n 
B 1 15 C   15 15 15 C   CYT B . n 
B 1 16 A   16 16 16 A   ADE B . n 
B 1 17 C   17 17 17 C   CYT B . n 
B 1 18 A   18 18 18 A   ADE B . n 
B 1 19 G   19 19 19 G   GUA B . n 
B 1 20 C   20 20 20 C   CYT B . n 
B 1 21 A   21 21 21 A   ADE B . n 
B 1 22 A   22 22 22 A   ADE B . n 
B 1 23 G   23 23 23 G   GUA B . n 
# 
loop_
_pdbx_nonpoly_scheme.asym_id 
_pdbx_nonpoly_scheme.entity_id 
_pdbx_nonpoly_scheme.mon_id 
_pdbx_nonpoly_scheme.ndb_seq_num 
_pdbx_nonpoly_scheme.pdb_seq_num 
_pdbx_nonpoly_scheme.auth_seq_num 
_pdbx_nonpoly_scheme.pdb_mon_id 
_pdbx_nonpoly_scheme.auth_mon_id 
_pdbx_nonpoly_scheme.pdb_strand_id 
_pdbx_nonpoly_scheme.pdb_ins_code 
C 2 K   1  24 1  K   K1  A . 
D 2 K   1  25 3  K   K1  A . 
E 3 CL  1  26 11 CL  CL1 A . 
F 4 RIO 1  27 24 RIO RIB A . 
G 2 K   1  24 2  K   K1  B . 
H 2 K   1  25 25 K   K1  B . 
I 4 RIO 1  26 24 RIO RIB B . 
J 5 HOH 1  28 7  HOH TIP A . 
J 5 HOH 2  29 8  HOH TIP A . 
J 5 HOH 3  30 9  HOH TIP A . 
J 5 HOH 4  31 10 HOH TIP A . 
J 5 HOH 5  32 13 HOH TIP A . 
J 5 HOH 6  33 14 HOH TIP A . 
J 5 HOH 7  34 15 HOH TIP A . 
J 5 HOH 8  35 16 HOH TIP A . 
J 5 HOH 9  36 17 HOH TIP A . 
J 5 HOH 10 37 19 HOH TIP A . 
J 5 HOH 11 38 23 HOH TIP A . 
J 5 HOH 12 39 24 HOH TIP A . 
J 5 HOH 13 40 27 HOH TIP A . 
J 5 HOH 14 41 28 HOH TIP A . 
J 5 HOH 15 42 29 HOH TIP A . 
J 5 HOH 16 43 30 HOH TIP A . 
J 5 HOH 17 44 31 HOH TIP A . 
J 5 HOH 18 45 34 HOH TIP A . 
J 5 HOH 19 46 35 HOH TIP A . 
J 5 HOH 20 47 36 HOH TIP A . 
J 5 HOH 21 48 38 HOH TIP A . 
J 5 HOH 22 49 40 HOH TIP A . 
J 5 HOH 23 50 41 HOH TIP A . 
J 5 HOH 24 51 42 HOH TIP A . 
J 5 HOH 25 52 43 HOH TIP A . 
J 5 HOH 26 53 44 HOH TIP A . 
J 5 HOH 27 54 46 HOH TIP A . 
J 5 HOH 28 55 47 HOH TIP A . 
J 5 HOH 29 56 39 HOH TIP A . 
K 5 HOH 1  27 4  HOH TIP B . 
K 5 HOH 2  28 5  HOH TIP B . 
K 5 HOH 3  29 6  HOH TIP B . 
K 5 HOH 4  30 12 HOH TIP B . 
K 5 HOH 5  31 18 HOH TIP B . 
K 5 HOH 6  32 20 HOH TIP B . 
K 5 HOH 7  33 21 HOH TIP B . 
K 5 HOH 8  34 22 HOH TIP B . 
K 5 HOH 9  35 26 HOH TIP B . 
K 5 HOH 10 36 32 HOH TIP B . 
K 5 HOH 11 37 33 HOH TIP B . 
K 5 HOH 12 38 37 HOH TIP B . 
K 5 HOH 13 40 45 HOH TIP B . 
K 5 HOH 14 41 48 HOH TIP B . 
K 5 HOH 15 42 49 HOH TIP B . 
# 
loop_
_pdbx_struct_mod_residue.id 
_pdbx_struct_mod_residue.label_asym_id 
_pdbx_struct_mod_residue.label_comp_id 
_pdbx_struct_mod_residue.label_seq_id 
_pdbx_struct_mod_residue.auth_asym_id 
_pdbx_struct_mod_residue.auth_comp_id 
_pdbx_struct_mod_residue.auth_seq_id 
_pdbx_struct_mod_residue.PDB_ins_code 
_pdbx_struct_mod_residue.parent_comp_id 
_pdbx_struct_mod_residue.details 
1 A OMU 3 A OMU 3 ? U 
;O2'-METHYLURIDINE 5'-MONOPHOSPHATE
;
2 B OMU 3 B OMU 3 ? U 
;O2'-METHYLURIDINE 5'-MONOPHOSPHATE
;
# 
_struct_site_keywords.site_id   1 
_struct_site_keywords.text      'MAJOR GROOVE BINDER' 
# 
_pdbx_struct_assembly.id                   1 
_pdbx_struct_assembly.details              author_and_software_defined_assembly 
_pdbx_struct_assembly.method_details       PISA 
_pdbx_struct_assembly.oligomeric_details   dimeric 
_pdbx_struct_assembly.oligomeric_count     2 
# 
_pdbx_struct_assembly_gen.assembly_id       1 
_pdbx_struct_assembly_gen.oper_expression   1 
_pdbx_struct_assembly_gen.asym_id_list      A,B,C,D,E,F,G,H,I,J,K 
# 
loop_
_pdbx_struct_assembly_prop.biol_id 
_pdbx_struct_assembly_prop.type 
_pdbx_struct_assembly_prop.value 
_pdbx_struct_assembly_prop.details 
1 'ABSA (A^2)' 3660 ? 
1 MORE         1    ? 
1 'SSA (A^2)'  8360 ? 
# 
_pdbx_struct_oper_list.id                   1 
_pdbx_struct_oper_list.type                 'identity operation' 
_pdbx_struct_oper_list.name                 1_555 
_pdbx_struct_oper_list.symmetry_operation   x,y,z 
_pdbx_struct_oper_list.matrix[1][1]         1.0000000000 
_pdbx_struct_oper_list.matrix[1][2]         0.0000000000 
_pdbx_struct_oper_list.matrix[1][3]         0.0000000000 
_pdbx_struct_oper_list.vector[1]            0.0000000000 
_pdbx_struct_oper_list.matrix[2][1]         0.0000000000 
_pdbx_struct_oper_list.matrix[2][2]         1.0000000000 
_pdbx_struct_oper_list.matrix[2][3]         0.0000000000 
_pdbx_struct_oper_list.vector[2]            0.0000000000 
_pdbx_struct_oper_list.matrix[3][1]         0.0000000000 
_pdbx_struct_oper_list.matrix[3][2]         0.0000000000 
_pdbx_struct_oper_list.matrix[3][3]         1.0000000000 
_pdbx_struct_oper_list.vector[3]            0.0000000000 
# 
loop_
_pdbx_struct_conn_angle.id 
_pdbx_struct_conn_angle.ptnr1_label_atom_id 
_pdbx_struct_conn_angle.ptnr1_label_alt_id 
_pdbx_struct_conn_angle.ptnr1_label_asym_id 
_pdbx_struct_conn_angle.ptnr1_label_comp_id 
_pdbx_struct_conn_angle.ptnr1_label_seq_id 
_pdbx_struct_conn_angle.ptnr1_auth_atom_id 
_pdbx_struct_conn_angle.ptnr1_auth_asym_id 
_pdbx_struct_conn_angle.ptnr1_auth_comp_id 
_pdbx_struct_conn_angle.ptnr1_auth_seq_id 
_pdbx_struct_conn_angle.ptnr1_PDB_ins_code 
_pdbx_struct_conn_angle.ptnr1_symmetry 
_pdbx_struct_conn_angle.ptnr2_label_atom_id 
_pdbx_struct_conn_angle.ptnr2_label_alt_id 
_pdbx_struct_conn_angle.ptnr2_label_asym_id 
_pdbx_struct_conn_angle.ptnr2_label_comp_id 
_pdbx_struct_conn_angle.ptnr2_label_seq_id 
_pdbx_struct_conn_angle.ptnr2_auth_atom_id 
_pdbx_struct_conn_angle.ptnr2_auth_asym_id 
_pdbx_struct_conn_angle.ptnr2_auth_comp_id 
_pdbx_struct_conn_angle.ptnr2_auth_seq_id 
_pdbx_struct_conn_angle.ptnr2_PDB_ins_code 
_pdbx_struct_conn_angle.ptnr2_symmetry 
_pdbx_struct_conn_angle.ptnr3_label_atom_id 
_pdbx_struct_conn_angle.ptnr3_label_alt_id 
_pdbx_struct_conn_angle.ptnr3_label_asym_id 
_pdbx_struct_conn_angle.ptnr3_label_comp_id 
_pdbx_struct_conn_angle.ptnr3_label_seq_id 
_pdbx_struct_conn_angle.ptnr3_auth_atom_id 
_pdbx_struct_conn_angle.ptnr3_auth_asym_id 
_pdbx_struct_conn_angle.ptnr3_auth_comp_id 
_pdbx_struct_conn_angle.ptnr3_auth_seq_id 
_pdbx_struct_conn_angle.ptnr3_PDB_ins_code 
_pdbx_struct_conn_angle.ptnr3_symmetry 
_pdbx_struct_conn_angle.value 
_pdbx_struct_conn_angle.value_esd 
1 O4    ? A OMU 3  ? A OMU 3  ? 1_555 K ? D K . ? A K 25 ? 1_555 O6    ? A G   4 ? A G   4  ? 1_555 74.0  ? 
2 OP1   ? A G   10 ? A G   10 ? 1_555 K ? C K . ? A K 24 ? 1_555 "O2'" ? B A   8 ? B A   8  ? 1_555 103.3 ? 
3 OP1   ? A G   10 ? A G   10 ? 1_555 K ? C K . ? A K 24 ? 1_555 O     ? K HOH . ? B HOH 42 ? 1_555 90.4  ? 
4 "O2'" ? B A   8  ? B A   8  ? 1_555 K ? C K . ? A K 24 ? 1_555 O     ? K HOH . ? B HOH 42 ? 1_555 67.5  ? 
5 O4    ? B OMU 3  ? B OMU 3  ? 1_555 K ? G K . ? B K 24 ? 1_555 O6    ? B G   4 ? B G   4  ? 1_555 72.8  ? 
# 
loop_
_pdbx_audit_revision_history.ordinal 
_pdbx_audit_revision_history.data_content_type 
_pdbx_audit_revision_history.major_revision 
_pdbx_audit_revision_history.minor_revision 
_pdbx_audit_revision_history.revision_date 
1 'Structure model' 1 0 2008-08-12 
2 'Structure model' 1 1 2011-07-13 
3 'Structure model' 1 2 2023-11-01 
# 
_pdbx_audit_revision_details.ordinal             1 
_pdbx_audit_revision_details.revision_ordinal    1 
_pdbx_audit_revision_details.data_content_type   'Structure model' 
_pdbx_audit_revision_details.provider            repository 
_pdbx_audit_revision_details.type                'Initial release' 
_pdbx_audit_revision_details.description         ? 
_pdbx_audit_revision_details.details             ? 
# 
loop_
_pdbx_audit_revision_group.ordinal 
_pdbx_audit_revision_group.revision_ordinal 
_pdbx_audit_revision_group.data_content_type 
_pdbx_audit_revision_group.group 
1 2 'Structure model' 'Version format compliance' 
2 3 'Structure model' 'Data collection'           
3 3 'Structure model' 'Database references'       
4 3 'Structure model' 'Derived calculations'      
5 3 'Structure model' 'Refinement description'    
6 3 'Structure model' 'Structure summary'         
# 
loop_
_pdbx_audit_revision_category.ordinal 
_pdbx_audit_revision_category.revision_ordinal 
_pdbx_audit_revision_category.data_content_type 
_pdbx_audit_revision_category.category 
1 3 'Structure model' chem_comp                     
2 3 'Structure model' chem_comp_atom                
3 3 'Structure model' chem_comp_bond                
4 3 'Structure model' database_2                    
5 3 'Structure model' pdbx_initial_refinement_model 
6 3 'Structure model' struct_conn                   
7 3 'Structure model' struct_site                   
# 
loop_
_pdbx_audit_revision_item.ordinal 
_pdbx_audit_revision_item.revision_ordinal 
_pdbx_audit_revision_item.data_content_type 
_pdbx_audit_revision_item.item 
1  3 'Structure model' '_chem_comp.pdbx_synonyms'            
2  3 'Structure model' '_database_2.pdbx_DOI'                
3  3 'Structure model' '_database_2.pdbx_database_accession' 
4  3 'Structure model' '_struct_conn.pdbx_dist_value'        
5  3 'Structure model' '_struct_conn.pdbx_leaving_atom_flag' 
6  3 'Structure model' '_struct_conn.ptnr1_auth_asym_id'     
7  3 'Structure model' '_struct_conn.ptnr1_auth_comp_id'     
8  3 'Structure model' '_struct_conn.ptnr1_auth_seq_id'      
9  3 'Structure model' '_struct_conn.ptnr1_label_asym_id'    
10 3 'Structure model' '_struct_conn.ptnr1_label_atom_id'    
11 3 'Structure model' '_struct_conn.ptnr1_label_comp_id'    
12 3 'Structure model' '_struct_conn.ptnr1_label_seq_id'     
13 3 'Structure model' '_struct_conn.ptnr2_auth_asym_id'     
14 3 'Structure model' '_struct_conn.ptnr2_auth_comp_id'     
15 3 'Structure model' '_struct_conn.ptnr2_auth_seq_id'      
16 3 'Structure model' '_struct_conn.ptnr2_label_asym_id'    
17 3 'Structure model' '_struct_conn.ptnr2_label_atom_id'    
18 3 'Structure model' '_struct_conn.ptnr2_label_comp_id'    
19 3 'Structure model' '_struct_conn.ptnr2_label_seq_id'     
20 3 'Structure model' '_struct_site.pdbx_auth_asym_id'      
21 3 'Structure model' '_struct_site.pdbx_auth_comp_id'      
22 3 'Structure model' '_struct_site.pdbx_auth_seq_id'       
# 
loop_
_software.name 
_software.classification 
_software.version 
_software.citation_id 
_software.pdbx_ordinal 
CNS       refinement        1.1 ? 1 
HKL-2000  'data collection' .   ? 2 
DENZO     'data reduction'  .   ? 3 
SCALEPACK 'data scaling'    .   ? 4 
CNS       phasing           .   ? 5 
# 
_pdbx_validate_rmsd_angle.id                         1 
_pdbx_validate_rmsd_angle.PDB_model_num              1 
_pdbx_validate_rmsd_angle.auth_atom_id_1             "C2'" 
_pdbx_validate_rmsd_angle.auth_asym_id_1             A 
_pdbx_validate_rmsd_angle.auth_comp_id_1             A 
_pdbx_validate_rmsd_angle.auth_seq_id_1              8 
_pdbx_validate_rmsd_angle.PDB_ins_code_1             ? 
_pdbx_validate_rmsd_angle.label_alt_id_1             ? 
_pdbx_validate_rmsd_angle.auth_atom_id_2             "C3'" 
_pdbx_validate_rmsd_angle.auth_asym_id_2             A 
_pdbx_validate_rmsd_angle.auth_comp_id_2             A 
_pdbx_validate_rmsd_angle.auth_seq_id_2              8 
_pdbx_validate_rmsd_angle.PDB_ins_code_2             ? 
_pdbx_validate_rmsd_angle.label_alt_id_2             ? 
_pdbx_validate_rmsd_angle.auth_atom_id_3             "O3'" 
_pdbx_validate_rmsd_angle.auth_asym_id_3             A 
_pdbx_validate_rmsd_angle.auth_comp_id_3             A 
_pdbx_validate_rmsd_angle.auth_seq_id_3              8 
_pdbx_validate_rmsd_angle.PDB_ins_code_3             ? 
_pdbx_validate_rmsd_angle.label_alt_id_3             ? 
_pdbx_validate_rmsd_angle.angle_value                126.94 
_pdbx_validate_rmsd_angle.angle_target_value         113.70 
_pdbx_validate_rmsd_angle.angle_deviation            13.24 
_pdbx_validate_rmsd_angle.angle_standard_deviation   1.60 
_pdbx_validate_rmsd_angle.linker_flag                N 
# 
loop_
_chem_comp_atom.comp_id 
_chem_comp_atom.atom_id 
_chem_comp_atom.type_symbol 
_chem_comp_atom.pdbx_aromatic_flag 
_chem_comp_atom.pdbx_stereo_config 
_chem_comp_atom.pdbx_ordinal 
A   OP3    O  N N 1   
A   P      P  N N 2   
A   OP1    O  N N 3   
A   OP2    O  N N 4   
A   "O5'"  O  N N 5   
A   "C5'"  C  N N 6   
A   "C4'"  C  N R 7   
A   "O4'"  O  N N 8   
A   "C3'"  C  N S 9   
A   "O3'"  O  N N 10  
A   "C2'"  C  N R 11  
A   "O2'"  O  N N 12  
A   "C1'"  C  N R 13  
A   N9     N  Y N 14  
A   C8     C  Y N 15  
A   N7     N  Y N 16  
A   C5     C  Y N 17  
A   C6     C  Y N 18  
A   N6     N  N N 19  
A   N1     N  Y N 20  
A   C2     C  Y N 21  
A   N3     N  Y N 22  
A   C4     C  Y N 23  
A   HOP3   H  N N 24  
A   HOP2   H  N N 25  
A   "H5'"  H  N N 26  
A   "H5''" H  N N 27  
A   "H4'"  H  N N 28  
A   "H3'"  H  N N 29  
A   "HO3'" H  N N 30  
A   "H2'"  H  N N 31  
A   "HO2'" H  N N 32  
A   "H1'"  H  N N 33  
A   H8     H  N N 34  
A   H61    H  N N 35  
A   H62    H  N N 36  
A   H2     H  N N 37  
C   OP3    O  N N 38  
C   P      P  N N 39  
C   OP1    O  N N 40  
C   OP2    O  N N 41  
C   "O5'"  O  N N 42  
C   "C5'"  C  N N 43  
C   "C4'"  C  N R 44  
C   "O4'"  O  N N 45  
C   "C3'"  C  N S 46  
C   "O3'"  O  N N 47  
C   "C2'"  C  N R 48  
C   "O2'"  O  N N 49  
C   "C1'"  C  N R 50  
C   N1     N  N N 51  
C   C2     C  N N 52  
C   O2     O  N N 53  
C   N3     N  N N 54  
C   C4     C  N N 55  
C   N4     N  N N 56  
C   C5     C  N N 57  
C   C6     C  N N 58  
C   HOP3   H  N N 59  
C   HOP2   H  N N 60  
C   "H5'"  H  N N 61  
C   "H5''" H  N N 62  
C   "H4'"  H  N N 63  
C   "H3'"  H  N N 64  
C   "HO3'" H  N N 65  
C   "H2'"  H  N N 66  
C   "HO2'" H  N N 67  
C   "H1'"  H  N N 68  
C   H41    H  N N 69  
C   H42    H  N N 70  
C   H5     H  N N 71  
C   H6     H  N N 72  
CL  CL     CL N N 73  
G   OP3    O  N N 74  
G   P      P  N N 75  
G   OP1    O  N N 76  
G   OP2    O  N N 77  
G   "O5'"  O  N N 78  
G   "C5'"  C  N N 79  
G   "C4'"  C  N R 80  
G   "O4'"  O  N N 81  
G   "C3'"  C  N S 82  
G   "O3'"  O  N N 83  
G   "C2'"  C  N R 84  
G   "O2'"  O  N N 85  
G   "C1'"  C  N R 86  
G   N9     N  Y N 87  
G   C8     C  Y N 88  
G   N7     N  Y N 89  
G   C5     C  Y N 90  
G   C6     C  N N 91  
G   O6     O  N N 92  
G   N1     N  N N 93  
G   C2     C  N N 94  
G   N2     N  N N 95  
G   N3     N  N N 96  
G   C4     C  Y N 97  
G   HOP3   H  N N 98  
G   HOP2   H  N N 99  
G   "H5'"  H  N N 100 
G   "H5''" H  N N 101 
G   "H4'"  H  N N 102 
G   "H3'"  H  N N 103 
G   "HO3'" H  N N 104 
G   "H2'"  H  N N 105 
G   "HO2'" H  N N 106 
G   "H1'"  H  N N 107 
G   H8     H  N N 108 
G   H1     H  N N 109 
G   H21    H  N N 110 
G   H22    H  N N 111 
HOH O      O  N N 112 
HOH H1     H  N N 113 
HOH H2     H  N N 114 
K   K      K  N N 115 
OMU N1     N  N N 116 
OMU C2     C  N N 117 
OMU N3     N  N N 118 
OMU C4     C  N N 119 
OMU C5     C  N N 120 
OMU C6     C  N N 121 
OMU O2     O  N N 122 
OMU O4     O  N N 123 
OMU "C1'"  C  N R 124 
OMU "C2'"  C  N R 125 
OMU "O2'"  O  N N 126 
OMU CM2    C  N N 127 
OMU "C3'"  C  N R 128 
OMU "C4'"  C  N R 129 
OMU "O3'"  O  N N 130 
OMU "O4'"  O  N N 131 
OMU "C5'"  C  N N 132 
OMU "O5'"  O  N N 133 
OMU P      P  N N 134 
OMU OP1    O  N N 135 
OMU OP2    O  N N 136 
OMU OP3    O  N N 137 
OMU HN3    H  N N 138 
OMU H5     H  N N 139 
OMU H6     H  N N 140 
OMU "H1'"  H  N N 141 
OMU "H2'"  H  N N 142 
OMU HM21   H  N N 143 
OMU HM22   H  N N 144 
OMU HM23   H  N N 145 
OMU "H3'"  H  N N 146 
OMU "H4'"  H  N N 147 
OMU "HO3'" H  N N 148 
OMU "H5'"  H  N N 149 
OMU "H5''" H  N N 150 
OMU HOP2   H  N N 151 
OMU HOP3   H  N N 152 
RIO O1     O  N N 153 
RIO C1     C  N N 154 
RIO C2     C  N R 155 
RIO O2     O  N N 156 
RIO C3     C  N S 157 
RIO O3     O  N N 158 
RIO C4     C  N R 159 
RIO C5     C  N S 160 
RIO O4     O  N N 161 
RIO C6     C  N R 162 
RIO N1     N  N N 163 
RIO C7     C  N N 164 
RIO C8     C  N S 165 
RIO N2     N  N N 166 
RIO C9     C  N R 167 
RIO O5     O  N N 168 
RIO C10    C  N R 169 
RIO O6     O  N N 170 
RIO C11    C  N R 171 
RIO C12    C  N N 172 
RIO N3     N  N N 173 
RIO C13    C  N S 174 
RIO O7     O  N N 175 
RIO C14    C  N R 176 
RIO O8     O  N N 177 
RIO C15    C  N R 178 
RIO N4     N  N N 179 
RIO C16    C  N R 180 
RIO O9     O  N N 181 
RIO C17    C  N S 182 
RIO O10    O  N N 183 
RIO HO1    H  N N 184 
RIO H1     H  N N 185 
RIO H1A    H  N N 186 
RIO H2     H  N N 187 
RIO H3     H  N N 188 
RIO H4     H  N N 189 
RIO H5     H  N N 190 
RIO HO4    H  N N 191 
RIO H6     H  N N 192 
RIO HN1    H  N N 193 
RIO HN1A   H  N N 194 
RIO H7     H  N N 195 
RIO H7A    H  N N 196 
RIO H8     H  N N 197 
RIO HN2    H  N N 198 
RIO HN2A   H  N N 199 
RIO H9     H  N N 200 
RIO H10    H  N N 201 
RIO H11    H  N N 202 
RIO H12    H  N N 203 
RIO H12A   H  N N 204 
RIO HN3    H  N N 205 
RIO HN3A   H  N N 206 
RIO H13    H  N N 207 
RIO HO7    H  N N 208 
RIO H14    H  N N 209 
RIO HO8    H  N N 210 
RIO H15    H  N N 211 
RIO HN4    H  N N 212 
RIO HN4A   H  N N 213 
RIO H16    H  N N 214 
RIO HO9    H  N N 215 
RIO H17    H  N N 216 
RIO HO10   H  N N 217 
U   OP3    O  N N 218 
U   P      P  N N 219 
U   OP1    O  N N 220 
U   OP2    O  N N 221 
U   "O5'"  O  N N 222 
U   "C5'"  C  N N 223 
U   "C4'"  C  N R 224 
U   "O4'"  O  N N 225 
U   "C3'"  C  N S 226 
U   "O3'"  O  N N 227 
U   "C2'"  C  N R 228 
U   "O2'"  O  N N 229 
U   "C1'"  C  N R 230 
U   N1     N  N N 231 
U   C2     C  N N 232 
U   O2     O  N N 233 
U   N3     N  N N 234 
U   C4     C  N N 235 
U   O4     O  N N 236 
U   C5     C  N N 237 
U   C6     C  N N 238 
U   HOP3   H  N N 239 
U   HOP2   H  N N 240 
U   "H5'"  H  N N 241 
U   "H5''" H  N N 242 
U   "H4'"  H  N N 243 
U   "H3'"  H  N N 244 
U   "HO3'" H  N N 245 
U   "H2'"  H  N N 246 
U   "HO2'" H  N N 247 
U   "H1'"  H  N N 248 
U   H3     H  N N 249 
U   H5     H  N N 250 
U   H6     H  N N 251 
# 
loop_
_chem_comp_bond.comp_id 
_chem_comp_bond.atom_id_1 
_chem_comp_bond.atom_id_2 
_chem_comp_bond.value_order 
_chem_comp_bond.pdbx_aromatic_flag 
_chem_comp_bond.pdbx_stereo_config 
_chem_comp_bond.pdbx_ordinal 
A   OP3   P      sing N N 1   
A   OP3   HOP3   sing N N 2   
A   P     OP1    doub N N 3   
A   P     OP2    sing N N 4   
A   P     "O5'"  sing N N 5   
A   OP2   HOP2   sing N N 6   
A   "O5'" "C5'"  sing N N 7   
A   "C5'" "C4'"  sing N N 8   
A   "C5'" "H5'"  sing N N 9   
A   "C5'" "H5''" sing N N 10  
A   "C4'" "O4'"  sing N N 11  
A   "C4'" "C3'"  sing N N 12  
A   "C4'" "H4'"  sing N N 13  
A   "O4'" "C1'"  sing N N 14  
A   "C3'" "O3'"  sing N N 15  
A   "C3'" "C2'"  sing N N 16  
A   "C3'" "H3'"  sing N N 17  
A   "O3'" "HO3'" sing N N 18  
A   "C2'" "O2'"  sing N N 19  
A   "C2'" "C1'"  sing N N 20  
A   "C2'" "H2'"  sing N N 21  
A   "O2'" "HO2'" sing N N 22  
A   "C1'" N9     sing N N 23  
A   "C1'" "H1'"  sing N N 24  
A   N9    C8     sing Y N 25  
A   N9    C4     sing Y N 26  
A   C8    N7     doub Y N 27  
A   C8    H8     sing N N 28  
A   N7    C5     sing Y N 29  
A   C5    C6     sing Y N 30  
A   C5    C4     doub Y N 31  
A   C6    N6     sing N N 32  
A   C6    N1     doub Y N 33  
A   N6    H61    sing N N 34  
A   N6    H62    sing N N 35  
A   N1    C2     sing Y N 36  
A   C2    N3     doub Y N 37  
A   C2    H2     sing N N 38  
A   N3    C4     sing Y N 39  
C   OP3   P      sing N N 40  
C   OP3   HOP3   sing N N 41  
C   P     OP1    doub N N 42  
C   P     OP2    sing N N 43  
C   P     "O5'"  sing N N 44  
C   OP2   HOP2   sing N N 45  
C   "O5'" "C5'"  sing N N 46  
C   "C5'" "C4'"  sing N N 47  
C   "C5'" "H5'"  sing N N 48  
C   "C5'" "H5''" sing N N 49  
C   "C4'" "O4'"  sing N N 50  
C   "C4'" "C3'"  sing N N 51  
C   "C4'" "H4'"  sing N N 52  
C   "O4'" "C1'"  sing N N 53  
C   "C3'" "O3'"  sing N N 54  
C   "C3'" "C2'"  sing N N 55  
C   "C3'" "H3'"  sing N N 56  
C   "O3'" "HO3'" sing N N 57  
C   "C2'" "O2'"  sing N N 58  
C   "C2'" "C1'"  sing N N 59  
C   "C2'" "H2'"  sing N N 60  
C   "O2'" "HO2'" sing N N 61  
C   "C1'" N1     sing N N 62  
C   "C1'" "H1'"  sing N N 63  
C   N1    C2     sing N N 64  
C   N1    C6     sing N N 65  
C   C2    O2     doub N N 66  
C   C2    N3     sing N N 67  
C   N3    C4     doub N N 68  
C   C4    N4     sing N N 69  
C   C4    C5     sing N N 70  
C   N4    H41    sing N N 71  
C   N4    H42    sing N N 72  
C   C5    C6     doub N N 73  
C   C5    H5     sing N N 74  
C   C6    H6     sing N N 75  
G   OP3   P      sing N N 76  
G   OP3   HOP3   sing N N 77  
G   P     OP1    doub N N 78  
G   P     OP2    sing N N 79  
G   P     "O5'"  sing N N 80  
G   OP2   HOP2   sing N N 81  
G   "O5'" "C5'"  sing N N 82  
G   "C5'" "C4'"  sing N N 83  
G   "C5'" "H5'"  sing N N 84  
G   "C5'" "H5''" sing N N 85  
G   "C4'" "O4'"  sing N N 86  
G   "C4'" "C3'"  sing N N 87  
G   "C4'" "H4'"  sing N N 88  
G   "O4'" "C1'"  sing N N 89  
G   "C3'" "O3'"  sing N N 90  
G   "C3'" "C2'"  sing N N 91  
G   "C3'" "H3'"  sing N N 92  
G   "O3'" "HO3'" sing N N 93  
G   "C2'" "O2'"  sing N N 94  
G   "C2'" "C1'"  sing N N 95  
G   "C2'" "H2'"  sing N N 96  
G   "O2'" "HO2'" sing N N 97  
G   "C1'" N9     sing N N 98  
G   "C1'" "H1'"  sing N N 99  
G   N9    C8     sing Y N 100 
G   N9    C4     sing Y N 101 
G   C8    N7     doub Y N 102 
G   C8    H8     sing N N 103 
G   N7    C5     sing Y N 104 
G   C5    C6     sing N N 105 
G   C5    C4     doub Y N 106 
G   C6    O6     doub N N 107 
G   C6    N1     sing N N 108 
G   N1    C2     sing N N 109 
G   N1    H1     sing N N 110 
G   C2    N2     sing N N 111 
G   C2    N3     doub N N 112 
G   N2    H21    sing N N 113 
G   N2    H22    sing N N 114 
G   N3    C4     sing N N 115 
HOH O     H1     sing N N 116 
HOH O     H2     sing N N 117 
OMU N1    C2     sing N N 118 
OMU N1    C6     sing N N 119 
OMU N1    "C1'"  sing N N 120 
OMU C2    N3     sing N N 121 
OMU C2    O2     doub N N 122 
OMU N3    C4     sing N N 123 
OMU N3    HN3    sing N N 124 
OMU C4    C5     sing N N 125 
OMU C4    O4     doub N N 126 
OMU C5    C6     doub N N 127 
OMU C5    H5     sing N N 128 
OMU C6    H6     sing N N 129 
OMU "C1'" "C2'"  sing N N 130 
OMU "C1'" "O4'"  sing N N 131 
OMU "C1'" "H1'"  sing N N 132 
OMU "C2'" "O2'"  sing N N 133 
OMU "C2'" "C3'"  sing N N 134 
OMU "C2'" "H2'"  sing N N 135 
OMU "O2'" CM2    sing N N 136 
OMU CM2   HM21   sing N N 137 
OMU CM2   HM22   sing N N 138 
OMU CM2   HM23   sing N N 139 
OMU "C3'" "C4'"  sing N N 140 
OMU "C3'" "O3'"  sing N N 141 
OMU "C3'" "H3'"  sing N N 142 
OMU "C4'" "O4'"  sing N N 143 
OMU "C4'" "C5'"  sing N N 144 
OMU "C4'" "H4'"  sing N N 145 
OMU "O3'" "HO3'" sing N N 146 
OMU "C5'" "O5'"  sing N N 147 
OMU "C5'" "H5'"  sing N N 148 
OMU "C5'" "H5''" sing N N 149 
OMU "O5'" P      sing N N 150 
OMU P     OP1    doub N N 151 
OMU P     OP2    sing N N 152 
OMU P     OP3    sing N N 153 
OMU OP2   HOP2   sing N N 154 
OMU OP3   HOP3   sing N N 155 
RIO O1    C1     sing N N 156 
RIO C1    C2     sing N N 157 
RIO C2    O2     sing N N 158 
RIO C2    C17    sing N N 159 
RIO O2    C3     sing N N 160 
RIO C3    O3     sing N N 161 
RIO C3    C16    sing N N 162 
RIO O3    C4     sing N N 163 
RIO C4    C5     sing N N 164 
RIO C4    C9     sing N N 165 
RIO C5    O4     sing N N 166 
RIO C5    C6     sing N N 167 
RIO C6    N1     sing N N 168 
RIO C6    C7     sing N N 169 
RIO C7    C8     sing N N 170 
RIO C8    N2     sing N N 171 
RIO C8    C9     sing N N 172 
RIO C9    O5     sing N N 173 
RIO O5    C10    sing N N 174 
RIO C10   O6     sing N N 175 
RIO C10   C15    sing N N 176 
RIO O6    C11    sing N N 177 
RIO C11   C12    sing N N 178 
RIO C11   C13    sing N N 179 
RIO C12   N3     sing N N 180 
RIO C13   O7     sing N N 181 
RIO C13   C14    sing N N 182 
RIO C14   O8     sing N N 183 
RIO C14   C15    sing N N 184 
RIO C15   N4     sing N N 185 
RIO C16   O9     sing N N 186 
RIO C16   C17    sing N N 187 
RIO C17   O10    sing N N 188 
RIO O1    HO1    sing N N 189 
RIO C1    H1     sing N N 190 
RIO C1    H1A    sing N N 191 
RIO C2    H2     sing N N 192 
RIO C3    H3     sing N N 193 
RIO C4    H4     sing N N 194 
RIO C5    H5     sing N N 195 
RIO O4    HO4    sing N N 196 
RIO C6    H6     sing N N 197 
RIO N1    HN1    sing N N 198 
RIO N1    HN1A   sing N N 199 
RIO C7    H7     sing N N 200 
RIO C7    H7A    sing N N 201 
RIO C8    H8     sing N N 202 
RIO N2    HN2    sing N N 203 
RIO N2    HN2A   sing N N 204 
RIO C9    H9     sing N N 205 
RIO C10   H10    sing N N 206 
RIO C11   H11    sing N N 207 
RIO C12   H12    sing N N 208 
RIO C12   H12A   sing N N 209 
RIO N3    HN3    sing N N 210 
RIO N3    HN3A   sing N N 211 
RIO C13   H13    sing N N 212 
RIO O7    HO7    sing N N 213 
RIO C14   H14    sing N N 214 
RIO O8    HO8    sing N N 215 
RIO C15   H15    sing N N 216 
RIO N4    HN4    sing N N 217 
RIO N4    HN4A   sing N N 218 
RIO C16   H16    sing N N 219 
RIO O9    HO9    sing N N 220 
RIO C17   H17    sing N N 221 
RIO O10   HO10   sing N N 222 
U   OP3   P      sing N N 223 
U   OP3   HOP3   sing N N 224 
U   P     OP1    doub N N 225 
U   P     OP2    sing N N 226 
U   P     "O5'"  sing N N 227 
U   OP2   HOP2   sing N N 228 
U   "O5'" "C5'"  sing N N 229 
U   "C5'" "C4'"  sing N N 230 
U   "C5'" "H5'"  sing N N 231 
U   "C5'" "H5''" sing N N 232 
U   "C4'" "O4'"  sing N N 233 
U   "C4'" "C3'"  sing N N 234 
U   "C4'" "H4'"  sing N N 235 
U   "O4'" "C1'"  sing N N 236 
U   "C3'" "O3'"  sing N N 237 
U   "C3'" "C2'"  sing N N 238 
U   "C3'" "H3'"  sing N N 239 
U   "O3'" "HO3'" sing N N 240 
U   "C2'" "O2'"  sing N N 241 
U   "C2'" "C1'"  sing N N 242 
U   "C2'" "H2'"  sing N N 243 
U   "O2'" "HO2'" sing N N 244 
U   "C1'" N1     sing N N 245 
U   "C1'" "H1'"  sing N N 246 
U   N1    C2     sing N N 247 
U   N1    C6     sing N N 248 
U   C2    O2     doub N N 249 
U   C2    N3     sing N N 250 
U   N3    C4     sing N N 251 
U   N3    H3     sing N N 252 
U   C4    O4     doub N N 253 
U   C4    C5     sing N N 254 
U   C5    C6     doub N N 255 
U   C5    H5     sing N N 256 
U   C6    H6     sing N N 257 
# 
loop_
_ndb_struct_conf_na.entry_id 
_ndb_struct_conf_na.feature 
3DVV 'double helix'        
3DVV 'a-form double helix' 
3DVV 'internal loop'       
# 
loop_
_ndb_struct_na_base_pair.model_number 
_ndb_struct_na_base_pair.i_label_asym_id 
_ndb_struct_na_base_pair.i_label_comp_id 
_ndb_struct_na_base_pair.i_label_seq_id 
_ndb_struct_na_base_pair.i_symmetry 
_ndb_struct_na_base_pair.j_label_asym_id 
_ndb_struct_na_base_pair.j_label_comp_id 
_ndb_struct_na_base_pair.j_label_seq_id 
_ndb_struct_na_base_pair.j_symmetry 
_ndb_struct_na_base_pair.shear 
_ndb_struct_na_base_pair.stretch 
_ndb_struct_na_base_pair.stagger 
_ndb_struct_na_base_pair.buckle 
_ndb_struct_na_base_pair.propeller 
_ndb_struct_na_base_pair.opening 
_ndb_struct_na_base_pair.pair_number 
_ndb_struct_na_base_pair.pair_name 
_ndb_struct_na_base_pair.i_auth_asym_id 
_ndb_struct_na_base_pair.i_auth_seq_id 
_ndb_struct_na_base_pair.i_PDB_ins_code 
_ndb_struct_na_base_pair.j_auth_asym_id 
_ndb_struct_na_base_pair.j_auth_seq_id 
_ndb_struct_na_base_pair.j_PDB_ins_code 
_ndb_struct_na_base_pair.hbond_type_28 
_ndb_struct_na_base_pair.hbond_type_12 
1 A C   1  1_555 B G   23 1_555 0.351  -0.265 0.157  5.084   -20.194 1.426  1  A_C1:G23_B   A 1  ? B 23 ? 19 1 
1 A U   2  1_555 B A   22 1_555 0.102  -0.143 -0.150 2.279   -14.836 2.459  2  A_U2:A22_B   A 2  ? B 22 ? 20 1 
1 A OMU 3  1_555 B A   21 1_555 0.092  -0.075 0.140  -2.076  -11.554 -0.058 3  A_OMU3:A21_B A 3  ? B 21 ? 20 1 
1 A G   4  1_555 B C   20 1_555 -0.031 -0.218 0.175  0.690   -16.672 -0.155 4  A_G4:C20_B   A 4  ? B 20 ? 19 1 
1 A C   5  1_555 B G   19 1_555 0.451  -0.056 0.089  1.928   -16.066 3.196  5  A_C5:G19_B   A 5  ? B 19 ? 19 1 
1 A U   6  1_555 B A   18 1_555 -0.091 -0.154 0.264  7.263   -14.739 2.577  6  A_U6:A18_B   A 6  ? B 18 ? 20 1 
1 A G   7  1_555 B C   17 1_555 -0.395 -0.103 0.066  -10.650 -23.797 1.448  7  A_G7:C17_B   A 7  ? B 17 ? 19 1 
1 A G   10 1_555 B C   15 1_555 -0.392 -0.235 -0.115 -2.028  -0.718  1.705  8  A_G10:C15_B  A 10 ? B 15 ? 19 1 
1 A U   11 1_555 B A   14 1_555 -0.239 -0.361 0.117  -1.787  -5.670  0.177  9  A_U11:A14_B  A 11 ? B 14 ? 20 1 
1 A G   12 1_555 B C   13 1_555 -0.241 -0.186 0.197  0.702   -8.786  3.429  10 A_G12:C13_B  A 12 ? B 13 ? 19 1 
1 A C   13 1_555 B G   12 1_555 0.197  -0.130 0.042  4.770   -14.772 5.867  11 A_C13:G12_B  A 13 ? B 12 ? 19 1 
1 A A   14 1_555 B U   11 1_555 0.194  -0.171 0.101  -1.839  -4.593  -1.687 12 A_A14:U11_B  A 14 ? B 11 ? 20 1 
1 A C   15 1_555 B G   10 1_555 0.483  -0.263 0.151  0.367   -2.192  0.018  13 A_C15:G10_B  A 15 ? B 10 ? 19 1 
1 A C   17 1_555 B G   7  1_555 0.259  -0.223 -0.113 6.979   -21.979 1.538  14 A_C17:G7_B   A 17 ? B 7  ? 19 1 
1 A A   18 1_555 B U   6  1_555 0.079  -0.176 0.220  3.293   -13.505 4.295  15 A_A18:U6_B   A 18 ? B 6  ? 20 1 
1 A G   19 1_555 B C   5  1_555 -0.205 -0.228 -0.093 -0.972  -13.557 1.618  16 A_G19:C5_B   A 19 ? B 5  ? 19 1 
1 A C   20 1_555 B G   4  1_555 0.090  -0.181 -0.014 6.350   -19.010 0.226  17 A_C20:G4_B   A 20 ? B 4  ? 19 1 
1 A A   21 1_555 B OMU 3  1_555 0.260  -0.106 -0.014 -1.597  -10.922 -0.535 18 A_A21:OMU3_B A 21 ? B 3  ? 20 1 
1 A A   22 1_555 B U   2  1_555 0.559  -0.205 0.048  -5.629  -17.195 2.865  19 A_A22:U2_B   A 22 ? B 2  ? 20 1 
1 A G   23 1_555 B C   1  1_555 -0.283 -0.126 -0.133 -4.822  -20.677 2.749  20 A_G23:C1_B   A 23 ? B 1  ? 19 1 
# 
loop_
_ndb_struct_na_base_pair_step.model_number 
_ndb_struct_na_base_pair_step.i_label_asym_id_1 
_ndb_struct_na_base_pair_step.i_label_comp_id_1 
_ndb_struct_na_base_pair_step.i_label_seq_id_1 
_ndb_struct_na_base_pair_step.i_symmetry_1 
_ndb_struct_na_base_pair_step.j_label_asym_id_1 
_ndb_struct_na_base_pair_step.j_label_comp_id_1 
_ndb_struct_na_base_pair_step.j_label_seq_id_1 
_ndb_struct_na_base_pair_step.j_symmetry_1 
_ndb_struct_na_base_pair_step.i_label_asym_id_2 
_ndb_struct_na_base_pair_step.i_label_comp_id_2 
_ndb_struct_na_base_pair_step.i_label_seq_id_2 
_ndb_struct_na_base_pair_step.i_symmetry_2 
_ndb_struct_na_base_pair_step.j_label_asym_id_2 
_ndb_struct_na_base_pair_step.j_label_comp_id_2 
_ndb_struct_na_base_pair_step.j_label_seq_id_2 
_ndb_struct_na_base_pair_step.j_symmetry_2 
_ndb_struct_na_base_pair_step.shift 
_ndb_struct_na_base_pair_step.slide 
_ndb_struct_na_base_pair_step.rise 
_ndb_struct_na_base_pair_step.tilt 
_ndb_struct_na_base_pair_step.roll 
_ndb_struct_na_base_pair_step.twist 
_ndb_struct_na_base_pair_step.x_displacement 
_ndb_struct_na_base_pair_step.y_displacement 
_ndb_struct_na_base_pair_step.helical_rise 
_ndb_struct_na_base_pair_step.inclination 
_ndb_struct_na_base_pair_step.tip 
_ndb_struct_na_base_pair_step.helical_twist 
_ndb_struct_na_base_pair_step.step_number 
_ndb_struct_na_base_pair_step.step_name 
_ndb_struct_na_base_pair_step.i_auth_asym_id_1 
_ndb_struct_na_base_pair_step.i_auth_seq_id_1 
_ndb_struct_na_base_pair_step.i_PDB_ins_code_1 
_ndb_struct_na_base_pair_step.j_auth_asym_id_1 
_ndb_struct_na_base_pair_step.j_auth_seq_id_1 
_ndb_struct_na_base_pair_step.j_PDB_ins_code_1 
_ndb_struct_na_base_pair_step.i_auth_asym_id_2 
_ndb_struct_na_base_pair_step.i_auth_seq_id_2 
_ndb_struct_na_base_pair_step.i_PDB_ins_code_2 
_ndb_struct_na_base_pair_step.j_auth_asym_id_2 
_ndb_struct_na_base_pair_step.j_auth_seq_id_2 
_ndb_struct_na_base_pair_step.j_PDB_ins_code_2 
1 A C   1  1_555 B G   23 1_555 A U   2  1_555 B A   22 1_555 -1.056 -1.578 3.324 -3.184 9.219  31.124 -4.363 1.348  2.844 16.675 
5.758  32.580 1  AA_C1U2:A22G23_BB   A 1  ? B 23 ? A 2  ? B 22 ? 
1 A U   2  1_555 B A   22 1_555 A OMU 3  1_555 B A   21 1_555 -0.266 -1.167 3.384 -3.854 8.537  33.253 -3.286 -0.147 3.013 14.561 
6.573  34.511 2  AA_U2OMU3:A21A22_BB A 2  ? B 22 ? A 3  ? B 21 ? 
1 A OMU 3  1_555 B A   21 1_555 A G   4  1_555 B C   20 1_555 0.228  -1.497 2.926 2.235  16.639 31.298 -4.396 -0.115 1.923 28.425 
-3.818 35.417 3  AA_OMU3G4:C20A21_BB A 3  ? B 21 ? A 4  ? B 20 ? 
1 A G   4  1_555 B C   20 1_555 A C   5  1_555 B G   19 1_555 0.545  -1.349 3.267 1.908  4.413  33.978 -2.964 -0.631 3.097 7.505  
-3.245 34.307 4  AA_G4C5:G19C20_BB   A 4  ? B 20 ? A 5  ? B 19 ? 
1 A C   5  1_555 B G   19 1_555 A U   6  1_555 B A   18 1_555 -0.054 -1.933 3.130 -1.526 4.790  26.031 -5.362 -0.248 2.735 10.509 
3.347  26.503 5  AA_C5U6:A18G19_BB   A 5  ? B 19 ? A 6  ? B 18 ? 
1 A U   6  1_555 B A   18 1_555 A G   7  1_555 B C   17 1_555 -0.121 -1.555 3.440 1.602  14.762 32.685 -4.558 0.417  2.519 24.705 
-2.681 35.816 6  AA_U6G7:C17A18_BB   A 6  ? B 18 ? A 7  ? B 17 ? 
1 A G   7  1_555 B C   17 1_555 A G   10 1_555 B C   15 1_555 -1.287 -3.922 6.130 10.298 21.593 80.653 -3.850 1.398  4.984 16.361 
-7.803 83.542 7  AA_G7G10:C15C17_BB  A 7  ? B 17 ? A 10 ? B 15 ? 
1 A G   10 1_555 B C   15 1_555 A U   11 1_555 B A   14 1_555 -0.408 -2.660 3.263 -1.587 1.244  34.257 -4.701 0.446  3.183 2.110  
2.692  34.315 8  AA_G10U11:A14C15_BB A 10 ? B 15 ? A 11 ? B 14 ? 
1 A U   11 1_555 B A   14 1_555 A G   12 1_555 B C   13 1_555 -0.521 -1.813 3.066 -0.113 10.042 26.455 -5.671 1.045  2.243 21.005 
0.237  28.266 9  AA_U11G12:C13A14_BB A 11 ? B 14 ? A 12 ? B 13 ? 
1 A G   12 1_555 B C   13 1_555 A C   13 1_555 B G   12 1_555 0.780  -1.216 3.146 2.795  8.736  35.193 -3.082 -0.889 2.826 14.153 
-4.528 36.332 10 AA_G12C13:G12C13_BB A 12 ? B 13 ? A 13 ? B 12 ? 
1 A C   13 1_555 B G   12 1_555 A A   14 1_555 B U   11 1_555 0.039  -1.568 3.282 0.325  11.955 31.320 -4.537 -0.019 2.531 21.201 
-0.577 33.472 11 AA_C13A14:U11G12_BB A 13 ? B 12 ? A 14 ? B 11 ? 
1 A A   14 1_555 B U   11 1_555 A C   15 1_555 B G   10 1_555 0.806  -2.764 3.051 1.666  4.474  29.504 -6.175 -1.260 2.653 8.714  
-3.244 29.879 12 AA_A14C15:G10U11_BB A 14 ? B 11 ? A 15 ? B 10 ? 
1 A C   15 1_555 B G   10 1_555 A C   17 1_555 B G   7  1_555 1.613  -4.013 6.027 -2.880 18.678 78.133 -3.974 -1.386 5.072 14.621 
2.254  80.029 13 AA_C15C17:G7G10_BB  A 15 ? B 10 ? A 17 ? B 7  ? 
1 A C   17 1_555 B G   7  1_555 A A   18 1_555 B U   6  1_555 0.151  -1.710 3.154 -1.920 14.456 33.167 -4.512 -0.477 2.229 23.936 
3.179  36.149 14 AA_C17A18:U6G7_BB   A 17 ? B 7  ? A 18 ? B 6  ? 
1 A A   18 1_555 B U   6  1_555 A G   19 1_555 B C   5  1_555 -0.765 -1.581 3.368 -0.293 9.841  27.433 -5.191 1.461  2.661 19.955 
0.594  29.114 15 AA_A18G19:C5U6_BB   A 18 ? B 6  ? A 19 ? B 5  ? 
1 A G   19 1_555 B C   5  1_555 A C   20 1_555 B G   4  1_555 0.186  -1.194 2.976 -0.089 4.735  34.574 -2.628 -0.323 2.792 7.921  
0.149  34.887 16 AA_G19C20:G4C5_BB   A 19 ? B 5  ? A 20 ? B 4  ? 
1 A C   20 1_555 B G   4  1_555 A A   21 1_555 B OMU 3  1_555 -0.322 -1.600 3.295 -0.837 15.034 32.009 -4.659 0.418  2.341 25.572 
1.424  35.289 17 AA_C20A21:OMU3G4_BB A 20 ? B 4  ? A 21 ? B 3  ? 
1 A A   21 1_555 B OMU 3  1_555 A A   22 1_555 B U   2  1_555 0.068  -1.313 3.300 1.830  11.314 34.948 -3.553 0.129  2.757 18.243 
-2.950 36.723 18 AA_A21A22:U2OMU3_BB A 21 ? B 3  ? A 22 ? B 2  ? 
1 A A   22 1_555 B U   2  1_555 A G   23 1_555 B C   1  1_555 0.680  -1.736 3.102 4.699  14.066 27.086 -5.580 -0.507 2.059 27.566 
-9.210 30.814 19 AA_A22G23:C1U2_BB   A 22 ? B 2  ? A 23 ? B 1  ? 
# 
loop_
_pdbx_entity_nonpoly.entity_id 
_pdbx_entity_nonpoly.name 
_pdbx_entity_nonpoly.comp_id 
2 'POTASSIUM ION' K   
3 'CHLORIDE ION'  CL  
4 RIBOSTAMYCIN    RIO 
5 water           HOH 
# 
_pdbx_initial_refinement_model.id               1 
_pdbx_initial_refinement_model.entity_id_list   ? 
_pdbx_initial_refinement_model.type             'experimental model' 
_pdbx_initial_refinement_model.source_name      PDB 
_pdbx_initial_refinement_model.accession_code   3C3Z 
_pdbx_initial_refinement_model.details          'PDB ID 3C3Z' 
# 
